data_4O1Q
#
_entry.id   4O1Q
#
_cell.length_a   55.530
_cell.length_b   83.520
_cell.length_c   107.780
_cell.angle_alpha   109.94
_cell.angle_beta   91.54
_cell.angle_gamma   105.78
#
_symmetry.space_group_name_H-M   'P 1'
#
loop_
_entity.id
_entity.type
_entity.pdbx_description
1 polymer 'Methylamine utilization protein MauG'
2 polymer 'Methylamine dehydrogenase light chain'
3 polymer 'Methylamine dehydrogenase heavy chain'
4 non-polymer 'CALCIUM ION'
5 non-polymer 'HEME C'
6 non-polymer 1,2-ETHANEDIOL
7 non-polymer 'PHOSPHATE ION'
8 non-polymer 'TRIETHYLENE GLYCOL'
9 non-polymer '2-(N-MORPHOLINO)-ETHANESULFONIC ACID'
10 non-polymer 'SODIUM ION'
11 water water
#
loop_
_entity_poly.entity_id
_entity_poly.type
_entity_poly.pdbx_seq_one_letter_code
_entity_poly.pdbx_strand_id
1 'polypeptide(L)'
;HHHHHHEQARPADDALAALGAQLFVDPALSRNATQSCATCHDPARAFTDPREGKAGLAVSVGDDGQSHGDRNTPTLGYAA
LVPAFHRDANGKYKGGQFWDGRADDLKQNAGQPMLNPVEMAMPDRAAVAARLRDDPAYRTGFEALFGKGVLDDPERAFDA
AAEALAAYQATGEFSPFDSKYDRVMRGEEKFTPLEEFGYTVFITWNCRLCHMQRKQGVAERETFTNFEYHNIGLPVNETA
REASGLGADHVDHGLLARPGIEDPAQSGRFKVPSLRNVAVTGPYMHNGVFTDLRTAILFYNKYTSRRPEAKINPETGAPW
GEPEVARNLSLAELQSGLMLDDGRVDALVAFLETLTDRRYEPLLEESRAAQKD
;
A,B
2 'polypeptide(L)'
;HHHHHHADAPAGTDPRAKWVPQDNDIQACDYWRHCSIDGNICDCSGGSLTNCPPGTKLATAS(0AF)VASCYNPTDGQSY
LIAYRDCCGYNVSGRCPCLNTEGELPVYRPEFANDIIWCFGAEDDAMTYHCTISPIVGKAS
;
C,E
3 'polypeptide(L)'
;DAPEAETQAQETQGQAAARAAAADLAAGQDDEPRILEAPAPDARRVYVNDPAHFAAVTQQFVIDGEAGRVIGMIDGGFLP
NPVVADDGSFIAHASTVFSRIARGERTDYVEVFDPVTLLPTADIELPDAPRFLVGTYPWMTSLTPDGKTLLFYQFSPAPA
VGVVDLEGKAFKRMLDVPDCYHIFPTAPDTFFMHCRDGSLAKVAFGTEGTPEITHTEVFHPEDEFLINHPAYSQKAGRLV
WPTYTGKIHQIDLSSGDAKFLPAVEALTEAERADGWRPGGWQQVAYHRALDRIYLLVDQRDEWRHKTASRFVVVLDAKTG
ERLAKFEMGHEIDSINVSQDEKPLLYALSTGDKTLYIHDAESGEELRSVNQLGHGPQVITTADMG
;
D,F
#
loop_
_chem_comp.id
_chem_comp.type
_chem_comp.name
_chem_comp.formula
CA non-polymer 'CALCIUM ION' 'Ca 2'
EDO non-polymer 1,2-ETHANEDIOL 'C2 H6 O2'
HEC non-polymer 'HEME C' 'C34 H34 Fe N4 O4'
MES non-polymer '2-(N-MORPHOLINO)-ETHANESULFONIC ACID' 'C6 H13 N O4 S'
NA non-polymer 'SODIUM ION' 'Na 1'
PGE non-polymer 'TRIETHYLENE GLYCOL' 'C6 H14 O4'
PO4 non-polymer 'PHOSPHATE ION' 'O4 P -3'
#
# COMPACT_ATOMS: atom_id res chain seq x y z
N ALA A 12 -64.08 23.67 -20.62
CA ALA A 12 -63.55 23.07 -21.89
C ALA A 12 -62.95 21.69 -21.64
N ASP A 13 -61.87 21.64 -20.85
CA ASP A 13 -61.10 20.39 -20.62
C ASP A 13 -61.89 19.26 -19.94
N ASP A 14 -62.99 19.59 -19.27
CA ASP A 14 -63.90 18.58 -18.73
C ASP A 14 -64.67 17.93 -19.88
N ALA A 15 -65.32 18.75 -20.70
CA ALA A 15 -66.09 18.26 -21.84
C ALA A 15 -65.22 17.77 -23.00
N LEU A 16 -64.03 18.37 -23.15
CA LEU A 16 -63.07 17.95 -24.17
C LEU A 16 -62.72 16.48 -24.05
N ALA A 17 -62.55 16.02 -22.81
CA ALA A 17 -62.25 14.63 -22.51
C ALA A 17 -63.43 13.72 -22.86
N ALA A 18 -64.65 14.22 -22.62
CA ALA A 18 -65.88 13.48 -22.96
C ALA A 18 -66.00 13.22 -24.45
N LEU A 19 -65.59 14.19 -25.26
CA LEU A 19 -65.55 14.03 -26.71
C LEU A 19 -64.44 13.05 -27.12
N GLY A 20 -63.32 13.08 -26.41
CA GLY A 20 -62.25 12.11 -26.61
C GLY A 20 -62.69 10.71 -26.24
N ALA A 21 -63.56 10.61 -25.23
CA ALA A 21 -64.11 9.32 -24.80
C ALA A 21 -65.05 8.72 -25.86
N GLN A 22 -65.82 9.57 -26.52
CA GLN A 22 -66.68 9.16 -27.63
C GLN A 22 -65.83 8.56 -28.75
N LEU A 23 -64.78 9.29 -29.13
CA LEU A 23 -63.93 8.95 -30.26
C LEU A 23 -63.05 7.73 -30.01
N PHE A 24 -62.66 7.54 -28.75
CA PHE A 24 -61.79 6.45 -28.36
C PHE A 24 -62.40 5.09 -28.69
N VAL A 25 -63.71 4.97 -28.45
CA VAL A 25 -64.44 3.74 -28.70
C VAL A 25 -65.18 3.73 -30.04
N ASP A 26 -64.96 4.75 -30.87
CA ASP A 26 -65.65 4.85 -32.17
C ASP A 26 -64.85 4.16 -33.28
N PRO A 27 -65.37 3.05 -33.82
CA PRO A 27 -64.68 2.33 -34.88
C PRO A 27 -64.84 2.98 -36.25
N ALA A 28 -65.72 3.98 -36.36
CA ALA A 28 -65.87 4.74 -37.58
C ALA A 28 -64.68 5.67 -37.86
N LEU A 29 -63.59 5.55 -37.08
CA LEU A 29 -62.33 6.22 -37.41
C LEU A 29 -61.38 5.28 -38.15
N SER A 30 -61.91 4.14 -38.62
CA SER A 30 -61.14 3.15 -39.36
C SER A 30 -61.83 2.83 -40.68
N ARG A 31 -61.03 2.57 -41.73
CA ARG A 31 -61.54 2.45 -43.11
C ARG A 31 -62.81 1.60 -43.22
N ASN A 32 -62.73 0.36 -42.76
CA ASN A 32 -63.86 -0.57 -42.84
C ASN A 32 -64.80 -0.46 -41.63
N ALA A 33 -64.58 0.54 -40.80
CA ALA A 33 -65.35 0.78 -39.58
C ALA A 33 -65.23 -0.37 -38.58
N THR A 34 -64.13 -1.12 -38.65
CA THR A 34 -63.99 -2.36 -37.86
C THR A 34 -63.33 -2.17 -36.50
N GLN A 35 -62.48 -1.15 -36.36
CA GLN A 35 -61.71 -0.98 -35.12
C GLN A 35 -61.58 0.48 -34.65
N SER A 36 -61.57 0.64 -33.33
CA SER A 36 -61.43 1.92 -32.64
C SER A 36 -60.12 1.88 -31.86
N CYS A 37 -59.82 2.95 -31.12
CA CYS A 37 -58.67 2.92 -30.19
C CYS A 37 -58.84 1.76 -29.20
N ALA A 38 -60.08 1.62 -28.70
CA ALA A 38 -60.42 0.58 -27.72
C ALA A 38 -60.15 -0.84 -28.22
N THR A 39 -60.11 -1.02 -29.54
CA THR A 39 -59.79 -2.32 -30.13
C THR A 39 -58.39 -2.77 -29.74
N CYS A 40 -57.41 -1.94 -30.05
CA CYS A 40 -56.00 -2.25 -29.77
C CYS A 40 -55.62 -1.81 -28.36
N HIS A 41 -56.33 -0.81 -27.82
CA HIS A 41 -56.08 -0.34 -26.46
C HIS A 41 -57.32 -0.57 -25.60
N ASP A 42 -57.58 -1.84 -25.30
CA ASP A 42 -58.82 -2.24 -24.64
C ASP A 42 -58.82 -1.80 -23.18
N PRO A 43 -59.79 -0.95 -22.80
CA PRO A 43 -59.92 -0.50 -21.41
C PRO A 43 -59.91 -1.65 -20.41
N ALA A 44 -60.56 -2.75 -20.75
CA ALA A 44 -60.57 -3.94 -19.91
C ALA A 44 -59.18 -4.55 -19.72
N ARG A 45 -58.29 -4.35 -20.69
CA ARG A 45 -56.92 -4.87 -20.62
C ARG A 45 -55.86 -3.76 -20.55
N ALA A 46 -55.92 -2.95 -19.51
CA ALA A 46 -54.91 -1.92 -19.26
C ALA A 46 -54.60 -1.10 -20.51
N PHE A 47 -55.62 -0.87 -21.32
CA PHE A 47 -55.47 -0.21 -22.60
C PHE A 47 -54.40 -0.89 -23.46
N THR A 48 -54.56 -2.20 -23.66
CA THR A 48 -53.73 -2.97 -24.60
C THR A 48 -54.62 -3.99 -25.34
N ASP A 49 -54.04 -4.65 -26.35
CA ASP A 49 -54.80 -5.47 -27.28
C ASP A 49 -54.92 -6.93 -26.81
N PRO A 50 -56.16 -7.40 -26.57
CA PRO A 50 -56.35 -8.81 -26.24
C PRO A 50 -56.30 -9.75 -27.46
N ARG A 51 -56.44 -9.17 -28.65
CA ARG A 51 -56.59 -9.94 -29.89
C ARG A 51 -55.31 -10.66 -30.31
N GLU A 52 -55.46 -11.75 -31.06
CA GLU A 52 -54.32 -12.56 -31.50
C GLU A 52 -54.18 -12.62 -33.03
N GLY A 53 -53.04 -12.13 -33.53
CA GLY A 53 -52.70 -12.21 -34.95
C GLY A 53 -51.76 -13.37 -35.21
N LYS A 54 -50.94 -13.25 -36.25
CA LYS A 54 -50.06 -14.33 -36.68
C LYS A 54 -48.93 -14.60 -35.70
N ALA A 55 -48.55 -13.58 -34.93
CA ALA A 55 -47.45 -13.68 -33.97
C ALA A 55 -47.91 -13.49 -32.54
N GLY A 56 -49.07 -14.06 -32.22
CA GLY A 56 -49.61 -13.99 -30.87
C GLY A 56 -50.17 -12.62 -30.54
N LEU A 57 -49.96 -12.19 -29.31
CA LEU A 57 -50.32 -10.86 -28.86
C LEU A 57 -49.14 -9.89 -29.01
N ALA A 58 -48.04 -10.36 -29.61
CA ALA A 58 -46.84 -9.53 -29.78
C ALA A 58 -47.12 -8.29 -30.60
N VAL A 59 -47.96 -8.43 -31.64
CA VAL A 59 -48.37 -7.31 -32.47
C VAL A 59 -49.89 -7.34 -32.74
N SER A 60 -50.44 -6.17 -33.07
CA SER A 60 -51.88 -6.01 -33.27
C SER A 60 -52.22 -6.05 -34.75
N VAL A 61 -53.45 -6.46 -35.06
CA VAL A 61 -53.92 -6.52 -36.45
C VAL A 61 -54.66 -5.24 -36.81
N GLY A 62 -54.43 -4.77 -38.04
CA GLY A 62 -55.03 -3.54 -38.52
C GLY A 62 -56.50 -3.65 -38.84
N ASP A 63 -57.05 -2.58 -39.39
CA ASP A 63 -58.46 -2.50 -39.74
C ASP A 63 -58.87 -3.53 -40.78
N ASP A 64 -58.01 -3.71 -41.77
CA ASP A 64 -58.24 -4.68 -42.85
C ASP A 64 -58.13 -6.14 -42.42
N GLY A 65 -57.90 -6.39 -41.13
CA GLY A 65 -57.86 -7.77 -40.59
C GLY A 65 -56.70 -8.60 -41.13
N GLN A 66 -55.73 -7.93 -41.74
CA GLN A 66 -54.63 -8.58 -42.45
C GLN A 66 -53.28 -8.04 -42.01
N SER A 67 -53.16 -6.73 -41.97
CA SER A 67 -51.89 -6.06 -41.65
C SER A 67 -51.57 -6.12 -40.17
N HIS A 68 -50.36 -6.55 -39.85
CA HIS A 68 -49.87 -6.59 -38.48
C HIS A 68 -48.77 -5.57 -38.30
N GLY A 69 -48.67 -4.99 -37.10
CA GLY A 69 -47.57 -4.08 -36.77
C GLY A 69 -46.27 -4.82 -36.51
N ASP A 70 -45.21 -4.06 -36.27
CA ASP A 70 -43.90 -4.62 -35.91
C ASP A 70 -43.64 -4.57 -34.40
N ARG A 71 -44.33 -3.64 -33.73
CA ARG A 71 -44.11 -3.43 -32.30
C ARG A 71 -45.35 -3.77 -31.49
N ASN A 72 -45.13 -4.05 -30.20
CA ASN A 72 -46.20 -4.39 -29.27
C ASN A 72 -46.96 -3.14 -28.81
N THR A 73 -48.27 -3.29 -28.67
CA THR A 73 -49.13 -2.20 -28.26
C THR A 73 -48.97 -1.95 -26.75
N PRO A 74 -48.57 -0.72 -26.38
CA PRO A 74 -48.34 -0.39 -24.98
C PRO A 74 -49.59 0.11 -24.27
N THR A 75 -49.62 -0.01 -22.96
CA THR A 75 -50.65 0.65 -22.16
C THR A 75 -50.72 2.14 -22.50
N LEU A 76 -51.93 2.69 -22.44
CA LEU A 76 -52.12 4.14 -22.50
C LEU A 76 -52.10 4.70 -21.08
N GLY A 77 -52.41 3.84 -20.10
CA GLY A 77 -52.33 4.22 -18.70
C GLY A 77 -50.99 4.85 -18.37
N TYR A 78 -51.04 6.04 -17.75
CA TYR A 78 -49.85 6.73 -17.25
C TYR A 78 -48.92 7.27 -18.34
N ALA A 79 -49.36 7.25 -19.60
CA ALA A 79 -48.59 7.86 -20.68
C ALA A 79 -48.64 9.38 -20.60
N ALA A 80 -49.70 9.90 -19.99
CA ALA A 80 -49.90 11.35 -19.84
C ALA A 80 -48.88 12.01 -18.91
N LEU A 81 -48.24 11.21 -18.05
CA LEU A 81 -47.22 11.70 -17.14
C LEU A 81 -45.85 11.76 -17.80
N VAL A 82 -45.70 11.11 -18.95
CA VAL A 82 -44.45 11.14 -19.69
C VAL A 82 -44.31 12.56 -20.26
N PRO A 83 -43.21 13.25 -19.92
CA PRO A 83 -43.05 14.58 -20.48
C PRO A 83 -42.80 14.52 -21.98
N ALA A 84 -42.96 15.65 -22.66
CA ALA A 84 -42.74 15.71 -24.09
C ALA A 84 -41.29 15.34 -24.42
N PHE A 85 -41.07 14.83 -25.62
CA PHE A 85 -39.73 14.41 -26.02
C PHE A 85 -38.77 15.61 -26.02
N HIS A 86 -37.59 15.40 -25.43
CA HIS A 86 -36.56 16.43 -25.33
C HIS A 86 -35.23 15.77 -24.98
N ARG A 87 -34.16 16.55 -25.07
CA ARG A 87 -32.82 16.09 -24.75
C ARG A 87 -32.31 16.90 -23.56
N ASP A 88 -32.00 16.21 -22.44
CA ASP A 88 -31.57 16.90 -21.23
C ASP A 88 -30.09 17.24 -21.27
N ALA A 89 -29.63 18.05 -20.31
CA ALA A 89 -28.25 18.57 -20.28
C ALA A 89 -27.19 17.46 -20.25
N ASN A 90 -27.56 16.26 -19.82
CA ASN A 90 -26.66 15.10 -19.83
C ASN A 90 -26.29 14.67 -21.26
N GLY A 91 -27.16 15.00 -22.22
CA GLY A 91 -27.03 14.48 -23.59
C GLY A 91 -27.97 13.31 -23.84
N LYS A 92 -28.62 12.83 -22.79
CA LYS A 92 -29.56 11.73 -22.89
C LYS A 92 -30.92 12.26 -23.31
N TYR A 93 -31.55 11.59 -24.26
CA TYR A 93 -32.93 11.90 -24.65
C TYR A 93 -33.90 11.41 -23.59
N LYS A 94 -35.04 12.10 -23.46
CA LYS A 94 -36.07 11.78 -22.48
C LYS A 94 -37.48 12.02 -23.03
N GLY A 95 -38.44 11.23 -22.56
CA GLY A 95 -39.86 11.46 -22.85
C GLY A 95 -40.31 11.03 -24.22
N GLY A 96 -41.44 11.58 -24.67
CA GLY A 96 -42.01 11.27 -25.97
C GLY A 96 -42.99 10.11 -25.93
N GLN A 97 -43.48 9.73 -27.11
CA GLN A 97 -44.47 8.66 -27.23
C GLN A 97 -44.11 7.69 -28.37
N PHE A 98 -44.58 6.46 -28.24
CA PHE A 98 -44.17 5.31 -29.08
C PHE A 98 -42.86 4.76 -28.53
N TRP A 99 -42.67 3.44 -28.62
CA TRP A 99 -41.45 2.78 -28.14
C TRP A 99 -40.16 3.45 -28.59
N ASP A 100 -40.21 4.16 -29.73
CA ASP A 100 -39.04 4.84 -30.28
C ASP A 100 -39.10 6.37 -30.10
N GLY A 101 -40.08 6.84 -29.33
CA GLY A 101 -40.28 8.25 -29.09
C GLY A 101 -40.59 9.09 -30.31
N ARG A 102 -41.07 8.46 -31.38
CA ARG A 102 -41.26 9.20 -32.64
C ARG A 102 -42.41 10.21 -32.59
N ALA A 103 -43.19 10.20 -31.51
CA ALA A 103 -44.20 11.23 -31.27
C ALA A 103 -43.78 12.10 -30.07
N ASP A 104 -43.85 13.42 -30.23
CA ASP A 104 -43.48 14.37 -29.17
C ASP A 104 -44.34 14.17 -27.94
N ASP A 105 -45.65 14.08 -28.15
CA ASP A 105 -46.60 13.96 -27.04
C ASP A 105 -47.85 13.21 -27.49
N LEU A 106 -48.74 12.98 -26.54
CA LEU A 106 -50.03 12.31 -26.77
C LEU A 106 -50.82 12.89 -27.95
N LYS A 107 -50.80 14.22 -28.08
CA LYS A 107 -51.54 14.87 -29.15
C LYS A 107 -51.04 14.44 -30.53
N GLN A 108 -49.74 14.58 -30.76
N GLN A 108 -49.74 14.59 -30.77
CA GLN A 108 -49.12 14.20 -32.04
CA GLN A 108 -49.14 14.21 -32.05
C GLN A 108 -49.25 12.70 -32.30
C GLN A 108 -49.20 12.70 -32.29
N ASN A 109 -49.24 11.92 -31.22
CA ASN A 109 -49.35 10.48 -31.31
C ASN A 109 -50.71 10.00 -31.82
N ALA A 110 -51.78 10.61 -31.30
CA ALA A 110 -53.16 10.15 -31.54
C ALA A 110 -53.55 10.02 -33.00
N GLY A 111 -53.00 10.89 -33.84
CA GLY A 111 -53.32 10.93 -35.26
C GLY A 111 -52.79 9.74 -36.06
N GLN A 112 -51.63 9.22 -35.67
CA GLN A 112 -50.92 8.27 -36.53
C GLN A 112 -51.56 6.90 -36.71
N PRO A 113 -52.22 6.36 -35.65
CA PRO A 113 -52.99 5.12 -35.86
C PRO A 113 -54.11 5.26 -36.89
N MET A 114 -54.85 6.36 -36.82
CA MET A 114 -55.95 6.63 -37.75
C MET A 114 -55.52 6.54 -39.21
N LEU A 115 -54.31 7.06 -39.50
CA LEU A 115 -53.84 7.15 -40.88
C LEU A 115 -52.90 6.02 -41.29
N ASN A 116 -52.56 5.13 -40.35
CA ASN A 116 -51.64 4.03 -40.63
C ASN A 116 -52.36 2.93 -41.40
N PRO A 117 -51.90 2.63 -42.63
CA PRO A 117 -52.52 1.55 -43.41
C PRO A 117 -52.52 0.21 -42.68
N VAL A 118 -51.44 -0.09 -41.96
CA VAL A 118 -51.36 -1.33 -41.19
C VAL A 118 -52.05 -1.22 -39.82
N GLU A 119 -52.74 -0.12 -39.56
CA GLU A 119 -53.61 0.02 -38.40
C GLU A 119 -55.03 0.43 -38.84
N MET A 120 -55.50 1.63 -38.47
CA MET A 120 -56.90 2.02 -38.73
C MET A 120 -57.18 2.28 -40.21
N ALA A 121 -56.13 2.61 -40.95
CA ALA A 121 -56.13 2.55 -42.42
C ALA A 121 -57.10 3.54 -43.10
N MET A 122 -57.35 4.66 -42.45
CA MET A 122 -58.03 5.76 -43.11
C MET A 122 -57.06 6.37 -44.10
N PRO A 123 -57.49 6.61 -45.35
CA PRO A 123 -56.57 7.01 -46.41
C PRO A 123 -55.96 8.39 -46.17
N ASP A 124 -56.71 9.27 -45.52
CA ASP A 124 -56.31 10.66 -45.34
C ASP A 124 -57.18 11.32 -44.29
N ARG A 125 -56.82 12.55 -43.92
CA ARG A 125 -57.57 13.32 -42.94
C ARG A 125 -58.98 13.65 -43.40
N ALA A 126 -59.15 13.84 -44.71
CA ALA A 126 -60.47 14.14 -45.28
C ALA A 126 -61.48 13.03 -45.00
N ALA A 127 -61.03 11.78 -45.14
CA ALA A 127 -61.88 10.62 -44.89
C ALA A 127 -62.35 10.55 -43.43
N VAL A 128 -61.50 11.01 -42.50
CA VAL A 128 -61.83 11.01 -41.08
C VAL A 128 -62.90 12.07 -40.78
N ALA A 129 -62.75 13.25 -41.37
CA ALA A 129 -63.74 14.31 -41.24
C ALA A 129 -65.13 13.86 -41.69
N ALA A 130 -65.18 13.16 -42.83
CA ALA A 130 -66.43 12.63 -43.38
C ALA A 130 -67.16 11.73 -42.40
N ARG A 131 -66.41 10.90 -41.69
CA ARG A 131 -66.97 10.00 -40.70
C ARG A 131 -67.53 10.73 -39.48
N LEU A 132 -66.88 11.83 -39.09
CA LEU A 132 -67.33 12.61 -37.94
C LEU A 132 -68.65 13.33 -38.23
N ARG A 133 -68.87 13.72 -39.49
CA ARG A 133 -70.13 14.36 -39.89
C ARG A 133 -71.29 13.36 -39.95
N ASP A 134 -70.99 12.07 -40.08
CA ASP A 134 -72.02 11.03 -40.04
C ASP A 134 -72.76 11.01 -38.70
N ASP A 135 -72.06 11.42 -37.64
CA ASP A 135 -72.63 11.44 -36.30
C ASP A 135 -73.08 12.87 -35.94
N PRO A 136 -74.39 13.05 -35.68
CA PRO A 136 -74.85 14.34 -35.14
C PRO A 136 -74.31 14.62 -33.73
N ALA A 137 -73.97 13.57 -32.99
CA ALA A 137 -73.39 13.71 -31.65
C ALA A 137 -72.12 14.53 -31.70
N TYR A 138 -71.29 14.24 -32.70
CA TYR A 138 -70.03 14.94 -32.89
C TYR A 138 -70.25 16.41 -33.26
N ARG A 139 -70.99 16.67 -34.33
CA ARG A 139 -71.26 18.05 -34.73
C ARG A 139 -71.74 18.91 -33.57
N THR A 140 -72.43 18.33 -32.60
CA THR A 140 -72.83 19.06 -31.41
C THR A 140 -71.63 19.26 -30.48
N GLY A 141 -70.95 18.16 -30.14
CA GLY A 141 -69.87 18.18 -29.16
C GLY A 141 -68.59 18.87 -29.64
N PHE A 142 -68.19 18.56 -30.86
CA PHE A 142 -67.02 19.19 -31.48
C PHE A 142 -67.19 20.70 -31.61
N GLU A 143 -68.35 21.12 -32.09
CA GLU A 143 -68.60 22.52 -32.37
C GLU A 143 -68.81 23.35 -31.10
N ALA A 144 -69.15 22.68 -29.99
CA ALA A 144 -69.21 23.34 -28.70
C ALA A 144 -67.83 23.64 -28.13
N LEU A 145 -66.81 22.86 -28.54
CA LEU A 145 -65.45 23.01 -28.01
C LEU A 145 -64.50 23.71 -28.98
N PHE A 146 -64.64 23.44 -30.27
CA PHE A 146 -63.78 24.03 -31.28
C PHE A 146 -64.54 24.93 -32.27
N GLY A 147 -65.80 25.21 -31.98
CA GLY A 147 -66.59 26.12 -32.82
C GLY A 147 -67.16 25.46 -34.06
N LYS A 148 -68.09 26.15 -34.71
CA LYS A 148 -68.81 25.59 -35.85
C LYS A 148 -67.93 25.42 -37.09
N GLY A 149 -68.31 24.45 -37.92
CA GLY A 149 -67.60 24.15 -39.16
C GLY A 149 -66.31 23.37 -38.99
N VAL A 150 -65.96 23.05 -37.73
CA VAL A 150 -64.73 22.32 -37.42
C VAL A 150 -64.62 21.00 -38.19
N LEU A 151 -65.75 20.31 -38.35
CA LEU A 151 -65.77 19.02 -39.03
C LEU A 151 -65.79 19.15 -40.56
N ASP A 152 -66.03 20.36 -41.07
CA ASP A 152 -65.93 20.63 -42.50
C ASP A 152 -64.48 20.80 -42.93
N ASP A 153 -63.60 21.11 -41.97
CA ASP A 153 -62.16 21.20 -42.23
C ASP A 153 -61.46 19.92 -41.73
N PRO A 154 -60.91 19.12 -42.67
CA PRO A 154 -60.15 17.93 -42.31
C PRO A 154 -59.03 18.17 -41.30
N GLU A 155 -58.27 19.25 -41.49
CA GLU A 155 -57.11 19.53 -40.66
C GLU A 155 -57.48 19.89 -39.22
N ARG A 156 -58.50 20.72 -39.05
CA ARG A 156 -58.95 21.09 -37.71
C ARG A 156 -59.57 19.89 -37.00
N ALA A 157 -60.47 19.19 -37.69
CA ALA A 157 -61.20 18.04 -37.12
C ALA A 157 -60.27 16.94 -36.63
N PHE A 158 -59.36 16.52 -37.50
CA PHE A 158 -58.37 15.49 -37.20
C PHE A 158 -57.53 15.90 -36.00
N ASP A 159 -57.11 17.16 -36.01
CA ASP A 159 -56.30 17.71 -34.93
C ASP A 159 -57.09 17.83 -33.64
N ALA A 160 -58.35 18.26 -33.74
CA ALA A 160 -59.22 18.38 -32.59
C ALA A 160 -59.50 17.02 -32.00
N ALA A 161 -59.77 16.05 -32.88
CA ALA A 161 -59.98 14.67 -32.48
C ALA A 161 -58.74 14.12 -31.78
N ALA A 162 -57.56 14.47 -32.29
CA ALA A 162 -56.31 14.08 -31.66
C ALA A 162 -56.18 14.73 -30.29
N GLU A 163 -56.50 16.03 -30.23
CA GLU A 163 -56.43 16.78 -28.99
C GLU A 163 -57.43 16.24 -27.95
N ALA A 164 -58.64 15.92 -28.40
CA ALA A 164 -59.67 15.40 -27.50
C ALA A 164 -59.24 14.04 -26.95
N LEU A 165 -58.76 13.18 -27.84
CA LEU A 165 -58.19 11.89 -27.47
C LEU A 165 -57.03 12.02 -26.49
N ALA A 166 -56.15 12.99 -26.73
CA ALA A 166 -55.06 13.29 -25.82
C ALA A 166 -55.59 13.69 -24.44
N ALA A 167 -56.55 14.62 -24.42
CA ALA A 167 -57.14 15.12 -23.17
C ALA A 167 -57.80 14.00 -22.41
N TYR A 168 -58.53 13.15 -23.13
CA TYR A 168 -59.19 12.00 -22.54
C TYR A 168 -58.18 11.09 -21.84
N GLN A 169 -57.02 10.89 -22.47
CA GLN A 169 -55.95 10.10 -21.87
C GLN A 169 -55.22 10.80 -20.71
N ALA A 170 -55.46 12.11 -20.53
CA ALA A 170 -54.88 12.87 -19.43
C ALA A 170 -55.83 13.03 -18.25
N THR A 171 -56.88 12.20 -18.22
CA THR A 171 -57.83 12.22 -17.12
C THR A 171 -57.43 11.19 -16.09
N GLY A 172 -58.05 11.24 -14.91
CA GLY A 172 -57.76 10.29 -13.84
C GLY A 172 -58.03 8.84 -14.22
N GLU A 173 -58.91 8.61 -15.19
CA GLU A 173 -59.26 7.24 -15.60
C GLU A 173 -58.07 6.48 -16.19
N PHE A 174 -57.13 7.22 -16.79
CA PHE A 174 -55.92 6.60 -17.35
C PHE A 174 -54.77 6.55 -16.36
N SER A 175 -54.75 7.46 -15.40
CA SER A 175 -53.65 7.53 -14.42
C SER A 175 -54.18 7.73 -12.99
N PRO A 176 -54.91 6.74 -12.47
CA PRO A 176 -55.58 6.91 -11.17
C PRO A 176 -54.67 6.91 -9.94
N PHE A 177 -53.47 6.34 -10.05
CA PHE A 177 -52.58 6.18 -8.90
C PHE A 177 -53.30 5.53 -7.73
N ASP A 178 -54.03 4.47 -8.03
CA ASP A 178 -54.78 3.71 -7.05
C ASP A 178 -54.26 2.28 -7.00
N SER A 179 -52.98 2.12 -7.34
CA SER A 179 -52.32 0.83 -7.25
C SER A 179 -51.96 0.59 -5.79
N LYS A 180 -51.61 -0.65 -5.45
CA LYS A 180 -51.23 -0.97 -4.07
C LYS A 180 -49.97 -0.20 -3.67
N TYR A 181 -49.03 -0.04 -4.60
CA TYR A 181 -47.86 0.79 -4.35
C TYR A 181 -48.30 2.16 -3.86
N ASP A 182 -49.27 2.75 -4.55
CA ASP A 182 -49.74 4.09 -4.22
C ASP A 182 -50.35 4.17 -2.83
N ARG A 183 -51.11 3.16 -2.46
CA ARG A 183 -51.75 3.11 -1.14
C ARG A 183 -50.71 2.86 -0.05
N VAL A 184 -49.64 2.15 -0.38
CA VAL A 184 -48.57 1.88 0.58
C VAL A 184 -47.75 3.15 0.86
N MET A 185 -47.46 3.90 -0.20
CA MET A 185 -46.69 5.14 -0.06
C MET A 185 -47.49 6.25 0.62
N ARG A 186 -48.83 6.12 0.63
CA ARG A 186 -49.70 7.06 1.35
C ARG A 186 -49.93 6.65 2.81
N GLY A 187 -49.35 5.52 3.22
CA GLY A 187 -49.50 5.01 4.58
C GLY A 187 -50.81 4.27 4.83
N GLU A 188 -51.56 3.99 3.76
CA GLU A 188 -52.87 3.36 3.88
C GLU A 188 -52.75 1.87 4.14
N GLU A 189 -51.78 1.24 3.47
CA GLU A 189 -51.47 -0.17 3.72
C GLU A 189 -49.98 -0.45 3.58
N LYS A 190 -49.56 -1.65 3.98
CA LYS A 190 -48.16 -2.06 3.94
C LYS A 190 -47.90 -3.05 2.81
N PHE A 191 -46.65 -3.16 2.39
CA PHE A 191 -46.24 -4.21 1.47
C PHE A 191 -46.21 -5.53 2.21
N THR A 192 -46.40 -6.62 1.47
CA THR A 192 -46.08 -7.94 1.99
C THR A 192 -44.56 -8.02 2.07
N PRO A 193 -44.03 -8.77 3.04
CA PRO A 193 -42.57 -8.88 3.15
C PRO A 193 -41.89 -9.06 1.80
N LEU A 194 -42.45 -9.91 0.93
CA LEU A 194 -41.87 -10.14 -0.40
C LEU A 194 -41.94 -8.91 -1.29
N GLU A 195 -43.06 -8.18 -1.23
CA GLU A 195 -43.22 -6.94 -1.99
C GLU A 195 -42.22 -5.86 -1.54
N GLU A 196 -42.00 -5.75 -0.24
CA GLU A 196 -41.04 -4.79 0.30
C GLU A 196 -39.62 -5.19 -0.08
N PHE A 197 -39.34 -6.49 -0.05
CA PHE A 197 -38.07 -7.02 -0.51
C PHE A 197 -37.87 -6.64 -1.97
N GLY A 198 -38.92 -6.82 -2.77
CA GLY A 198 -38.89 -6.45 -4.18
C GLY A 198 -38.62 -4.98 -4.38
N TYR A 199 -39.28 -4.13 -3.60
CA TYR A 199 -39.10 -2.69 -3.66
C TYR A 199 -37.66 -2.30 -3.34
N THR A 200 -37.15 -2.86 -2.24
CA THR A 200 -35.78 -2.65 -1.79
C THR A 200 -34.80 -3.08 -2.86
N VAL A 201 -34.99 -4.27 -3.41
CA VAL A 201 -34.17 -4.75 -4.53
C VAL A 201 -34.31 -3.77 -5.69
N PHE A 202 -35.55 -3.40 -5.99
CA PHE A 202 -35.84 -2.47 -7.06
C PHE A 202 -35.15 -1.11 -6.90
N ILE A 203 -34.95 -0.65 -5.67
CA ILE A 203 -34.27 0.65 -5.40
C ILE A 203 -32.83 0.52 -4.91
N THR A 204 -32.24 -0.67 -4.97
CA THR A 204 -30.82 -0.83 -4.66
C THR A 204 -30.03 -1.51 -5.79
N TRP A 205 -30.75 -2.10 -6.74
CA TRP A 205 -30.15 -2.78 -7.89
C TRP A 205 -30.34 -1.90 -9.11
N ASN A 206 -29.80 -2.32 -10.26
CA ASN A 206 -29.80 -1.46 -11.45
C ASN A 206 -31.19 -1.02 -11.90
N CYS A 207 -32.22 -1.81 -11.56
CA CYS A 207 -33.62 -1.44 -11.85
C CYS A 207 -33.88 0.05 -11.66
N ARG A 208 -33.45 0.58 -10.51
CA ARG A 208 -33.74 1.97 -10.13
C ARG A 208 -33.05 2.99 -11.03
N LEU A 209 -31.97 2.57 -11.71
CA LEU A 209 -31.20 3.48 -12.54
C LEU A 209 -32.01 3.94 -13.76
N CYS A 210 -32.86 3.05 -14.28
CA CYS A 210 -33.70 3.34 -15.43
C CYS A 210 -35.18 3.43 -15.08
N HIS A 211 -35.65 2.65 -14.11
CA HIS A 211 -37.09 2.60 -13.79
C HIS A 211 -37.49 3.38 -12.54
N MET A 212 -36.96 4.59 -12.43
CA MET A 212 -37.37 5.54 -11.40
C MET A 212 -37.43 6.90 -12.07
N GLN A 213 -38.37 7.73 -11.65
CA GLN A 213 -38.54 9.05 -12.25
C GLN A 213 -37.28 9.88 -12.06
N ARG A 214 -36.66 9.73 -10.89
CA ARG A 214 -35.50 10.52 -10.50
C ARG A 214 -34.27 9.68 -10.25
N LYS A 215 -33.12 10.34 -10.21
CA LYS A 215 -31.87 9.73 -9.78
C LYS A 215 -31.85 9.67 -8.25
N GLN A 216 -32.20 10.79 -7.62
CA GLN A 216 -32.34 10.88 -6.16
C GLN A 216 -33.56 11.72 -5.77
N GLY A 217 -33.93 11.68 -4.48
CA GLY A 217 -35.07 12.42 -3.97
C GLY A 217 -36.39 11.67 -4.15
N VAL A 218 -37.48 12.34 -3.78
CA VAL A 218 -38.80 11.73 -3.82
C VAL A 218 -39.59 12.24 -5.02
N ALA A 219 -40.07 11.33 -5.86
CA ALA A 219 -40.98 11.68 -6.94
C ALA A 219 -42.37 11.75 -6.35
N GLU A 220 -43.22 12.63 -6.89
CA GLU A 220 -44.57 12.78 -6.37
C GLU A 220 -45.58 11.86 -7.10
N ARG A 221 -45.42 11.71 -8.41
CA ARG A 221 -46.25 10.81 -9.21
C ARG A 221 -45.36 9.86 -9.99
N GLU A 222 -44.80 8.89 -9.27
CA GLU A 222 -43.89 7.91 -9.83
C GLU A 222 -44.59 6.97 -10.81
N THR A 223 -44.00 6.80 -12.00
CA THR A 223 -44.48 5.83 -12.97
C THR A 223 -43.36 4.88 -13.39
N PHE A 224 -42.31 4.79 -12.58
CA PHE A 224 -41.28 3.75 -12.71
C PHE A 224 -40.65 3.66 -14.08
N THR A 225 -40.39 4.83 -14.62
CA THR A 225 -39.60 5.02 -15.82
C THR A 225 -38.91 6.36 -15.61
N ASN A 226 -37.66 6.47 -16.03
CA ASN A 226 -36.99 7.79 -16.05
C ASN A 226 -37.20 8.50 -17.39
N PHE A 227 -38.04 7.88 -18.24
CA PHE A 227 -38.37 8.39 -19.56
C PHE A 227 -37.16 8.45 -20.51
N GLU A 228 -36.06 7.80 -20.14
CA GLU A 228 -34.88 7.77 -20.99
C GLU A 228 -35.01 6.67 -22.05
N TYR A 229 -34.03 6.65 -22.95
CA TYR A 229 -33.96 5.64 -24.01
C TYR A 229 -32.72 4.81 -23.85
N HIS A 230 -32.92 3.50 -23.77
CA HIS A 230 -31.83 2.56 -23.62
C HIS A 230 -32.01 1.40 -24.58
N ASN A 231 -30.90 0.83 -25.01
CA ASN A 231 -30.87 -0.44 -25.70
C ASN A 231 -30.40 -1.48 -24.71
N ILE A 232 -31.30 -2.37 -24.30
CA ILE A 232 -30.93 -3.44 -23.37
C ILE A 232 -30.52 -4.71 -24.11
N GLY A 233 -30.43 -4.61 -25.44
CA GLY A 233 -29.87 -5.68 -26.28
C GLY A 233 -30.83 -6.79 -26.64
N LEU A 234 -32.09 -6.45 -26.93
CA LEU A 234 -33.10 -7.46 -27.24
C LEU A 234 -32.99 -7.97 -28.67
N PRO A 235 -33.29 -9.26 -28.88
CA PRO A 235 -33.22 -9.87 -30.19
C PRO A 235 -34.47 -9.58 -31.01
N VAL A 236 -34.45 -9.94 -32.28
CA VAL A 236 -35.61 -9.83 -33.13
C VAL A 236 -36.68 -10.78 -32.62
N ASN A 237 -37.95 -10.41 -32.79
CA ASN A 237 -39.06 -11.34 -32.58
C ASN A 237 -39.36 -12.08 -33.88
N GLU A 238 -38.67 -13.20 -34.09
CA GLU A 238 -38.88 -14.08 -35.25
C GLU A 238 -40.28 -13.98 -35.86
N THR A 239 -41.28 -14.39 -35.10
CA THR A 239 -42.65 -14.58 -35.61
C THR A 239 -43.37 -13.26 -35.85
N ALA A 240 -43.23 -12.33 -34.91
CA ALA A 240 -43.80 -10.98 -35.07
C ALA A 240 -43.17 -10.26 -36.25
N ARG A 241 -41.87 -10.47 -36.47
CA ARG A 241 -41.16 -9.82 -37.56
C ARG A 241 -41.68 -10.32 -38.91
N GLU A 242 -41.85 -11.63 -39.05
CA GLU A 242 -42.44 -12.18 -40.27
C GLU A 242 -43.83 -11.57 -40.49
N ALA A 243 -44.64 -11.56 -39.44
CA ALA A 243 -46.01 -11.05 -39.48
C ALA A 243 -46.12 -9.60 -39.94
N SER A 244 -45.18 -8.76 -39.50
CA SER A 244 -45.14 -7.35 -39.87
C SER A 244 -44.90 -7.18 -41.38
N GLY A 245 -44.27 -8.18 -41.99
CA GLY A 245 -44.06 -8.21 -43.42
C GLY A 245 -42.97 -7.26 -43.88
N LEU A 246 -42.14 -6.82 -42.93
CA LEU A 246 -41.09 -5.86 -43.20
C LEU A 246 -39.79 -6.52 -43.66
N GLY A 247 -39.81 -7.84 -43.81
CA GLY A 247 -38.62 -8.59 -44.22
C GLY A 247 -37.74 -8.94 -43.04
N ALA A 248 -36.87 -9.92 -43.23
CA ALA A 248 -35.92 -10.35 -42.19
C ALA A 248 -34.66 -9.51 -42.23
N ASP A 249 -34.37 -8.90 -43.38
CA ASP A 249 -33.25 -7.97 -43.51
C ASP A 249 -33.52 -6.63 -42.77
N HIS A 250 -34.80 -6.32 -42.51
CA HIS A 250 -35.18 -5.10 -41.80
C HIS A 250 -34.65 -5.07 -40.37
N VAL A 251 -34.22 -3.89 -39.92
CA VAL A 251 -33.67 -3.69 -38.57
C VAL A 251 -34.42 -2.57 -37.85
N ASP A 252 -34.97 -2.89 -36.68
CA ASP A 252 -35.62 -1.91 -35.83
C ASP A 252 -34.53 -1.18 -35.07
N HIS A 253 -34.24 0.06 -35.48
CA HIS A 253 -33.19 0.85 -34.84
C HIS A 253 -33.71 1.69 -33.66
N GLY A 254 -34.95 1.43 -33.24
CA GLY A 254 -35.54 2.15 -32.12
C GLY A 254 -35.48 3.65 -32.31
N LEU A 255 -34.93 4.35 -31.32
CA LEU A 255 -34.97 5.82 -31.27
C LEU A 255 -34.41 6.48 -32.52
N LEU A 256 -33.38 5.88 -33.12
CA LEU A 256 -32.79 6.40 -34.36
C LEU A 256 -33.83 6.58 -35.46
N ALA A 257 -34.88 5.76 -35.43
CA ALA A 257 -35.98 5.83 -36.40
C ALA A 257 -36.87 7.07 -36.25
N ARG A 258 -36.89 7.67 -35.06
CA ARG A 258 -37.52 8.99 -34.90
C ARG A 258 -36.90 9.95 -35.91
N PRO A 259 -37.74 10.68 -36.66
CA PRO A 259 -37.21 11.72 -37.55
C PRO A 259 -36.46 12.78 -36.75
N GLY A 260 -35.30 13.18 -37.25
CA GLY A 260 -34.48 14.19 -36.58
C GLY A 260 -33.35 13.59 -35.77
N ILE A 261 -33.56 12.38 -35.24
CA ILE A 261 -32.53 11.68 -34.50
C ILE A 261 -31.57 11.01 -35.49
N GLU A 262 -30.33 11.49 -35.51
CA GLU A 262 -29.29 10.97 -36.41
C GLU A 262 -28.13 10.33 -35.67
N ASP A 263 -28.02 10.61 -34.37
CA ASP A 263 -26.95 10.09 -33.53
C ASP A 263 -26.93 8.55 -33.58
N PRO A 264 -25.83 7.98 -34.14
CA PRO A 264 -25.77 6.52 -34.24
C PRO A 264 -25.65 5.79 -32.90
N ALA A 265 -25.43 6.54 -31.82
CA ALA A 265 -25.45 5.98 -30.47
C ALA A 265 -26.86 5.65 -29.96
N GLN A 266 -27.89 6.18 -30.62
CA GLN A 266 -29.28 5.92 -30.22
C GLN A 266 -29.88 4.73 -30.96
N SER A 267 -29.10 4.09 -31.85
CA SER A 267 -29.57 2.92 -32.59
C SER A 267 -29.84 1.76 -31.65
N GLY A 268 -31.06 1.23 -31.71
CA GLY A 268 -31.48 0.11 -30.89
C GLY A 268 -32.06 0.52 -29.54
N ARG A 269 -32.03 1.82 -29.25
CA ARG A 269 -32.55 2.33 -27.98
C ARG A 269 -34.06 2.56 -28.04
N PHE A 270 -34.78 2.06 -27.03
CA PHE A 270 -36.22 2.26 -26.91
C PHE A 270 -36.57 2.98 -25.62
N LYS A 271 -37.70 3.67 -25.60
CA LYS A 271 -38.16 4.37 -24.41
C LYS A 271 -38.30 3.40 -23.25
N VAL A 272 -37.90 3.84 -22.06
CA VAL A 272 -38.08 3.07 -20.86
C VAL A 272 -39.58 3.14 -20.54
N PRO A 273 -40.29 1.99 -20.60
CA PRO A 273 -41.72 1.99 -20.37
C PRO A 273 -42.05 2.10 -18.90
N SER A 274 -43.14 2.78 -18.58
CA SER A 274 -43.65 2.77 -17.22
C SER A 274 -43.96 1.34 -16.84
N LEU A 275 -43.50 0.93 -15.65
CA LEU A 275 -43.78 -0.41 -15.16
C LEU A 275 -45.13 -0.51 -14.44
N ARG A 276 -45.90 0.58 -14.43
CA ARG A 276 -47.27 0.52 -13.90
C ARG A 276 -48.12 -0.36 -14.81
N ASN A 277 -49.01 -1.13 -14.20
CA ASN A 277 -49.85 -2.09 -14.90
C ASN A 277 -49.10 -3.15 -15.71
N VAL A 278 -47.77 -3.18 -15.56
CA VAL A 278 -46.94 -4.07 -16.36
C VAL A 278 -47.36 -5.53 -16.23
N ALA A 279 -47.79 -5.92 -15.03
CA ALA A 279 -48.19 -7.29 -14.75
C ALA A 279 -49.30 -7.80 -15.69
N VAL A 280 -50.16 -6.90 -16.16
CA VAL A 280 -51.33 -7.25 -16.96
C VAL A 280 -51.27 -6.77 -18.42
N THR A 281 -50.08 -6.52 -18.96
CA THR A 281 -49.94 -6.00 -20.33
C THR A 281 -48.90 -6.78 -21.15
N GLY A 282 -48.87 -8.10 -20.98
CA GLY A 282 -48.01 -8.94 -21.79
C GLY A 282 -48.48 -8.96 -23.23
N PRO A 283 -47.62 -9.40 -24.17
CA PRO A 283 -46.20 -9.72 -23.97
C PRO A 283 -45.34 -8.46 -23.80
N TYR A 284 -44.03 -8.63 -23.68
CA TYR A 284 -43.16 -7.57 -23.17
C TYR A 284 -42.06 -7.10 -24.12
N MET A 285 -41.53 -5.93 -23.81
CA MET A 285 -40.57 -5.22 -24.65
C MET A 285 -41.20 -4.73 -25.94
N HIS A 286 -40.44 -3.92 -26.67
CA HIS A 286 -40.94 -3.20 -27.84
C HIS A 286 -41.53 -4.14 -28.88
N ASN A 287 -40.87 -5.27 -29.08
CA ASN A 287 -41.27 -6.23 -30.11
C ASN A 287 -42.22 -7.32 -29.60
N GLY A 288 -42.55 -7.26 -28.31
CA GLY A 288 -43.50 -8.20 -27.72
C GLY A 288 -43.00 -9.64 -27.73
N VAL A 289 -41.70 -9.81 -27.52
CA VAL A 289 -41.04 -11.11 -27.65
C VAL A 289 -41.20 -12.00 -26.41
N PHE A 290 -41.32 -11.40 -25.23
CA PHE A 290 -41.47 -12.16 -23.99
C PHE A 290 -42.93 -12.21 -23.55
N THR A 291 -43.50 -13.41 -23.52
CA THR A 291 -44.88 -13.60 -23.10
C THR A 291 -45.04 -13.30 -21.60
N ASP A 292 -44.10 -13.81 -20.80
CA ASP A 292 -44.17 -13.72 -19.36
C ASP A 292 -43.31 -12.55 -18.82
N LEU A 293 -43.72 -12.02 -17.68
CA LEU A 293 -43.04 -10.93 -17.00
C LEU A 293 -41.72 -11.39 -16.40
N ARG A 294 -41.76 -12.54 -15.73
CA ARG A 294 -40.57 -13.17 -15.18
C ARG A 294 -39.45 -13.26 -16.22
N THR A 295 -39.83 -13.52 -17.46
CA THR A 295 -38.88 -13.65 -18.57
C THR A 295 -38.18 -12.31 -18.83
N ALA A 296 -38.94 -11.22 -18.78
CA ALA A 296 -38.39 -9.89 -18.99
C ALA A 296 -37.41 -9.48 -17.89
N ILE A 297 -37.61 -10.02 -16.69
CA ILE A 297 -36.70 -9.76 -15.58
C ILE A 297 -35.43 -10.58 -15.73
N LEU A 298 -35.58 -11.88 -15.96
CA LEU A 298 -34.42 -12.77 -16.11
C LEU A 298 -33.51 -12.42 -17.29
N PHE A 299 -34.06 -11.72 -18.28
CA PHE A 299 -33.27 -11.26 -19.42
C PHE A 299 -32.11 -10.37 -18.99
N TYR A 300 -32.32 -9.60 -17.93
CA TYR A 300 -31.30 -8.69 -17.42
C TYR A 300 -30.08 -9.42 -16.87
N ASN A 301 -30.25 -10.67 -16.43
CA ASN A 301 -29.15 -11.44 -15.87
C ASN A 301 -28.11 -11.91 -16.89
N LYS A 302 -28.39 -11.80 -18.18
CA LYS A 302 -27.41 -12.20 -19.20
C LYS A 302 -26.18 -11.29 -19.18
N TYR A 303 -26.32 -10.12 -18.54
CA TYR A 303 -25.24 -9.17 -18.41
C TYR A 303 -24.46 -9.32 -17.10
N THR A 304 -25.03 -10.04 -16.14
CA THR A 304 -24.43 -10.20 -14.82
C THR A 304 -24.05 -11.65 -14.45
N SER A 305 -24.86 -12.60 -14.89
CA SER A 305 -24.67 -14.00 -14.49
C SER A 305 -23.55 -14.68 -15.25
N ARG A 306 -22.67 -15.36 -14.52
CA ARG A 306 -21.66 -16.24 -15.14
C ARG A 306 -22.27 -17.59 -15.53
N ARG A 307 -23.48 -17.85 -15.08
CA ARG A 307 -24.10 -19.16 -15.23
C ARG A 307 -24.62 -19.39 -16.65
N PRO A 308 -24.65 -20.67 -17.08
CA PRO A 308 -25.13 -21.01 -18.43
C PRO A 308 -26.60 -20.73 -18.70
N GLU A 309 -27.48 -20.95 -17.72
CA GLU A 309 -28.92 -20.75 -17.93
C GLU A 309 -29.29 -19.31 -18.20
N ALA A 310 -28.45 -18.39 -17.73
CA ALA A 310 -28.65 -16.97 -18.00
C ALA A 310 -28.62 -16.68 -19.50
N LYS A 311 -27.88 -17.50 -20.24
CA LYS A 311 -27.80 -17.33 -21.70
C LYS A 311 -29.08 -17.80 -22.38
N ILE A 312 -29.82 -18.68 -21.73
CA ILE A 312 -31.02 -19.26 -22.31
C ILE A 312 -32.27 -18.44 -21.98
N ASN A 313 -33.10 -18.22 -23.00
CA ASN A 313 -34.45 -17.71 -22.84
C ASN A 313 -35.34 -18.86 -22.35
N PRO A 314 -35.92 -18.73 -21.15
CA PRO A 314 -36.66 -19.86 -20.57
C PRO A 314 -37.92 -20.21 -21.37
N GLU A 315 -38.49 -19.23 -22.07
CA GLU A 315 -39.68 -19.45 -22.91
C GLU A 315 -39.38 -20.30 -24.14
N THR A 316 -38.25 -20.02 -24.80
CA THR A 316 -37.83 -20.80 -25.97
C THR A 316 -37.01 -22.02 -25.59
N GLY A 317 -36.36 -21.96 -24.42
CA GLY A 317 -35.41 -22.99 -24.00
C GLY A 317 -34.10 -22.94 -24.76
N ALA A 318 -33.91 -21.85 -25.52
CA ALA A 318 -32.79 -21.70 -26.43
C ALA A 318 -32.12 -20.35 -26.18
N PRO A 319 -30.86 -20.20 -26.63
CA PRO A 319 -30.13 -18.94 -26.38
C PRO A 319 -30.97 -17.69 -26.66
N TRP A 320 -30.91 -16.72 -25.77
CA TRP A 320 -31.70 -15.48 -25.91
C TRP A 320 -31.73 -15.00 -27.34
N GLY A 321 -30.57 -15.04 -28.00
CA GLY A 321 -30.43 -14.65 -29.38
C GLY A 321 -29.55 -13.42 -29.44
N GLU A 322 -28.89 -13.21 -30.57
CA GLU A 322 -28.05 -12.04 -30.74
C GLU A 322 -28.93 -10.79 -30.70
N PRO A 323 -28.45 -9.70 -30.07
CA PRO A 323 -29.27 -8.50 -30.06
C PRO A 323 -29.57 -8.04 -31.47
N GLU A 324 -30.79 -7.56 -31.69
CA GLU A 324 -31.15 -6.99 -32.98
C GLU A 324 -30.17 -5.86 -33.32
N VAL A 325 -29.80 -5.07 -32.32
CA VAL A 325 -28.73 -4.09 -32.46
C VAL A 325 -27.66 -4.37 -31.40
N ALA A 326 -26.46 -4.72 -31.84
CA ALA A 326 -25.35 -5.10 -30.95
C ALA A 326 -24.70 -3.89 -30.26
N ARG A 327 -24.43 -2.83 -31.02
CA ARG A 327 -23.85 -1.62 -30.46
C ARG A 327 -24.84 -0.85 -29.57
N ASN A 328 -24.30 0.12 -28.81
CA ASN A 328 -25.08 1.04 -27.96
C ASN A 328 -25.77 0.44 -26.75
N LEU A 329 -25.32 -0.73 -26.32
CA LEU A 329 -25.90 -1.37 -25.14
C LEU A 329 -25.58 -0.53 -23.90
N SER A 330 -26.55 -0.43 -22.99
CA SER A 330 -26.33 0.27 -21.73
C SER A 330 -25.59 -0.63 -20.75
N LEU A 331 -24.34 -0.96 -21.08
CA LEU A 331 -23.57 -1.93 -20.31
C LEU A 331 -23.17 -1.41 -18.93
N ALA A 332 -22.90 -0.11 -18.82
CA ALA A 332 -22.56 0.49 -17.52
C ALA A 332 -23.63 0.17 -16.48
N GLU A 333 -24.89 0.31 -16.88
CA GLU A 333 -26.01 0.00 -15.99
C GLU A 333 -26.30 -1.49 -15.91
N LEU A 334 -26.24 -2.17 -17.06
CA LEU A 334 -26.65 -3.56 -17.17
C LEU A 334 -25.64 -4.51 -16.53
N GLN A 335 -24.36 -4.20 -16.64
CA GLN A 335 -23.31 -5.04 -16.06
C GLN A 335 -22.99 -4.62 -14.65
N SER A 336 -23.94 -4.85 -13.74
CA SER A 336 -23.85 -4.40 -12.35
C SER A 336 -22.89 -5.25 -11.50
N GLY A 337 -22.37 -6.33 -12.07
CA GLY A 337 -21.55 -7.28 -11.32
C GLY A 337 -22.35 -8.07 -10.30
N LEU A 338 -23.68 -8.03 -10.41
CA LEU A 338 -24.54 -8.72 -9.45
C LEU A 338 -25.71 -9.40 -10.15
N MET A 339 -25.81 -10.69 -9.94
CA MET A 339 -26.84 -11.51 -10.58
C MET A 339 -28.05 -11.61 -9.66
N LEU A 340 -29.24 -11.34 -10.19
CA LEU A 340 -30.49 -11.59 -9.45
C LEU A 340 -30.71 -13.08 -9.33
N ASP A 341 -30.82 -13.58 -8.11
CA ASP A 341 -31.23 -14.97 -7.89
C ASP A 341 -32.76 -15.05 -8.01
N ASP A 342 -33.28 -16.26 -8.16
CA ASP A 342 -34.73 -16.46 -8.27
C ASP A 342 -35.50 -15.78 -7.13
N GLY A 343 -34.95 -15.86 -5.93
CA GLY A 343 -35.55 -15.23 -4.75
C GLY A 343 -35.86 -13.77 -5.00
N ARG A 344 -34.90 -13.04 -5.58
CA ARG A 344 -35.08 -11.65 -5.92
C ARG A 344 -35.94 -11.47 -7.17
N VAL A 345 -35.81 -12.39 -8.12
CA VAL A 345 -36.68 -12.36 -9.30
C VAL A 345 -38.14 -12.51 -8.86
N ASP A 346 -38.38 -13.39 -7.89
CA ASP A 346 -39.70 -13.49 -7.28
C ASP A 346 -40.10 -12.15 -6.70
N ALA A 347 -39.21 -11.60 -5.87
CA ALA A 347 -39.45 -10.33 -5.21
C ALA A 347 -39.86 -9.22 -6.19
N LEU A 348 -39.17 -9.17 -7.32
CA LEU A 348 -39.44 -8.14 -8.32
C LEU A 348 -40.81 -8.33 -8.98
N VAL A 349 -41.11 -9.57 -9.39
CA VAL A 349 -42.44 -9.93 -9.92
C VAL A 349 -43.55 -9.45 -8.98
N ALA A 350 -43.36 -9.70 -7.69
CA ALA A 350 -44.30 -9.25 -6.67
C ALA A 350 -44.39 -7.73 -6.60
N PHE A 351 -43.24 -7.06 -6.53
CA PHE A 351 -43.24 -5.60 -6.46
C PHE A 351 -43.86 -4.96 -7.70
N LEU A 352 -43.52 -5.48 -8.88
CA LEU A 352 -44.11 -4.97 -10.12
C LEU A 352 -45.62 -5.19 -10.18
N GLU A 353 -46.12 -6.22 -9.50
CA GLU A 353 -47.56 -6.43 -9.44
C GLU A 353 -48.24 -5.33 -8.64
N THR A 354 -47.55 -4.78 -7.65
CA THR A 354 -48.14 -3.74 -6.80
C THR A 354 -48.39 -2.47 -7.59
N LEU A 355 -47.79 -2.38 -8.76
CA LEU A 355 -47.95 -1.25 -9.66
C LEU A 355 -49.15 -1.42 -10.59
N THR A 356 -50.01 -2.39 -10.27
CA THR A 356 -51.23 -2.64 -11.01
C THR A 356 -52.38 -1.82 -10.45
N ASP A 357 -53.17 -1.21 -11.32
CA ASP A 357 -54.27 -0.32 -10.91
C ASP A 357 -55.42 -1.10 -10.29
N ARG A 358 -56.23 -0.39 -9.50
CA ARG A 358 -57.39 -0.98 -8.82
C ARG A 358 -58.24 -1.79 -9.77
N ARG A 359 -58.67 -1.16 -10.85
CA ARG A 359 -59.64 -1.78 -11.76
C ARG A 359 -59.05 -2.95 -12.53
N TYR A 360 -57.73 -2.99 -12.65
CA TYR A 360 -57.05 -4.11 -13.30
C TYR A 360 -56.44 -5.11 -12.31
N GLU A 361 -56.68 -4.91 -11.02
CA GLU A 361 -56.25 -5.88 -10.02
C GLU A 361 -56.85 -7.27 -10.30
N PRO A 362 -58.17 -7.34 -10.58
CA PRO A 362 -58.79 -8.65 -10.88
C PRO A 362 -58.05 -9.46 -11.95
N LEU A 363 -57.48 -8.79 -12.94
CA LEU A 363 -56.74 -9.48 -14.01
C LEU A 363 -55.54 -10.30 -13.52
N LEU A 364 -55.00 -9.95 -12.36
CA LEU A 364 -53.86 -10.67 -11.79
C LEU A 364 -54.24 -12.10 -11.38
N GLU A 365 -53.32 -13.04 -11.63
CA GLU A 365 -53.56 -14.46 -11.39
C GLU A 365 -52.27 -15.27 -11.55
N ALA B 12 62.94 -16.76 30.69
CA ALA B 12 62.32 -17.79 29.81
C ALA B 12 61.59 -17.14 28.63
N ASP B 13 60.52 -16.39 28.93
CA ASP B 13 59.76 -15.67 27.90
C ASP B 13 60.62 -14.58 27.24
N ASP B 14 61.50 -13.95 28.02
CA ASP B 14 62.43 -12.94 27.51
C ASP B 14 63.53 -13.60 26.67
N ALA B 15 64.05 -14.73 27.16
CA ALA B 15 65.17 -15.43 26.53
C ALA B 15 64.77 -16.30 25.33
N LEU B 16 63.56 -16.86 25.34
CA LEU B 16 63.09 -17.68 24.22
C LEU B 16 63.00 -16.84 22.96
N ALA B 17 62.37 -15.69 23.10
CA ALA B 17 62.28 -14.71 22.02
C ALA B 17 63.67 -14.29 21.52
N ALA B 18 64.62 -14.19 22.45
CA ALA B 18 66.01 -13.88 22.11
C ALA B 18 66.63 -14.96 21.21
N LEU B 19 66.28 -16.21 21.45
CA LEU B 19 66.76 -17.29 20.60
C LEU B 19 66.08 -17.26 19.22
N GLY B 20 64.79 -16.94 19.18
CA GLY B 20 64.09 -16.74 17.92
C GLY B 20 64.74 -15.66 17.08
N ALA B 21 65.07 -14.55 17.73
CA ALA B 21 65.80 -13.44 17.09
C ALA B 21 67.06 -13.92 16.38
N GLN B 22 67.86 -14.73 17.08
CA GLN B 22 69.04 -15.36 16.50
C GLN B 22 68.67 -16.19 15.28
N LEU B 23 67.73 -17.12 15.46
CA LEU B 23 67.27 -18.03 14.40
C LEU B 23 66.67 -17.28 13.22
N PHE B 24 65.83 -16.28 13.51
CA PHE B 24 65.15 -15.49 12.49
C PHE B 24 66.11 -14.97 11.41
N VAL B 25 67.26 -14.43 11.84
CA VAL B 25 68.26 -13.85 10.92
C VAL B 25 69.38 -14.81 10.49
N ASP B 26 69.33 -16.06 10.93
CA ASP B 26 70.41 -17.01 10.68
C ASP B 26 70.22 -17.76 9.36
N PRO B 27 71.12 -17.53 8.38
CA PRO B 27 70.99 -18.18 7.08
C PRO B 27 71.35 -19.67 7.07
N ALA B 28 71.86 -20.20 8.18
CA ALA B 28 72.22 -21.61 8.28
C ALA B 28 71.00 -22.56 8.24
N LEU B 29 69.80 -22.00 8.35
CA LEU B 29 68.57 -22.77 8.19
C LEU B 29 68.15 -22.92 6.72
N SER B 30 69.02 -22.54 5.79
CA SER B 30 68.79 -22.77 4.36
C SER B 30 69.87 -23.68 3.78
N ARG B 31 69.49 -24.47 2.77
CA ARG B 31 70.34 -25.53 2.21
C ARG B 31 71.70 -25.03 1.75
N ASN B 32 71.69 -24.03 0.88
CA ASN B 32 72.90 -23.41 0.39
C ASN B 32 73.39 -22.30 1.31
N ALA B 33 72.73 -22.13 2.46
CA ALA B 33 73.12 -21.19 3.51
C ALA B 33 73.02 -19.73 3.04
N THR B 34 72.05 -19.44 2.18
CA THR B 34 71.91 -18.13 1.56
C THR B 34 70.67 -17.37 2.03
N GLN B 35 69.90 -17.98 2.95
CA GLN B 35 68.55 -17.50 3.22
C GLN B 35 68.12 -17.68 4.67
N SER B 36 67.43 -16.68 5.21
CA SER B 36 66.87 -16.71 6.55
C SER B 36 65.43 -16.20 6.48
N CYS B 37 64.73 -16.21 7.62
CA CYS B 37 63.39 -15.62 7.68
C CYS B 37 63.48 -14.18 7.20
N ALA B 38 64.43 -13.47 7.78
CA ALA B 38 64.70 -12.07 7.46
C ALA B 38 64.84 -11.84 5.95
N THR B 39 65.42 -12.80 5.24
CA THR B 39 65.56 -12.68 3.79
C THR B 39 64.22 -12.34 3.14
N CYS B 40 63.26 -13.26 3.22
CA CYS B 40 61.92 -13.06 2.65
C CYS B 40 61.03 -12.20 3.53
N HIS B 41 61.28 -12.19 4.84
CA HIS B 41 60.50 -11.37 5.77
C HIS B 41 61.38 -10.30 6.40
N ASP B 42 61.73 -9.30 5.60
CA ASP B 42 62.72 -8.32 5.99
C ASP B 42 62.23 -7.35 7.08
N PRO B 43 62.94 -7.30 8.22
CA PRO B 43 62.54 -6.36 9.27
C PRO B 43 62.48 -4.91 8.79
N ALA B 44 63.27 -4.56 7.79
CA ALA B 44 63.26 -3.21 7.22
C ALA B 44 62.04 -2.94 6.33
N ARG B 45 61.26 -3.97 6.00
CA ARG B 45 60.07 -3.81 5.16
C ARG B 45 58.88 -4.56 5.75
N ALA B 46 58.56 -4.22 7.00
CA ALA B 46 57.40 -4.82 7.68
C ALA B 46 57.41 -6.35 7.59
N PHE B 47 58.62 -6.92 7.60
CA PHE B 47 58.81 -8.36 7.50
C PHE B 47 58.19 -8.91 6.21
N THR B 48 58.51 -8.26 5.10
CA THR B 48 58.14 -8.72 3.76
C THR B 48 59.39 -8.76 2.88
N ASP B 49 59.25 -9.23 1.64
CA ASP B 49 60.39 -9.45 0.76
C ASP B 49 60.61 -8.25 -0.16
N PRO B 50 61.72 -7.53 0.02
CA PRO B 50 62.03 -6.42 -0.88
C PRO B 50 62.67 -6.89 -2.20
N ARG B 51 62.99 -8.17 -2.30
CA ARG B 51 63.72 -8.72 -3.45
C ARG B 51 62.84 -8.84 -4.69
N GLU B 52 63.48 -8.79 -5.85
CA GLU B 52 62.81 -8.89 -7.15
C GLU B 52 62.97 -10.30 -7.69
N GLY B 53 61.94 -10.81 -8.33
CA GLY B 53 61.98 -12.12 -8.98
C GLY B 53 61.40 -12.02 -10.37
N LYS B 54 61.03 -13.16 -10.93
CA LYS B 54 60.47 -13.23 -12.27
C LYS B 54 59.10 -12.56 -12.29
N ALA B 55 58.38 -12.67 -11.17
CA ALA B 55 57.08 -12.02 -11.00
C ALA B 55 57.18 -10.73 -10.18
N GLY B 56 58.35 -10.09 -10.22
CA GLY B 56 58.57 -8.85 -9.49
C GLY B 56 58.65 -9.08 -8.00
N LEU B 57 57.82 -8.36 -7.24
CA LEU B 57 57.71 -8.57 -5.80
C LEU B 57 56.46 -9.38 -5.44
N ALA B 58 55.82 -9.98 -6.45
CA ALA B 58 54.61 -10.75 -6.25
C ALA B 58 54.89 -11.99 -5.43
N VAL B 59 55.90 -12.75 -5.86
CA VAL B 59 56.30 -13.98 -5.16
C VAL B 59 57.80 -13.96 -4.88
N SER B 60 58.21 -14.69 -3.85
CA SER B 60 59.58 -14.67 -3.36
C SER B 60 60.40 -15.83 -3.90
N VAL B 61 61.70 -15.61 -4.05
CA VAL B 61 62.63 -16.62 -4.57
C VAL B 61 63.28 -17.39 -3.42
N GLY B 62 63.31 -18.72 -3.55
CA GLY B 62 63.86 -19.58 -2.52
C GLY B 62 65.37 -19.59 -2.43
N ASP B 63 65.88 -20.50 -1.61
CA ASP B 63 67.31 -20.61 -1.31
C ASP B 63 68.16 -21.03 -2.52
N ASP B 64 67.58 -21.81 -3.42
CA ASP B 64 68.29 -22.22 -4.64
C ASP B 64 68.48 -21.07 -5.63
N GLY B 65 67.78 -19.95 -5.42
CA GLY B 65 67.86 -18.80 -6.31
C GLY B 65 67.09 -18.98 -7.61
N GLN B 66 66.23 -20.00 -7.67
CA GLN B 66 65.47 -20.34 -8.88
C GLN B 66 63.97 -20.50 -8.61
N SER B 67 63.63 -21.22 -7.54
CA SER B 67 62.24 -21.60 -7.28
C SER B 67 61.43 -20.46 -6.69
N HIS B 68 60.28 -20.19 -7.31
CA HIS B 68 59.38 -19.12 -6.88
C HIS B 68 58.11 -19.68 -6.27
N GLY B 69 57.60 -18.98 -5.27
CA GLY B 69 56.30 -19.31 -4.69
C GLY B 69 55.19 -18.87 -5.62
N ASP B 70 53.97 -19.26 -5.27
CA ASP B 70 52.77 -18.89 -6.03
C ASP B 70 51.99 -17.81 -5.29
N ARG B 71 52.45 -17.44 -4.10
CA ARG B 71 51.78 -16.45 -3.28
C ARG B 71 52.75 -15.41 -2.72
N ASN B 72 52.19 -14.23 -2.45
CA ASN B 72 52.95 -13.09 -1.94
C ASN B 72 53.33 -13.30 -0.49
N THR B 73 54.56 -12.92 -0.15
CA THR B 73 55.04 -13.01 1.22
C THR B 73 54.37 -11.92 2.07
N PRO B 74 53.54 -12.34 3.05
CA PRO B 74 52.86 -11.37 3.89
C PRO B 74 53.76 -10.80 5.00
N THR B 75 53.28 -9.77 5.68
CA THR B 75 53.95 -9.24 6.86
C THR B 75 53.89 -10.24 8.00
N LEU B 76 54.83 -10.14 8.94
CA LEU B 76 54.75 -10.89 10.20
C LEU B 76 54.27 -10.01 11.33
N GLY B 77 54.24 -8.70 11.09
CA GLY B 77 53.71 -7.76 12.06
C GLY B 77 52.26 -8.07 12.36
N TYR B 78 51.92 -8.08 13.65
CA TYR B 78 50.55 -8.35 14.09
C TYR B 78 49.99 -9.72 13.70
N ALA B 79 50.85 -10.62 13.22
CA ALA B 79 50.43 -11.97 12.87
C ALA B 79 50.24 -12.79 14.14
N ALA B 80 50.85 -12.30 15.23
CA ALA B 80 50.69 -12.86 16.56
C ALA B 80 49.34 -12.54 17.18
N LEU B 81 48.55 -11.66 16.56
CA LEU B 81 47.23 -11.29 17.07
C LEU B 81 46.12 -12.19 16.52
N VAL B 82 46.46 -13.05 15.56
CA VAL B 82 45.47 -13.86 14.86
C VAL B 82 45.16 -15.12 15.64
N PRO B 83 43.87 -15.35 15.96
CA PRO B 83 43.60 -16.59 16.69
C PRO B 83 44.04 -17.81 15.91
N ALA B 84 44.27 -18.91 16.61
CA ALA B 84 44.58 -20.15 15.94
C ALA B 84 43.40 -20.55 15.05
N PHE B 85 43.68 -21.26 13.97
CA PHE B 85 42.63 -21.62 13.03
C PHE B 85 41.49 -22.33 13.75
N HIS B 86 40.27 -21.89 13.47
CA HIS B 86 39.08 -22.49 14.05
C HIS B 86 37.85 -22.19 13.19
N ARG B 87 36.72 -22.73 13.60
CA ARG B 87 35.45 -22.55 12.90
C ARG B 87 34.37 -22.25 13.92
N ASP B 88 33.81 -21.05 13.87
CA ASP B 88 32.80 -20.64 14.86
C ASP B 88 31.42 -21.15 14.46
N ALA B 89 30.46 -20.97 15.38
CA ALA B 89 29.12 -21.53 15.25
C ALA B 89 28.37 -21.11 13.97
N ASN B 90 28.79 -20.01 13.36
CA ASN B 90 28.26 -19.56 12.07
C ASN B 90 28.59 -20.53 10.93
N GLY B 91 29.62 -21.36 11.13
CA GLY B 91 30.12 -22.25 10.09
C GLY B 91 31.17 -21.57 9.23
N LYS B 92 31.62 -20.40 9.69
CA LYS B 92 32.60 -19.61 8.98
C LYS B 92 33.95 -19.77 9.67
N TYR B 93 34.97 -20.11 8.88
CA TYR B 93 36.30 -20.33 9.41
C TYR B 93 36.98 -19.01 9.75
N LYS B 94 37.88 -19.07 10.73
CA LYS B 94 38.60 -17.90 11.21
C LYS B 94 40.02 -18.29 11.59
N GLY B 95 40.92 -17.31 11.55
CA GLY B 95 42.25 -17.45 12.13
C GLY B 95 43.20 -18.29 11.32
N GLY B 96 44.26 -18.75 11.97
CA GLY B 96 45.28 -19.54 11.30
C GLY B 96 46.42 -18.68 10.75
N GLN B 97 47.28 -19.34 9.99
CA GLN B 97 48.41 -18.71 9.35
C GLN B 97 48.55 -19.22 7.93
N PHE B 98 49.10 -18.39 7.06
CA PHE B 98 49.17 -18.58 5.59
C PHE B 98 47.92 -17.99 4.97
N TRP B 99 48.03 -17.60 3.70
CA TRP B 99 46.90 -17.03 2.95
C TRP B 99 45.71 -17.99 2.86
N ASP B 100 45.99 -19.29 2.88
CA ASP B 100 44.93 -20.31 2.88
C ASP B 100 44.70 -20.90 4.26
N GLY B 101 45.32 -20.31 5.28
CA GLY B 101 45.18 -20.76 6.66
C GLY B 101 45.51 -22.22 6.90
N ARG B 102 46.41 -22.78 6.09
CA ARG B 102 46.72 -24.22 6.22
C ARG B 102 47.55 -24.50 7.47
N ALA B 103 48.18 -23.46 8.03
CA ALA B 103 48.85 -23.54 9.33
C ALA B 103 47.91 -23.09 10.46
N ASP B 104 47.87 -23.88 11.54
CA ASP B 104 47.06 -23.57 12.73
C ASP B 104 47.44 -22.26 13.39
N ASP B 105 48.76 -22.04 13.52
CA ASP B 105 49.31 -20.95 14.31
C ASP B 105 50.77 -20.68 13.94
N LEU B 106 51.37 -19.67 14.55
CA LEU B 106 52.75 -19.28 14.24
C LEU B 106 53.78 -20.39 14.43
N LYS B 107 53.59 -21.24 15.43
CA LYS B 107 54.53 -22.33 15.70
C LYS B 107 54.53 -23.37 14.57
N GLN B 108 53.35 -23.80 14.15
N GLN B 108 53.35 -23.81 14.15
CA GLN B 108 53.24 -24.81 13.09
CA GLN B 108 53.25 -24.81 13.08
C GLN B 108 53.70 -24.21 11.76
C GLN B 108 53.68 -24.21 11.74
N ASN B 109 53.34 -22.94 11.55
CA ASN B 109 53.76 -22.21 10.37
C ASN B 109 55.28 -22.19 10.19
N ALA B 110 56.00 -21.83 11.25
CA ALA B 110 57.45 -21.60 11.20
C ALA B 110 58.27 -22.71 10.53
N GLY B 111 57.88 -23.96 10.73
CA GLY B 111 58.64 -25.08 10.19
C GLY B 111 58.58 -25.22 8.68
N GLN B 112 57.47 -24.78 8.10
CA GLN B 112 57.17 -25.05 6.69
C GLN B 112 58.11 -24.33 5.70
N PRO B 113 58.45 -23.05 5.95
CA PRO B 113 59.47 -22.40 5.10
C PRO B 113 60.79 -23.15 5.02
N MET B 114 61.25 -23.67 6.16
CA MET B 114 62.54 -24.34 6.27
C MET B 114 62.65 -25.58 5.37
N LEU B 115 61.58 -26.37 5.33
CA LEU B 115 61.58 -27.65 4.63
C LEU B 115 61.16 -27.53 3.18
N ASN B 116 60.45 -26.46 2.83
CA ASN B 116 59.88 -26.31 1.50
C ASN B 116 60.96 -26.14 0.42
N PRO B 117 61.04 -27.09 -0.54
CA PRO B 117 62.04 -27.01 -1.61
C PRO B 117 62.07 -25.67 -2.36
N VAL B 118 60.91 -25.04 -2.55
CA VAL B 118 60.85 -23.78 -3.28
C VAL B 118 61.20 -22.57 -2.38
N GLU B 119 61.38 -22.82 -1.08
CA GLU B 119 61.79 -21.79 -0.14
C GLU B 119 63.19 -22.11 0.41
N MET B 120 63.32 -22.43 1.70
CA MET B 120 64.64 -22.61 2.34
C MET B 120 65.27 -23.95 1.96
N ALA B 121 64.43 -24.92 1.61
CA ALA B 121 64.85 -26.14 0.91
C ALA B 121 65.81 -27.04 1.68
N MET B 122 65.72 -27.04 3.01
CA MET B 122 66.46 -28.01 3.82
C MET B 122 65.81 -29.38 3.59
N PRO B 123 66.62 -30.41 3.31
CA PRO B 123 66.08 -31.70 2.87
C PRO B 123 65.15 -32.35 3.91
N ASP B 124 65.45 -32.12 5.19
CA ASP B 124 64.68 -32.72 6.28
C ASP B 124 65.05 -32.05 7.62
N ARG B 125 64.37 -32.50 8.69
CA ARG B 125 64.59 -31.95 10.03
C ARG B 125 65.99 -32.25 10.57
N ALA B 126 66.58 -33.35 10.13
CA ALA B 126 67.92 -33.73 10.57
C ALA B 126 68.96 -32.73 10.11
N ALA B 127 68.85 -32.30 8.86
CA ALA B 127 69.79 -31.34 8.27
C ALA B 127 69.73 -30.00 8.99
N VAL B 128 68.54 -29.63 9.49
CA VAL B 128 68.37 -28.41 10.27
C VAL B 128 69.10 -28.55 11.59
N ALA B 129 68.88 -29.67 12.29
CA ALA B 129 69.51 -29.92 13.57
C ALA B 129 71.03 -29.93 13.47
N ALA B 130 71.55 -30.50 12.39
CA ALA B 130 73.00 -30.57 12.16
C ALA B 130 73.61 -29.19 11.96
N ARG B 131 72.81 -28.24 11.46
CA ARG B 131 73.24 -26.86 11.34
C ARG B 131 73.28 -26.18 12.71
N LEU B 132 72.27 -26.46 13.52
CA LEU B 132 72.16 -25.86 14.87
C LEU B 132 73.32 -26.29 15.79
N ARG B 133 73.73 -27.56 15.71
CA ARG B 133 74.83 -28.08 16.54
C ARG B 133 76.14 -27.37 16.27
N ASP B 134 76.38 -27.01 15.00
CA ASP B 134 77.64 -26.38 14.59
C ASP B 134 77.84 -24.98 15.15
N ASP B 135 76.79 -24.39 15.73
CA ASP B 135 76.90 -23.09 16.40
C ASP B 135 76.97 -23.30 17.92
N PRO B 136 78.09 -22.94 18.56
CA PRO B 136 78.23 -22.96 20.03
C PRO B 136 77.19 -22.10 20.77
N ALA B 137 76.77 -21.01 20.14
CA ALA B 137 75.76 -20.13 20.71
C ALA B 137 74.43 -20.85 20.90
N TYR B 138 74.03 -21.62 19.89
CA TYR B 138 72.79 -22.38 19.96
C TYR B 138 72.88 -23.49 20.99
N ARG B 139 73.92 -24.31 20.92
CA ARG B 139 74.10 -25.37 21.91
C ARG B 139 73.87 -24.80 23.31
N THR B 140 74.41 -23.63 23.59
CA THR B 140 74.19 -22.95 24.87
C THR B 140 72.74 -22.45 25.02
N GLY B 141 72.26 -21.73 24.01
CA GLY B 141 70.95 -21.06 24.08
C GLY B 141 69.78 -22.01 24.04
N PHE B 142 69.83 -22.97 23.12
CA PHE B 142 68.80 -24.00 23.01
C PHE B 142 68.75 -24.88 24.26
N GLU B 143 69.92 -25.24 24.78
CA GLU B 143 70.01 -26.14 25.94
C GLU B 143 69.63 -25.46 27.25
N ALA B 144 69.60 -24.13 27.27
CA ALA B 144 69.16 -23.40 28.45
C ALA B 144 67.63 -23.33 28.51
N LEU B 145 66.99 -23.25 27.35
CA LEU B 145 65.53 -23.12 27.26
C LEU B 145 64.82 -24.46 27.16
N PHE B 146 65.37 -25.37 26.36
CA PHE B 146 64.77 -26.67 26.10
C PHE B 146 65.56 -27.83 26.68
N GLY B 147 66.70 -27.54 27.32
CA GLY B 147 67.47 -28.57 28.00
C GLY B 147 68.54 -29.23 27.16
N LYS B 148 69.39 -30.02 27.81
CA LYS B 148 70.51 -30.70 27.16
C LYS B 148 70.02 -31.74 26.17
N GLY B 149 70.77 -31.90 25.08
CA GLY B 149 70.44 -32.88 24.04
C GLY B 149 69.41 -32.43 23.01
N VAL B 150 68.74 -31.31 23.27
CA VAL B 150 67.71 -30.79 22.37
C VAL B 150 68.15 -30.71 20.91
N LEU B 151 69.42 -30.38 20.68
CA LEU B 151 69.92 -30.27 19.31
C LEU B 151 70.30 -31.61 18.69
N ASP B 152 70.48 -32.64 19.52
CA ASP B 152 70.75 -34.00 19.03
C ASP B 152 69.48 -34.73 18.55
N ASP B 153 68.31 -34.15 18.82
CA ASP B 153 67.02 -34.72 18.41
C ASP B 153 66.36 -33.84 17.35
N PRO B 154 66.37 -34.27 16.07
CA PRO B 154 65.84 -33.46 14.96
C PRO B 154 64.42 -32.96 15.16
N GLU B 155 63.56 -33.79 15.73
CA GLU B 155 62.15 -33.43 15.92
C GLU B 155 62.02 -32.37 17.01
N ARG B 156 62.72 -32.56 18.12
CA ARG B 156 62.74 -31.59 19.21
C ARG B 156 63.47 -30.30 18.82
N ALA B 157 64.56 -30.44 18.06
CA ALA B 157 65.34 -29.29 17.60
C ALA B 157 64.55 -28.42 16.62
N PHE B 158 63.94 -29.08 15.65
CA PHE B 158 63.14 -28.42 14.62
C PHE B 158 61.98 -27.66 15.24
N ASP B 159 61.32 -28.31 16.20
CA ASP B 159 60.12 -27.75 16.82
C ASP B 159 60.47 -26.66 17.83
N ALA B 160 61.62 -26.80 18.50
CA ALA B 160 62.11 -25.78 19.43
C ALA B 160 62.39 -24.51 18.68
N ALA B 161 63.13 -24.65 17.57
CA ALA B 161 63.46 -23.52 16.71
C ALA B 161 62.19 -22.79 16.29
N ALA B 162 61.19 -23.58 15.89
CA ALA B 162 59.90 -23.06 15.47
C ALA B 162 59.24 -22.26 16.57
N GLU B 163 59.21 -22.82 17.78
CA GLU B 163 58.57 -22.14 18.91
C GLU B 163 59.31 -20.88 19.29
N ALA B 164 60.64 -20.93 19.25
CA ALA B 164 61.46 -19.73 19.43
C ALA B 164 61.07 -18.70 18.39
N LEU B 165 60.95 -19.12 17.14
CA LEU B 165 60.55 -18.22 16.08
C LEU B 165 59.17 -17.62 16.33
N ALA B 166 58.23 -18.43 16.79
CA ALA B 166 56.90 -17.95 17.18
C ALA B 166 56.98 -16.94 18.33
N ALA B 167 57.88 -17.20 19.28
CA ALA B 167 57.98 -16.40 20.50
C ALA B 167 58.55 -15.04 20.18
N TYR B 168 59.54 -15.02 19.29
CA TYR B 168 60.13 -13.79 18.79
C TYR B 168 59.07 -12.95 18.08
N GLN B 169 58.16 -13.61 17.37
CA GLN B 169 57.15 -12.90 16.59
C GLN B 169 56.03 -12.31 17.44
N ALA B 170 55.92 -12.76 18.69
CA ALA B 170 54.88 -12.29 19.61
C ALA B 170 55.35 -11.10 20.44
N THR B 171 56.64 -10.78 20.34
CA THR B 171 57.21 -9.67 21.09
C THR B 171 56.70 -8.31 20.61
N GLY B 172 56.86 -7.30 21.46
CA GLY B 172 56.51 -5.92 21.09
C GLY B 172 57.08 -5.49 19.76
N GLU B 173 58.22 -6.04 19.37
CA GLU B 173 58.86 -5.69 18.11
C GLU B 173 57.96 -5.91 16.90
N PHE B 174 57.26 -7.04 16.86
CA PHE B 174 56.43 -7.36 15.71
C PHE B 174 55.03 -6.72 15.76
N SER B 175 54.57 -6.34 16.94
CA SER B 175 53.24 -5.76 17.07
C SER B 175 53.26 -4.62 18.07
N PRO B 176 53.99 -3.54 17.77
CA PRO B 176 54.18 -2.47 18.74
C PRO B 176 52.97 -1.57 18.97
N PHE B 177 52.03 -1.55 18.01
CA PHE B 177 50.87 -0.64 18.05
C PHE B 177 51.29 0.81 18.29
N ASP B 178 52.27 1.27 17.53
CA ASP B 178 52.71 2.65 17.58
C ASP B 178 52.46 3.32 16.24
N SER B 179 51.46 2.84 15.51
CA SER B 179 51.03 3.50 14.27
C SER B 179 50.31 4.80 14.64
N LYS B 180 50.11 5.67 13.66
CA LYS B 180 49.36 6.89 13.92
C LYS B 180 47.95 6.58 14.42
N TYR B 181 47.32 5.57 13.83
CA TYR B 181 45.99 5.12 14.27
C TYR B 181 45.96 4.92 15.78
N ASP B 182 46.96 4.19 16.27
CA ASP B 182 47.07 3.86 17.68
C ASP B 182 47.24 5.10 18.55
N ARG B 183 48.03 6.04 18.08
CA ARG B 183 48.24 7.30 18.81
C ARG B 183 46.95 8.12 18.80
N VAL B 184 46.25 8.12 17.66
CA VAL B 184 44.98 8.84 17.56
C VAL B 184 43.89 8.21 18.43
N MET B 185 43.88 6.89 18.53
CA MET B 185 42.88 6.21 19.37
C MET B 185 43.15 6.41 20.87
N ARG B 186 44.34 6.89 21.21
CA ARG B 186 44.66 7.29 22.58
C ARG B 186 44.40 8.77 22.84
N GLY B 187 44.38 9.57 21.77
CA GLY B 187 44.27 11.02 21.89
C GLY B 187 45.63 11.67 22.06
N GLU B 188 46.69 10.92 21.77
CA GLU B 188 48.05 11.45 21.72
C GLU B 188 48.15 12.48 20.60
N GLU B 189 47.50 12.18 19.47
CA GLU B 189 47.33 13.16 18.38
C GLU B 189 46.06 12.88 17.59
N LYS B 190 45.71 13.78 16.66
CA LYS B 190 44.48 13.67 15.88
C LYS B 190 44.72 13.11 14.48
N PHE B 191 43.63 12.68 13.85
CA PHE B 191 43.64 12.32 12.44
C PHE B 191 43.75 13.59 11.64
N THR B 192 44.23 13.48 10.41
CA THR B 192 44.01 14.54 9.44
C THR B 192 42.56 14.42 8.97
N PRO B 193 41.96 15.52 8.50
CA PRO B 193 40.57 15.43 8.01
C PRO B 193 40.35 14.31 6.97
N LEU B 194 41.33 14.10 6.12
CA LEU B 194 41.27 13.08 5.08
C LEU B 194 41.28 11.69 5.69
N GLU B 195 42.22 11.46 6.61
CA GLU B 195 42.28 10.22 7.37
C GLU B 195 40.96 9.97 8.12
N GLU B 196 40.42 11.01 8.75
CA GLU B 196 39.19 10.86 9.52
C GLU B 196 37.99 10.50 8.64
N PHE B 197 37.93 11.07 7.44
CA PHE B 197 36.95 10.68 6.45
C PHE B 197 37.23 9.26 6.01
N GLY B 198 38.51 8.91 5.87
CA GLY B 198 38.91 7.57 5.50
C GLY B 198 38.46 6.57 6.53
N TYR B 199 38.70 6.91 7.80
CA TYR B 199 38.24 6.13 8.93
C TYR B 199 36.72 5.97 8.88
N THR B 200 36.01 7.10 8.74
CA THR B 200 34.54 7.10 8.73
C THR B 200 33.95 6.21 7.63
N VAL B 201 34.53 6.27 6.43
CA VAL B 201 34.12 5.42 5.32
C VAL B 201 34.39 3.97 5.65
N PHE B 202 35.59 3.71 6.15
CA PHE B 202 36.00 2.35 6.49
C PHE B 202 35.00 1.68 7.43
N ILE B 203 34.49 2.43 8.40
CA ILE B 203 33.59 1.92 9.42
C ILE B 203 32.11 2.04 9.06
N THR B 204 31.80 2.61 7.90
CA THR B 204 30.41 2.66 7.42
C THR B 204 30.15 1.81 6.17
N TRP B 205 31.18 1.63 5.34
CA TRP B 205 31.07 0.84 4.11
C TRP B 205 31.41 -0.61 4.40
N ASN B 206 31.28 -1.46 3.37
CA ASN B 206 31.47 -2.90 3.53
C ASN B 206 32.82 -3.37 4.05
N CYS B 207 33.86 -2.52 3.97
CA CYS B 207 35.17 -2.84 4.55
C CYS B 207 35.06 -3.37 5.97
N ARG B 208 34.29 -2.64 6.79
CA ARG B 208 34.11 -2.98 8.19
C ARG B 208 33.62 -4.41 8.37
N LEU B 209 32.83 -4.90 7.42
CA LEU B 209 32.25 -6.24 7.51
C LEU B 209 33.31 -7.34 7.47
N CYS B 210 34.45 -7.04 6.82
CA CYS B 210 35.55 -7.99 6.70
C CYS B 210 36.85 -7.53 7.39
N HIS B 211 37.10 -6.22 7.44
CA HIS B 211 38.36 -5.70 7.99
C HIS B 211 38.24 -4.99 9.34
N MET B 212 37.36 -5.49 10.18
CA MET B 212 37.35 -5.15 11.58
C MET B 212 37.41 -6.44 12.37
N GLN B 213 38.14 -6.41 13.48
CA GLN B 213 38.28 -7.58 14.33
C GLN B 213 36.92 -8.13 14.73
N ARG B 214 35.97 -7.23 14.97
CA ARG B 214 34.66 -7.58 15.51
C ARG B 214 33.53 -7.13 14.60
N LYS B 215 32.37 -7.78 14.77
CA LYS B 215 31.12 -7.40 14.11
C LYS B 215 30.56 -6.14 14.76
N GLN B 216 30.59 -6.11 16.10
CA GLN B 216 30.22 -4.92 16.87
C GLN B 216 31.02 -4.85 18.16
N GLY B 217 30.90 -3.73 18.86
CA GLY B 217 31.71 -3.47 20.05
C GLY B 217 33.06 -2.89 19.67
N VAL B 218 34.03 -3.01 20.58
CA VAL B 218 35.35 -2.42 20.38
C VAL B 218 36.45 -3.45 20.63
N ALA B 219 37.53 -3.36 19.87
CA ALA B 219 38.68 -4.25 20.01
C ALA B 219 39.85 -3.56 20.73
N GLU B 220 40.48 -4.26 21.65
CA GLU B 220 41.60 -3.70 22.43
C GLU B 220 42.85 -3.56 21.56
N ARG B 221 43.11 -4.58 20.74
CA ARG B 221 44.27 -4.60 19.86
C ARG B 221 43.81 -4.90 18.45
N GLU B 222 43.15 -3.90 17.86
CA GLU B 222 42.61 -3.98 16.51
C GLU B 222 43.72 -4.13 15.46
N THR B 223 43.55 -5.09 14.55
CA THR B 223 44.48 -5.28 13.42
C THR B 223 43.77 -5.36 12.06
N PHE B 224 42.52 -4.92 12.04
CA PHE B 224 41.76 -4.72 10.81
C PHE B 224 41.60 -5.96 9.94
N THR B 225 41.09 -7.00 10.58
CA THR B 225 40.73 -8.24 9.92
C THR B 225 39.86 -9.03 10.88
N ASN B 226 38.74 -9.56 10.38
CA ASN B 226 37.94 -10.49 11.17
C ASN B 226 38.54 -11.90 11.15
N PHE B 227 39.68 -12.03 10.48
CA PHE B 227 40.43 -13.27 10.36
C PHE B 227 39.61 -14.34 9.63
N GLU B 228 38.59 -13.92 8.87
CA GLU B 228 37.71 -14.84 8.16
C GLU B 228 38.29 -15.17 6.78
N TYR B 229 37.61 -16.08 6.09
CA TYR B 229 38.04 -16.51 4.77
C TYR B 229 36.98 -16.18 3.75
N HIS B 230 37.35 -15.34 2.79
CA HIS B 230 36.44 -14.91 1.75
C HIS B 230 37.09 -15.00 0.39
N ASN B 231 36.27 -15.26 -0.63
CA ASN B 231 36.68 -15.17 -2.03
C ASN B 231 36.15 -13.89 -2.64
N ILE B 232 37.02 -12.90 -2.78
CA ILE B 232 36.61 -11.61 -3.37
C ILE B 232 36.65 -11.65 -4.90
N GLY B 233 37.02 -12.80 -5.47
CA GLY B 233 36.92 -13.04 -6.91
C GLY B 233 38.11 -12.53 -7.70
N LEU B 234 39.30 -12.71 -7.14
CA LEU B 234 40.54 -12.30 -7.80
C LEU B 234 40.92 -13.22 -8.95
N PRO B 235 41.50 -12.65 -10.01
CA PRO B 235 41.96 -13.45 -11.13
C PRO B 235 43.27 -14.15 -10.80
N VAL B 236 43.78 -14.96 -11.72
CA VAL B 236 45.13 -15.50 -11.60
C VAL B 236 46.12 -14.38 -11.91
N ASN B 237 47.20 -14.30 -11.16
CA ASN B 237 48.33 -13.43 -11.51
C ASN B 237 49.24 -14.24 -12.43
N GLU B 238 49.02 -14.10 -13.73
CA GLU B 238 49.66 -14.95 -14.72
C GLU B 238 51.18 -14.96 -14.62
N THR B 239 51.78 -13.81 -14.37
CA THR B 239 53.23 -13.72 -14.27
C THR B 239 53.73 -14.57 -13.09
N ALA B 240 53.11 -14.41 -11.94
CA ALA B 240 53.46 -15.20 -10.74
C ALA B 240 53.13 -16.69 -10.91
N ARG B 241 51.97 -16.98 -11.52
CA ARG B 241 51.56 -18.36 -11.78
C ARG B 241 52.56 -19.06 -12.69
N GLU B 242 53.11 -18.32 -13.67
CA GLU B 242 54.10 -18.88 -14.58
C GLU B 242 55.41 -19.18 -13.87
N ALA B 243 55.86 -18.24 -13.04
CA ALA B 243 57.11 -18.38 -12.28
C ALA B 243 57.02 -19.50 -11.25
N SER B 244 55.84 -19.68 -10.65
CA SER B 244 55.61 -20.79 -9.73
C SER B 244 55.75 -22.13 -10.44
N GLY B 245 55.40 -22.15 -11.73
CA GLY B 245 55.54 -23.35 -12.55
C GLY B 245 54.45 -24.37 -12.29
N LEU B 246 53.39 -23.95 -11.59
CA LEU B 246 52.29 -24.84 -11.26
C LEU B 246 51.40 -25.10 -12.48
N GLY B 247 51.44 -24.18 -13.44
CA GLY B 247 50.83 -24.41 -14.76
C GLY B 247 49.62 -23.54 -15.06
N ALA B 248 49.21 -23.58 -16.32
CA ALA B 248 48.05 -22.82 -16.80
C ALA B 248 46.73 -23.40 -16.27
N ASP B 249 46.70 -24.71 -16.06
CA ASP B 249 45.50 -25.40 -15.57
C ASP B 249 45.35 -25.39 -14.05
N HIS B 250 46.39 -24.92 -13.33
CA HIS B 250 46.36 -24.90 -11.88
C HIS B 250 45.39 -23.85 -11.35
N VAL B 251 44.61 -24.22 -10.34
CA VAL B 251 43.68 -23.33 -9.67
C VAL B 251 44.01 -23.29 -8.18
N ASP B 252 44.44 -22.12 -7.71
CA ASP B 252 44.68 -21.93 -6.28
C ASP B 252 43.34 -21.92 -5.56
N HIS B 253 43.00 -23.05 -4.95
CA HIS B 253 41.70 -23.19 -4.27
C HIS B 253 41.66 -22.51 -2.90
N GLY B 254 42.78 -21.91 -2.48
CA GLY B 254 42.82 -21.12 -1.25
C GLY B 254 42.58 -22.01 -0.04
N LEU B 255 41.60 -21.65 0.78
CA LEU B 255 41.31 -22.37 2.00
C LEU B 255 41.01 -23.86 1.78
N LEU B 256 40.35 -24.17 0.67
CA LEU B 256 40.03 -25.57 0.34
C LEU B 256 41.30 -26.43 0.28
N ALA B 257 42.41 -25.83 -0.15
CA ALA B 257 43.70 -26.50 -0.23
C ALA B 257 44.29 -26.83 1.15
N ARG B 258 43.78 -26.20 2.21
CA ARG B 258 44.11 -26.64 3.57
C ARG B 258 43.70 -28.10 3.72
N PRO B 259 44.55 -28.92 4.35
CA PRO B 259 44.15 -30.31 4.55
C PRO B 259 42.99 -30.39 5.55
N GLY B 260 42.00 -31.23 5.24
CA GLY B 260 40.82 -31.38 6.09
C GLY B 260 39.73 -30.37 5.83
N ILE B 261 39.89 -29.59 4.76
CA ILE B 261 38.82 -28.71 4.28
C ILE B 261 38.36 -29.26 2.94
N GLU B 262 37.18 -29.91 2.95
CA GLU B 262 36.60 -30.51 1.75
C GLU B 262 35.47 -29.69 1.16
N ASP B 263 34.78 -28.92 2.01
CA ASP B 263 33.67 -28.05 1.61
C ASP B 263 33.99 -27.24 0.34
N PRO B 264 33.41 -27.63 -0.82
CA PRO B 264 33.71 -26.88 -2.04
C PRO B 264 33.24 -25.41 -2.02
N ALA B 265 32.44 -25.04 -1.03
CA ALA B 265 32.05 -23.63 -0.84
C ALA B 265 33.20 -22.79 -0.27
N GLN B 266 34.26 -23.45 0.20
CA GLN B 266 35.47 -22.73 0.65
C GLN B 266 36.51 -22.56 -0.47
N SER B 267 36.30 -23.19 -1.61
CA SER B 267 37.20 -23.02 -2.75
C SER B 267 37.25 -21.56 -3.15
N GLY B 268 38.46 -21.02 -3.21
CA GLY B 268 38.69 -19.66 -3.66
C GLY B 268 38.77 -18.66 -2.53
N ARG B 269 38.49 -19.11 -1.30
CA ARG B 269 38.49 -18.23 -0.14
C ARG B 269 39.88 -18.14 0.51
N PHE B 270 40.26 -16.93 0.93
CA PHE B 270 41.59 -16.67 1.54
C PHE B 270 41.47 -15.86 2.82
N LYS B 271 42.45 -16.00 3.71
CA LYS B 271 42.44 -15.31 5.00
C LYS B 271 42.38 -13.81 4.80
N VAL B 272 41.47 -13.14 5.52
CA VAL B 272 41.38 -11.69 5.44
C VAL B 272 42.64 -11.09 6.09
N PRO B 273 43.51 -10.46 5.27
CA PRO B 273 44.78 -9.98 5.79
C PRO B 273 44.62 -8.82 6.75
N SER B 274 45.57 -8.69 7.67
CA SER B 274 45.63 -7.50 8.51
C SER B 274 46.04 -6.36 7.61
N LEU B 275 45.35 -5.24 7.77
CA LEU B 275 45.65 -4.06 6.99
C LEU B 275 46.75 -3.21 7.63
N ARG B 276 47.27 -3.61 8.78
CA ARG B 276 48.40 -2.88 9.39
C ARG B 276 49.64 -3.01 8.50
N ASN B 277 50.40 -1.91 8.41
CA ASN B 277 51.56 -1.83 7.52
C ASN B 277 51.23 -2.08 6.03
N VAL B 278 49.95 -2.05 5.68
CA VAL B 278 49.52 -2.39 4.32
C VAL B 278 50.13 -1.41 3.32
N ALA B 279 50.26 -0.15 3.71
CA ALA B 279 50.84 0.86 2.86
C ALA B 279 52.24 0.50 2.34
N VAL B 280 53.00 -0.23 3.15
CA VAL B 280 54.39 -0.59 2.81
C VAL B 280 54.62 -2.07 2.51
N THR B 281 53.57 -2.86 2.32
CA THR B 281 53.74 -4.31 2.11
C THR B 281 53.31 -4.83 0.75
N GLY B 282 52.87 -3.95 -0.15
CA GLY B 282 52.56 -4.35 -1.53
C GLY B 282 53.61 -5.28 -2.14
N PRO B 283 53.30 -5.89 -3.30
CA PRO B 283 52.01 -5.86 -3.98
C PRO B 283 50.97 -6.62 -3.15
N TYR B 284 49.72 -6.56 -3.59
CA TYR B 284 48.60 -6.93 -2.75
C TYR B 284 47.83 -8.16 -3.20
N MET B 285 47.06 -8.70 -2.25
CA MET B 285 46.33 -9.95 -2.37
C MET B 285 47.27 -11.14 -2.26
N HIS B 286 46.68 -12.33 -2.18
CA HIS B 286 47.45 -13.55 -1.94
C HIS B 286 48.46 -13.83 -3.02
N ASN B 287 48.14 -13.44 -4.25
CA ASN B 287 49.01 -13.67 -5.38
C ASN B 287 49.71 -12.39 -5.86
N GLY B 288 49.78 -11.41 -4.97
CA GLY B 288 50.46 -10.13 -5.26
C GLY B 288 50.10 -9.56 -6.61
N VAL B 289 48.82 -9.60 -6.97
CA VAL B 289 48.35 -9.25 -8.31
C VAL B 289 48.23 -7.74 -8.52
N PHE B 290 48.03 -6.99 -7.43
CA PHE B 290 47.93 -5.53 -7.51
C PHE B 290 49.15 -4.90 -6.86
N THR B 291 49.89 -4.12 -7.65
CA THR B 291 51.04 -3.37 -7.13
C THR B 291 50.60 -2.26 -6.16
N ASP B 292 49.57 -1.51 -6.56
CA ASP B 292 49.12 -0.34 -5.80
C ASP B 292 48.10 -0.70 -4.73
N LEU B 293 48.24 -0.08 -3.57
CA LEU B 293 47.23 -0.11 -2.53
C LEU B 293 45.88 0.42 -3.05
N ARG B 294 45.93 1.39 -3.95
CA ARG B 294 44.71 1.98 -4.50
C ARG B 294 43.92 0.99 -5.38
N THR B 295 44.65 0.18 -6.15
CA THR B 295 44.03 -0.79 -7.05
C THR B 295 43.28 -1.84 -6.23
N ALA B 296 43.90 -2.25 -5.13
CA ALA B 296 43.26 -3.14 -4.16
C ALA B 296 41.91 -2.61 -3.72
N ILE B 297 41.84 -1.30 -3.45
CA ILE B 297 40.58 -0.69 -3.02
C ILE B 297 39.57 -0.60 -4.18
N LEU B 298 40.05 -0.17 -5.35
CA LEU B 298 39.19 -0.03 -6.53
C LEU B 298 38.57 -1.35 -6.99
N PHE B 299 39.29 -2.45 -6.78
CA PHE B 299 38.81 -3.77 -7.12
C PHE B 299 37.40 -4.02 -6.57
N TYR B 300 37.13 -3.48 -5.38
CA TYR B 300 35.84 -3.71 -4.72
C TYR B 300 34.68 -3.03 -5.45
N ASN B 301 34.98 -1.94 -6.17
CA ASN B 301 33.99 -1.23 -6.98
C ASN B 301 33.42 -2.07 -8.12
N LYS B 302 34.10 -3.17 -8.49
CA LYS B 302 33.61 -4.03 -9.58
C LYS B 302 32.27 -4.71 -9.24
N TYR B 303 31.96 -4.80 -7.95
CA TYR B 303 30.73 -5.44 -7.50
C TYR B 303 29.61 -4.45 -7.24
N THR B 304 29.91 -3.16 -7.35
CA THR B 304 28.97 -2.11 -6.98
C THR B 304 28.69 -1.10 -8.10
N SER B 305 29.72 -0.73 -8.84
CA SER B 305 29.62 0.37 -9.80
C SER B 305 28.96 -0.07 -11.10
N ARG B 306 28.08 0.78 -11.64
CA ARG B 306 27.50 0.56 -12.98
C ARG B 306 28.49 0.95 -14.08
N ARG B 307 29.42 1.83 -13.75
CA ARG B 307 30.33 2.40 -14.74
C ARG B 307 31.25 1.33 -15.34
N PRO B 308 31.59 1.46 -16.64
CA PRO B 308 32.47 0.47 -17.26
C PRO B 308 33.85 0.40 -16.60
N GLU B 309 34.41 1.57 -16.29
CA GLU B 309 35.73 1.71 -15.65
C GLU B 309 35.96 0.76 -14.47
N ALA B 310 34.91 0.51 -13.69
CA ALA B 310 35.02 -0.35 -12.50
C ALA B 310 35.35 -1.80 -12.84
N LYS B 311 35.09 -2.21 -14.08
CA LYS B 311 35.43 -3.56 -14.51
C LYS B 311 36.87 -3.66 -15.03
N ILE B 312 37.57 -2.52 -15.07
CA ILE B 312 38.91 -2.46 -15.61
C ILE B 312 39.93 -2.33 -14.48
N ASN B 313 40.96 -3.16 -14.53
CA ASN B 313 42.10 -3.00 -13.64
C ASN B 313 42.98 -1.83 -14.11
N PRO B 314 43.05 -0.75 -13.30
CA PRO B 314 43.83 0.41 -13.73
C PRO B 314 45.30 0.12 -14.01
N GLU B 315 45.88 -0.86 -13.33
CA GLU B 315 47.31 -1.18 -13.51
C GLU B 315 47.62 -1.81 -14.85
N THR B 316 46.64 -2.51 -15.43
CA THR B 316 46.82 -3.18 -16.74
C THR B 316 46.05 -2.51 -17.88
N GLY B 317 44.95 -1.84 -17.54
CA GLY B 317 44.04 -1.27 -18.53
C GLY B 317 43.03 -2.28 -19.06
N ALA B 318 43.16 -3.53 -18.64
CA ALA B 318 42.32 -4.63 -19.11
C ALA B 318 41.35 -5.01 -18.01
N PRO B 319 40.34 -5.83 -18.34
CA PRO B 319 39.44 -6.29 -17.29
C PRO B 319 40.21 -6.93 -16.14
N TRP B 320 39.68 -6.80 -14.93
CA TRP B 320 40.28 -7.43 -13.76
C TRP B 320 40.64 -8.86 -14.10
N GLY B 321 39.66 -9.58 -14.64
CA GLY B 321 39.85 -10.94 -15.10
C GLY B 321 38.77 -11.84 -14.56
N GLU B 322 38.63 -13.00 -15.19
CA GLU B 322 37.69 -14.00 -14.72
C GLU B 322 38.19 -14.51 -13.36
N PRO B 323 37.35 -14.45 -12.33
CA PRO B 323 37.81 -14.96 -11.03
C PRO B 323 38.45 -16.34 -11.16
N GLU B 324 39.62 -16.50 -10.55
CA GLU B 324 40.32 -17.78 -10.59
C GLU B 324 39.38 -18.90 -10.18
N VAL B 325 38.55 -18.61 -9.17
CA VAL B 325 37.45 -19.45 -8.74
C VAL B 325 36.16 -18.64 -8.80
N ALA B 326 35.29 -18.96 -9.76
CA ALA B 326 34.12 -18.14 -10.07
C ALA B 326 32.96 -18.31 -9.09
N ARG B 327 33.07 -19.28 -8.19
CA ARG B 327 32.01 -19.56 -7.22
C ARG B 327 32.45 -19.17 -5.80
N ASN B 328 31.46 -19.02 -4.91
CA ASN B 328 31.69 -18.69 -3.50
C ASN B 328 32.11 -17.26 -3.24
N LEU B 329 31.84 -16.36 -4.18
CA LEU B 329 32.16 -14.95 -4.01
C LEU B 329 31.28 -14.38 -2.90
N SER B 330 31.85 -13.50 -2.08
CA SER B 330 31.10 -12.89 -0.98
C SER B 330 30.23 -11.75 -1.51
N LEU B 331 29.32 -12.08 -2.41
CA LEU B 331 28.49 -11.07 -3.08
C LEU B 331 27.61 -10.33 -2.09
N ALA B 332 27.11 -11.04 -1.08
CA ALA B 332 26.30 -10.41 -0.03
C ALA B 332 27.02 -9.18 0.53
N GLU B 333 28.30 -9.35 0.84
CA GLU B 333 29.13 -8.27 1.37
C GLU B 333 29.59 -7.33 0.24
N LEU B 334 30.03 -7.92 -0.87
CA LEU B 334 30.63 -7.17 -1.97
C LEU B 334 29.63 -6.33 -2.76
N GLN B 335 28.41 -6.85 -2.92
CA GLN B 335 27.38 -6.14 -3.68
C GLN B 335 26.55 -5.29 -2.73
N SER B 336 27.13 -4.15 -2.37
CA SER B 336 26.55 -3.22 -1.41
C SER B 336 25.59 -2.24 -2.07
N GLY B 337 25.65 -2.16 -3.40
CA GLY B 337 24.84 -1.20 -4.14
C GLY B 337 25.33 0.24 -3.96
N LEU B 338 26.58 0.40 -3.53
CA LEU B 338 27.18 1.72 -3.33
C LEU B 338 28.61 1.68 -3.85
N MET B 339 28.91 2.56 -4.80
CA MET B 339 30.23 2.62 -5.39
C MET B 339 31.05 3.68 -4.67
N LEU B 340 32.30 3.32 -4.36
CA LEU B 340 33.27 4.27 -3.82
C LEU B 340 33.73 5.22 -4.90
N ASP B 341 33.38 6.50 -4.76
CA ASP B 341 33.98 7.54 -5.59
C ASP B 341 35.46 7.69 -5.25
N ASP B 342 36.19 8.43 -6.10
CA ASP B 342 37.62 8.66 -5.89
C ASP B 342 37.94 9.38 -4.58
N GLY B 343 37.06 10.29 -4.17
CA GLY B 343 37.21 10.96 -2.88
C GLY B 343 37.32 9.96 -1.75
N ARG B 344 36.37 9.04 -1.68
CA ARG B 344 36.36 8.01 -0.66
C ARG B 344 37.56 7.05 -0.76
N VAL B 345 38.02 6.80 -1.98
CA VAL B 345 39.21 5.97 -2.16
C VAL B 345 40.42 6.72 -1.61
N ASP B 346 40.62 7.96 -2.05
CA ASP B 346 41.70 8.80 -1.52
C ASP B 346 41.69 8.75 0.00
N ALA B 347 40.51 8.89 0.58
CA ALA B 347 40.35 8.86 2.03
C ALA B 347 40.73 7.50 2.62
N LEU B 348 40.26 6.43 2.01
CA LEU B 348 40.61 5.08 2.46
C LEU B 348 42.12 4.83 2.40
N VAL B 349 42.76 5.30 1.34
CA VAL B 349 44.21 5.18 1.21
C VAL B 349 44.89 5.91 2.38
N ALA B 350 44.42 7.11 2.69
CA ALA B 350 44.97 7.91 3.77
C ALA B 350 44.79 7.22 5.11
N PHE B 351 43.58 6.71 5.36
CA PHE B 351 43.34 5.98 6.59
C PHE B 351 44.27 4.78 6.72
N LEU B 352 44.38 4.00 5.65
CA LEU B 352 45.18 2.77 5.69
C LEU B 352 46.67 3.07 5.86
N GLU B 353 47.10 4.21 5.34
CA GLU B 353 48.47 4.67 5.58
C GLU B 353 48.74 4.91 7.07
N THR B 354 47.71 5.31 7.83
CA THR B 354 47.86 5.53 9.29
C THR B 354 48.08 4.24 10.06
N LEU B 355 47.89 3.10 9.40
CA LEU B 355 48.10 1.81 10.02
C LEU B 355 49.55 1.34 9.90
N THR B 356 50.43 2.24 9.45
CA THR B 356 51.85 1.92 9.31
C THR B 356 52.53 2.05 10.68
N ASP B 357 53.31 1.04 11.05
CA ASP B 357 54.09 1.11 12.30
C ASP B 357 55.10 2.26 12.26
N ARG B 358 55.40 2.80 13.44
CA ARG B 358 56.22 4.01 13.55
C ARG B 358 57.54 3.94 12.79
N ARG B 359 58.28 2.85 12.98
CA ARG B 359 59.58 2.67 12.31
C ARG B 359 59.50 2.42 10.80
N TYR B 360 58.28 2.28 10.27
CA TYR B 360 58.08 2.19 8.82
C TYR B 360 57.46 3.44 8.22
N GLU B 361 57.20 4.44 9.05
CA GLU B 361 56.73 5.72 8.54
C GLU B 361 57.75 6.33 7.56
N PRO B 362 59.07 6.17 7.85
CA PRO B 362 60.05 6.59 6.84
C PRO B 362 59.86 5.88 5.51
N LEU B 363 59.64 4.57 5.58
CA LEU B 363 59.44 3.73 4.40
C LEU B 363 58.11 4.01 3.68
N LEU B 364 57.24 4.78 4.31
CA LEU B 364 55.90 5.05 3.80
C LEU B 364 55.93 5.81 2.47
N GLU B 365 56.11 5.08 1.37
CA GLU B 365 56.25 5.68 0.04
C GLU B 365 55.18 5.27 -0.98
N GLU B 366 55.10 6.10 -2.03
CA GLU B 366 54.06 6.02 -3.06
C GLU B 366 52.68 6.28 -2.46
N THR C 13 -20.56 12.27 22.08
CA THR C 13 -19.40 11.33 22.11
C THR C 13 -19.64 10.12 23.04
N ASP C 14 -20.89 9.79 23.32
CA ASP C 14 -21.25 8.51 23.94
C ASP C 14 -21.59 7.57 22.79
N PRO C 15 -20.69 6.62 22.48
CA PRO C 15 -20.87 5.81 21.28
C PRO C 15 -22.10 4.89 21.33
N ARG C 16 -22.38 4.36 22.51
CA ARG C 16 -23.46 3.39 22.70
C ARG C 16 -24.84 4.04 22.82
N ALA C 17 -24.88 5.32 23.18
CA ALA C 17 -26.14 6.04 23.32
C ALA C 17 -26.93 6.03 22.01
N LYS C 18 -28.26 6.06 22.12
CA LYS C 18 -29.14 6.07 20.95
C LYS C 18 -28.72 7.17 19.99
N TRP C 19 -28.65 6.83 18.71
CA TRP C 19 -28.16 7.74 17.70
C TRP C 19 -29.14 8.88 17.48
N VAL C 20 -28.68 10.11 17.72
CA VAL C 20 -29.51 11.31 17.62
C VAL C 20 -29.22 12.04 16.31
N PRO C 21 -30.15 11.96 15.33
CA PRO C 21 -29.93 12.62 14.04
C PRO C 21 -29.99 14.14 14.14
N GLN C 22 -29.24 14.82 13.26
CA GLN C 22 -29.31 16.27 13.10
C GLN C 22 -29.28 16.63 11.62
N ASP C 23 -29.89 17.77 11.28
CA ASP C 23 -29.93 18.25 9.89
C ASP C 23 -29.14 19.55 9.76
N ASN C 24 -28.06 19.67 10.52
CA ASN C 24 -27.29 20.92 10.57
C ASN C 24 -25.81 20.80 10.17
N ASP C 25 -25.33 19.59 9.90
CA ASP C 25 -23.92 19.37 9.54
C ASP C 25 -23.70 17.98 8.96
N ILE C 26 -23.44 17.91 7.65
CA ILE C 26 -23.24 16.61 6.99
C ILE C 26 -21.89 15.97 7.27
N GLN C 27 -20.90 16.78 7.63
CA GLN C 27 -19.58 16.27 7.97
C GLN C 27 -19.51 15.55 9.31
N ALA C 28 -20.43 15.89 10.22
CA ALA C 28 -20.51 15.19 11.52
C ALA C 28 -21.13 13.83 11.32
N CYS C 29 -20.75 12.87 12.16
CA CYS C 29 -21.24 11.50 12.04
C CYS C 29 -22.70 11.36 12.46
N ASP C 30 -23.27 12.39 13.08
CA ASP C 30 -24.66 12.36 13.50
C ASP C 30 -25.64 12.97 12.48
N TYR C 31 -25.17 13.28 11.28
CA TYR C 31 -26.06 13.80 10.23
C TYR C 31 -27.13 12.79 9.86
N TRP C 32 -28.36 13.27 9.71
CA TRP C 32 -29.51 12.39 9.58
C TRP C 32 -29.37 11.39 8.44
N ARG C 33 -28.75 11.79 7.33
CA ARG C 33 -28.60 10.91 6.18
C ARG C 33 -27.50 9.86 6.33
N HIS C 34 -26.63 10.01 7.33
CA HIS C 34 -25.54 9.05 7.55
C HIS C 34 -25.93 7.95 8.51
N CYS C 35 -27.21 7.60 8.53
CA CYS C 35 -27.74 6.74 9.59
C CYS C 35 -27.19 5.31 9.50
N SER C 36 -26.82 4.88 8.31
CA SER C 36 -26.19 3.57 8.11
C SER C 36 -24.97 3.69 7.21
N ILE C 37 -24.14 4.69 7.51
CA ILE C 37 -22.91 4.91 6.77
C ILE C 37 -21.78 4.09 7.39
N ASP C 38 -20.92 3.52 6.54
CA ASP C 38 -19.70 2.84 6.98
C ASP C 38 -18.49 3.38 6.20
N GLY C 39 -17.52 3.92 6.95
CA GLY C 39 -16.28 4.40 6.37
C GLY C 39 -16.10 5.90 6.53
N ASN C 40 -16.12 6.62 5.42
CA ASN C 40 -15.80 8.05 5.41
C ASN C 40 -16.81 8.84 4.60
N ILE C 41 -17.15 10.03 5.08
CA ILE C 41 -18.08 10.91 4.38
C ILE C 41 -17.34 11.57 3.22
N CYS C 42 -17.90 11.45 2.02
CA CYS C 42 -17.24 11.95 0.81
C CYS C 42 -17.05 13.45 0.81
N ASP C 43 -17.88 14.18 1.54
CA ASP C 43 -17.77 15.63 1.64
C ASP C 43 -16.45 16.10 2.28
N CYS C 44 -15.68 15.15 2.83
CA CYS C 44 -14.40 15.46 3.47
C CYS C 44 -13.18 15.15 2.61
N SER C 45 -13.38 14.49 1.46
CA SER C 45 -12.26 14.16 0.60
C SER C 45 -12.44 14.67 -0.82
N GLY C 46 -13.31 15.65 -1.00
CA GLY C 46 -13.53 16.25 -2.32
C GLY C 46 -14.84 15.89 -2.99
N GLY C 47 -15.59 14.98 -2.39
CA GLY C 47 -16.95 14.68 -2.86
C GLY C 47 -17.93 15.67 -2.26
N SER C 48 -19.19 15.26 -2.21
CA SER C 48 -20.21 16.00 -1.48
C SER C 48 -21.21 14.99 -0.91
N LEU C 49 -22.33 15.49 -0.39
CA LEU C 49 -23.32 14.61 0.22
C LEU C 49 -23.77 13.50 -0.75
N THR C 50 -23.99 13.88 -2.01
CA THR C 50 -24.54 12.96 -3.00
C THR C 50 -23.67 12.82 -4.26
N ASN C 51 -22.38 13.18 -4.16
CA ASN C 51 -21.44 13.02 -5.27
C ASN C 51 -20.11 12.47 -4.82
N CYS C 52 -19.36 11.91 -5.77
CA CYS C 52 -18.06 11.30 -5.49
C CYS C 52 -16.90 12.29 -5.64
N PRO C 53 -15.81 12.05 -4.88
CA PRO C 53 -14.66 12.93 -5.06
C PRO C 53 -13.99 12.68 -6.41
N PRO C 54 -13.27 13.69 -6.91
CA PRO C 54 -12.66 13.54 -8.23
C PRO C 54 -11.67 12.38 -8.26
N GLY C 55 -11.67 11.65 -9.37
CA GLY C 55 -10.70 10.59 -9.60
C GLY C 55 -11.11 9.24 -9.05
N THR C 56 -12.20 9.22 -8.29
CA THR C 56 -12.79 7.98 -7.81
C THR C 56 -13.91 7.59 -8.76
N LYS C 57 -14.49 6.42 -8.54
CA LYS C 57 -15.50 5.86 -9.41
C LYS C 57 -16.77 5.57 -8.62
N LEU C 58 -17.93 5.92 -9.17
CA LEU C 58 -19.21 5.71 -8.48
C LEU C 58 -19.76 4.32 -8.77
N ALA C 59 -19.91 3.53 -7.72
CA ALA C 59 -20.54 2.22 -7.83
C ALA C 59 -22.00 2.39 -8.24
N THR C 60 -22.47 1.52 -9.13
CA THR C 60 -23.90 1.46 -9.43
C THR C 60 -24.60 0.81 -8.25
N ALA C 61 -23.96 -0.19 -7.65
CA ALA C 61 -24.52 -0.88 -6.49
C ALA C 61 -24.75 0.09 -5.33
N SER C 62 -25.60 -0.32 -4.40
CA SER C 62 -25.95 0.49 -3.25
C SER C 62 -26.47 -0.39 -2.13
N 0AF C 63 -26.58 0.19 -0.94
CA 0AF C 63 -27.33 -0.43 0.15
C 0AF C 63 -28.17 0.65 0.75
O 0AF C 63 -27.80 1.83 0.71
CB 0AF C 63 -26.37 -1.13 1.13
CG 0AF C 63 -25.67 -0.19 2.06
CD1 0AF C 63 -26.00 0.10 3.38
CD2 0AF C 63 -24.46 0.61 1.78
NE1 0AF C 63 -25.13 1.00 3.91
CE2 0AF C 63 -24.19 1.33 3.02
CE3 0AF C 63 -23.68 0.76 0.65
CZ2 0AF C 63 -23.02 2.23 3.01
O1 0AF C 63 -22.71 2.93 4.14
CZ3 0AF C 63 -22.57 1.61 0.69
CH2 0AF C 63 -22.26 2.33 1.85
N VAL C 64 -29.33 0.27 1.27
CA VAL C 64 -30.34 1.24 1.67
C VAL C 64 -30.55 1.26 3.18
N ALA C 65 -31.03 2.40 3.66
CA ALA C 65 -31.48 2.52 5.04
C ALA C 65 -32.53 3.61 5.13
N SER C 66 -33.58 3.35 5.90
CA SER C 66 -34.61 4.34 6.17
C SER C 66 -34.14 5.23 7.29
N CYS C 67 -33.58 6.38 6.94
CA CYS C 67 -33.08 7.32 7.93
C CYS C 67 -34.15 8.37 8.26
N TYR C 68 -34.39 8.57 9.55
CA TYR C 68 -35.36 9.57 10.01
C TYR C 68 -34.80 10.98 9.84
N ASN C 69 -35.53 11.83 9.13
CA ASN C 69 -35.19 13.24 9.04
C ASN C 69 -35.85 13.97 10.19
N PRO C 70 -35.04 14.57 11.09
CA PRO C 70 -35.62 15.30 12.22
C PRO C 70 -36.23 16.65 11.87
N THR C 71 -36.00 17.14 10.65
CA THR C 71 -36.51 18.46 10.25
C THR C 71 -38.00 18.39 9.96
N ASP C 72 -38.40 17.51 9.04
CA ASP C 72 -39.82 17.37 8.67
C ASP C 72 -40.50 16.18 9.35
N GLY C 73 -39.73 15.40 10.11
CA GLY C 73 -40.25 14.23 10.80
C GLY C 73 -40.62 13.08 9.87
N GLN C 74 -40.03 13.07 8.67
CA GLN C 74 -40.31 12.05 7.66
C GLN C 74 -39.08 11.19 7.41
N SER C 75 -39.27 9.88 7.39
CA SER C 75 -38.18 8.97 7.06
C SER C 75 -37.94 8.92 5.56
N TYR C 76 -36.71 8.60 5.17
CA TYR C 76 -36.33 8.54 3.77
C TYR C 76 -35.44 7.34 3.52
N LEU C 77 -35.69 6.66 2.40
CA LEU C 77 -34.81 5.59 1.95
C LEU C 77 -33.54 6.21 1.40
N ILE C 78 -32.42 5.95 2.08
CA ILE C 78 -31.11 6.43 1.65
C ILE C 78 -30.36 5.24 1.04
N ALA C 79 -30.32 5.18 -0.29
CA ALA C 79 -29.44 4.23 -0.98
C ALA C 79 -28.03 4.80 -0.97
N TYR C 80 -27.21 4.34 -0.01
CA TYR C 80 -25.82 4.76 0.09
C TYR C 80 -25.04 4.19 -1.09
N ARG C 81 -24.04 4.94 -1.55
CA ARG C 81 -23.23 4.46 -2.66
C ARG C 81 -21.76 4.80 -2.44
N ASP C 82 -20.89 3.82 -2.66
CA ASP C 82 -19.47 3.98 -2.41
C ASP C 82 -18.80 4.62 -3.60
N CYS C 83 -17.85 5.51 -3.30
CA CYS C 83 -16.91 6.00 -4.29
C CYS C 83 -15.67 5.13 -4.17
N CYS C 84 -15.16 4.69 -5.31
CA CYS C 84 -14.18 3.61 -5.33
C CYS C 84 -12.97 3.89 -6.22
N GLY C 85 -11.95 3.04 -6.05
CA GLY C 85 -10.75 3.12 -6.86
C GLY C 85 -9.63 3.89 -6.19
N TYR C 86 -9.85 4.25 -4.92
CA TYR C 86 -8.87 5.00 -4.13
C TYR C 86 -8.67 4.32 -2.78
N ASN C 87 -7.49 4.54 -2.21
CA ASN C 87 -7.20 4.20 -0.82
C ASN C 87 -8.16 4.97 0.05
N VAL C 88 -8.45 4.47 1.25
CA VAL C 88 -9.41 5.14 2.13
C VAL C 88 -8.92 6.55 2.47
N SER C 89 -9.84 7.52 2.44
CA SER C 89 -9.51 8.95 2.58
C SER C 89 -8.80 9.27 3.89
N GLY C 90 -9.21 8.61 4.96
CA GLY C 90 -8.73 8.90 6.31
C GLY C 90 -9.38 10.12 6.95
N ARG C 91 -10.43 10.65 6.34
CA ARG C 91 -11.04 11.89 6.81
C ARG C 91 -12.53 11.68 7.10
N CYS C 92 -12.99 12.23 8.22
CA CYS C 92 -14.37 12.08 8.69
C CYS C 92 -14.83 10.62 8.71
N PRO C 93 -14.15 9.79 9.51
CA PRO C 93 -14.56 8.39 9.61
C PRO C 93 -15.86 8.27 10.41
N CYS C 94 -16.89 7.71 9.80
CA CYS C 94 -18.16 7.47 10.48
C CYS C 94 -18.64 6.06 10.26
N LEU C 95 -19.05 5.41 11.34
CA LEU C 95 -19.66 4.09 11.26
C LEU C 95 -20.99 4.09 12.00
N ASN C 96 -22.07 4.39 11.28
CA ASN C 96 -23.41 4.30 11.84
C ASN C 96 -24.15 3.06 11.31
N THR C 97 -25.14 2.59 12.07
CA THR C 97 -25.79 1.33 11.74
C THR C 97 -27.30 1.34 12.06
N GLU C 98 -27.99 2.41 11.64
CA GLU C 98 -29.45 2.48 11.80
C GLU C 98 -30.12 1.62 10.74
N GLY C 99 -30.62 0.46 11.18
CA GLY C 99 -31.26 -0.50 10.30
C GLY C 99 -30.29 -1.50 9.72
N GLU C 100 -28.99 -1.34 9.98
CA GLU C 100 -27.98 -2.19 9.36
C GLU C 100 -28.23 -3.63 9.75
N LEU C 101 -28.41 -4.48 8.75
CA LEU C 101 -28.60 -5.90 8.96
C LEU C 101 -27.32 -6.64 8.61
N PRO C 102 -27.23 -7.93 8.98
CA PRO C 102 -26.02 -8.68 8.65
C PRO C 102 -25.81 -8.83 7.14
N VAL C 103 -24.70 -9.46 6.79
CA VAL C 103 -24.34 -9.65 5.38
C VAL C 103 -25.32 -10.51 4.58
N TYR C 104 -25.89 -11.56 5.20
CA TYR C 104 -26.86 -12.42 4.49
C TYR C 104 -28.11 -11.66 4.02
N ARG C 105 -28.39 -10.52 4.65
CA ARG C 105 -29.36 -9.55 4.13
C ARG C 105 -28.61 -8.33 3.57
N PRO C 106 -27.99 -8.49 2.39
CA PRO C 106 -27.00 -7.49 1.91
C PRO C 106 -27.58 -6.10 1.65
N GLU C 107 -28.82 -6.03 1.19
CA GLU C 107 -29.44 -4.74 0.88
C GLU C 107 -29.31 -3.75 2.02
N PHE C 108 -29.38 -4.25 3.26
CA PHE C 108 -29.22 -3.43 4.46
C PHE C 108 -27.88 -3.64 5.19
N ALA C 109 -26.90 -4.26 4.54
CA ALA C 109 -25.60 -4.53 5.17
C ALA C 109 -24.53 -3.54 4.65
N ASN C 110 -23.73 -2.97 5.56
CA ASN C 110 -22.80 -1.85 5.21
C ASN C 110 -21.29 -2.09 5.42
N ASP C 111 -20.91 -3.23 5.99
CA ASP C 111 -19.50 -3.65 6.01
C ASP C 111 -18.99 -3.98 4.61
N ILE C 112 -19.93 -4.28 3.71
CA ILE C 112 -19.60 -4.65 2.35
C ILE C 112 -19.01 -3.47 1.59
N ILE C 113 -17.96 -3.75 0.84
CA ILE C 113 -17.45 -2.78 -0.10
C ILE C 113 -18.37 -2.84 -1.32
N TRP C 114 -19.44 -2.06 -1.25
CA TRP C 114 -20.38 -1.90 -2.37
C TRP C 114 -19.78 -1.05 -3.50
N CYS C 115 -18.85 -1.64 -4.23
CA CYS C 115 -18.17 -0.94 -5.31
C CYS C 115 -18.55 -1.50 -6.69
N PHE C 116 -19.51 -2.43 -6.70
CA PHE C 116 -19.89 -3.13 -7.94
C PHE C 116 -20.49 -2.16 -8.95
N GLY C 117 -20.22 -2.42 -10.22
CA GLY C 117 -20.66 -1.56 -11.31
C GLY C 117 -19.85 -0.28 -11.51
N ALA C 118 -18.81 -0.08 -10.69
CA ALA C 118 -17.94 1.09 -10.81
C ALA C 118 -17.04 0.97 -12.04
N GLU C 119 -16.74 2.10 -12.68
CA GLU C 119 -15.88 2.09 -13.86
C GLU C 119 -14.52 1.46 -13.56
N ASP C 120 -13.90 0.91 -14.60
CA ASP C 120 -12.58 0.29 -14.50
C ASP C 120 -12.47 -0.78 -13.41
N ASP C 121 -13.60 -1.43 -13.11
CA ASP C 121 -13.66 -2.46 -12.07
C ASP C 121 -13.03 -2.02 -10.74
N ALA C 122 -13.18 -0.75 -10.40
CA ALA C 122 -12.67 -0.23 -9.13
C ALA C 122 -13.40 -0.91 -7.98
N MET C 123 -12.65 -1.35 -6.97
CA MET C 123 -13.22 -2.00 -5.82
C MET C 123 -12.65 -1.52 -4.48
N THR C 124 -11.65 -0.65 -4.50
CA THR C 124 -11.10 -0.11 -3.26
C THR C 124 -11.98 1.00 -2.72
N TYR C 125 -12.05 1.10 -1.39
CA TYR C 125 -12.99 2.00 -0.76
C TYR C 125 -12.37 3.33 -0.43
N HIS C 126 -13.07 4.41 -0.76
CA HIS C 126 -12.61 5.74 -0.43
C HIS C 126 -13.55 6.46 0.52
N CYS C 127 -14.82 6.55 0.13
CA CYS C 127 -15.81 7.27 0.93
C CYS C 127 -17.20 6.91 0.43
N THR C 128 -18.23 7.47 1.07
CA THR C 128 -19.60 7.10 0.80
C THR C 128 -20.55 8.30 0.75
N ILE C 129 -21.43 8.29 -0.24
CA ILE C 129 -22.43 9.33 -0.40
C ILE C 129 -23.76 8.91 0.22
N SER C 130 -24.62 9.88 0.49
CA SER C 130 -25.88 9.63 1.19
C SER C 130 -27.11 10.28 0.53
N PRO C 131 -27.50 9.77 -0.66
CA PRO C 131 -28.63 10.31 -1.41
C PRO C 131 -29.95 9.61 -1.10
N ILE C 132 -31.03 10.37 -1.10
CA ILE C 132 -32.39 9.83 -0.92
C ILE C 132 -32.89 9.19 -2.22
N VAL C 133 -33.50 8.01 -2.13
CA VAL C 133 -34.21 7.42 -3.29
C VAL C 133 -35.73 7.49 -3.15
N GLY C 134 -36.24 7.67 -1.93
CA GLY C 134 -37.67 7.87 -1.72
C GLY C 134 -38.05 8.10 -0.27
N LYS C 135 -39.35 8.09 0.01
CA LYS C 135 -39.86 8.06 1.38
C LYS C 135 -40.08 6.61 1.80
N ALA C 136 -39.60 6.27 2.99
CA ALA C 136 -39.52 4.89 3.45
C ALA C 136 -40.89 4.24 3.64
N SER C 137 -40.91 2.92 3.52
CA SER C 137 -42.10 2.06 3.59
C SER C 137 -41.99 0.96 2.52
N GLN D 10 8.04 -5.53 36.98
CA GLN D 10 8.40 -4.08 37.02
C GLN D 10 9.20 -3.71 35.77
N GLU D 11 10.30 -4.42 35.56
CA GLU D 11 11.23 -4.12 34.48
C GLU D 11 10.64 -4.41 33.10
N THR D 12 10.46 -3.37 32.28
CA THR D 12 9.91 -3.55 30.93
C THR D 12 10.93 -4.24 30.04
N GLN D 13 10.44 -4.77 28.93
CA GLN D 13 11.28 -5.54 28.01
C GLN D 13 12.33 -4.68 27.34
N GLY D 14 12.06 -3.38 27.25
CA GLY D 14 13.03 -2.41 26.77
C GLY D 14 14.13 -2.13 27.79
N GLN D 15 13.79 -2.20 29.07
CA GLN D 15 14.75 -1.97 30.14
C GLN D 15 15.72 -3.13 30.30
N ALA D 16 15.19 -4.35 30.26
CA ALA D 16 16.01 -5.56 30.39
C ALA D 16 16.96 -5.67 29.21
N ALA D 17 16.53 -5.21 28.05
CA ALA D 17 17.36 -5.18 26.85
C ALA D 17 18.55 -4.22 26.98
N ALA D 18 18.31 -3.05 27.59
CA ALA D 18 19.37 -2.06 27.81
C ALA D 18 20.43 -2.60 28.76
N ARG D 19 20.00 -3.37 29.76
CA ARG D 19 20.91 -3.96 30.73
C ARG D 19 21.74 -5.09 30.10
N ALA D 20 21.14 -5.83 29.17
CA ALA D 20 21.84 -6.90 28.46
C ALA D 20 22.91 -6.30 27.55
N ALA D 21 22.53 -5.27 26.81
CA ALA D 21 23.46 -4.57 25.93
C ALA D 21 24.63 -3.95 26.70
N ALA D 22 24.36 -3.45 27.90
CA ALA D 22 25.39 -2.84 28.75
C ALA D 22 26.42 -3.86 29.20
N ALA D 23 25.94 -5.02 29.65
CA ALA D 23 26.82 -6.11 30.08
C ALA D 23 27.66 -6.64 28.91
N ASP D 24 27.01 -6.82 27.76
CA ASP D 24 27.70 -7.27 26.53
C ASP D 24 28.83 -6.32 26.15
N LEU D 25 28.57 -5.03 26.20
CA LEU D 25 29.60 -4.02 25.93
C LEU D 25 30.76 -4.15 26.93
N ALA D 26 30.44 -4.07 28.21
CA ALA D 26 31.45 -4.14 29.26
C ALA D 26 32.26 -5.43 29.19
N ALA D 27 31.57 -6.56 29.03
CA ALA D 27 32.24 -7.86 28.94
C ALA D 27 33.01 -8.03 27.64
N GLY D 28 32.68 -7.25 26.62
CA GLY D 28 33.35 -7.32 25.32
C GLY D 28 32.82 -8.45 24.46
N GLN D 29 31.58 -8.86 24.70
CA GLN D 29 30.93 -9.88 23.89
C GLN D 29 30.69 -9.33 22.49
N ASP D 30 31.29 -9.99 21.50
CA ASP D 30 31.03 -9.69 20.09
C ASP D 30 29.78 -10.46 19.68
N ASP D 31 29.12 -10.02 18.62
CA ASP D 31 27.88 -10.67 18.18
C ASP D 31 27.50 -10.20 16.77
N GLU D 32 27.06 -11.13 15.94
CA GLU D 32 26.78 -10.84 14.52
C GLU D 32 25.35 -10.35 14.29
N PRO D 33 25.19 -9.10 13.82
CA PRO D 33 23.85 -8.65 13.41
C PRO D 33 23.23 -9.54 12.33
N ARG D 34 21.93 -9.80 12.44
CA ARG D 34 21.28 -10.80 11.60
C ARG D 34 19.76 -10.65 11.66
N ILE D 35 19.07 -11.47 10.86
CA ILE D 35 17.62 -11.53 10.88
C ILE D 35 17.25 -12.46 12.02
N LEU D 36 16.46 -11.98 12.97
CA LEU D 36 15.98 -12.86 14.04
C LEU D 36 15.00 -13.86 13.46
N GLU D 37 14.86 -14.99 14.13
CA GLU D 37 13.74 -15.87 13.89
C GLU D 37 12.75 -15.54 14.96
N ALA D 38 11.49 -15.35 14.57
CA ALA D 38 10.43 -15.26 15.57
C ALA D 38 10.46 -16.57 16.31
N PRO D 39 10.27 -16.53 17.64
CA PRO D 39 10.32 -17.77 18.41
C PRO D 39 9.25 -18.76 17.92
N ALA D 40 9.48 -20.04 18.17
CA ALA D 40 8.55 -21.08 17.76
C ALA D 40 7.11 -20.63 18.04
N PRO D 41 6.19 -20.89 17.10
CA PRO D 41 4.77 -20.61 17.36
C PRO D 41 4.23 -21.44 18.52
N ASP D 42 3.48 -20.79 19.39
CA ASP D 42 2.84 -21.46 20.52
C ASP D 42 1.41 -20.94 20.70
N ALA D 43 0.66 -21.58 21.60
CA ALA D 43 -0.72 -21.21 21.86
C ALA D 43 -0.87 -19.76 22.32
N ARG D 44 0.16 -19.24 22.99
CA ARG D 44 0.15 -17.87 23.50
C ARG D 44 0.48 -16.82 22.43
N ARG D 45 1.03 -17.25 21.31
CA ARG D 45 1.22 -16.35 20.19
C ARG D 45 -0.15 -15.92 19.69
N VAL D 46 -0.29 -14.64 19.40
CA VAL D 46 -1.54 -14.10 18.87
C VAL D 46 -1.28 -13.20 17.68
N TYR D 47 -2.20 -13.26 16.71
CA TYR D 47 -2.12 -12.42 15.52
C TYR D 47 -3.23 -11.41 15.59
N VAL D 48 -2.85 -10.14 15.49
CA VAL D 48 -3.80 -9.03 15.41
C VAL D 48 -3.71 -8.41 14.04
N ASN D 49 -4.73 -8.67 13.22
CA ASN D 49 -4.82 -8.02 11.92
C ASN D 49 -5.31 -6.58 12.03
N ASP D 50 -4.88 -5.75 11.09
CA ASP D 50 -5.30 -4.36 11.04
C ASP D 50 -5.83 -4.02 9.66
N PRO D 51 -7.16 -4.11 9.47
CA PRO D 51 -7.82 -3.65 8.24
C PRO D 51 -7.61 -2.16 7.96
N ALA D 52 -7.17 -1.41 8.97
CA ALA D 52 -6.74 -0.03 8.81
C ALA D 52 -7.86 0.87 8.29
N HIS D 53 -9.08 0.60 8.73
CA HIS D 53 -10.26 1.33 8.30
C HIS D 53 -10.38 1.41 6.79
N PHE D 54 -10.18 0.27 6.14
CA PHE D 54 -10.33 0.10 4.69
C PHE D 54 -9.12 0.59 3.87
N ALA D 55 -7.98 0.78 4.51
CA ALA D 55 -6.78 1.22 3.79
C ALA D 55 -6.41 0.16 2.76
N ALA D 56 -5.69 0.57 1.72
CA ALA D 56 -5.34 -0.33 0.62
C ALA D 56 -4.30 -1.38 1.05
N VAL D 57 -3.49 -1.03 2.05
CA VAL D 57 -2.50 -1.93 2.61
C VAL D 57 -2.79 -2.04 4.09
N THR D 58 -2.42 -3.18 4.65
CA THR D 58 -2.83 -3.55 5.99
C THR D 58 -1.68 -4.29 6.64
N GLN D 59 -1.67 -4.33 7.96
CA GLN D 59 -0.59 -4.96 8.69
C GLN D 59 -1.15 -5.99 9.63
N GLN D 60 -0.52 -7.15 9.67
CA GLN D 60 -0.78 -8.16 10.68
C GLN D 60 0.42 -8.19 11.61
N PHE D 61 0.15 -8.06 12.91
CA PHE D 61 1.19 -8.10 13.93
C PHE D 61 1.26 -9.49 14.54
N VAL D 62 2.47 -10.03 14.67
CA VAL D 62 2.69 -11.30 15.34
C VAL D 62 3.12 -10.97 16.77
N ILE D 63 2.38 -11.48 17.74
CA ILE D 63 2.53 -11.06 19.14
C ILE D 63 2.65 -12.26 20.07
N ASP D 64 3.63 -12.19 20.95
CA ASP D 64 3.77 -13.15 22.04
C ASP D 64 2.96 -12.67 23.24
N GLY D 65 1.80 -13.30 23.44
CA GLY D 65 0.88 -12.88 24.49
C GLY D 65 1.44 -12.95 25.91
N GLU D 66 2.40 -13.85 26.12
CA GLU D 66 3.03 -14.02 27.43
C GLU D 66 3.92 -12.82 27.74
N ALA D 67 4.84 -12.52 26.84
CA ALA D 67 5.78 -11.43 27.02
C ALA D 67 5.14 -10.06 26.78
N GLY D 68 4.02 -10.04 26.05
CA GLY D 68 3.41 -8.78 25.63
C GLY D 68 4.33 -8.07 24.66
N ARG D 69 4.80 -8.82 23.66
CA ARG D 69 5.85 -8.36 22.76
C ARG D 69 5.54 -8.73 21.32
N VAL D 70 5.79 -7.79 20.42
CA VAL D 70 5.63 -8.04 19.00
C VAL D 70 6.84 -8.84 18.54
N ILE D 71 6.61 -10.08 18.12
CA ILE D 71 7.69 -10.96 17.68
C ILE D 71 7.89 -10.98 16.17
N GLY D 72 7.04 -10.26 15.45
CA GLY D 72 7.12 -10.18 14.01
C GLY D 72 5.89 -9.52 13.41
N MET D 73 5.94 -9.25 12.12
CA MET D 73 4.82 -8.64 11.40
C MET D 73 4.66 -9.26 10.02
N ILE D 74 3.47 -9.09 9.45
CA ILE D 74 3.20 -9.50 8.07
C ILE D 74 2.44 -8.37 7.40
N ASP D 75 2.88 -7.98 6.21
CA ASP D 75 2.17 -6.98 5.43
C ASP D 75 1.07 -7.64 4.62
N GLY D 76 -0.04 -6.93 4.45
CA GLY D 76 -1.18 -7.41 3.69
C GLY D 76 -1.77 -6.33 2.82
N GLY D 77 -2.76 -6.70 2.00
CA GLY D 77 -3.34 -5.79 1.01
C GLY D 77 -4.66 -5.21 1.46
N PHE D 78 -5.59 -5.11 0.52
CA PHE D 78 -6.91 -4.52 0.78
C PHE D 78 -7.82 -5.54 1.47
N LEU D 79 -8.23 -5.23 2.70
CA LEU D 79 -9.08 -6.11 3.50
C LEU D 79 -8.70 -7.58 3.29
N PRO D 80 -7.44 -7.93 3.57
CA PRO D 80 -7.06 -9.32 3.40
C PRO D 80 -7.63 -10.17 4.52
N ASN D 81 -7.99 -11.41 4.20
CA ASN D 81 -8.53 -12.33 5.19
C ASN D 81 -7.43 -13.19 5.79
N PRO D 82 -7.12 -12.98 7.08
CA PRO D 82 -6.11 -13.81 7.72
C PRO D 82 -6.64 -15.20 8.00
N VAL D 83 -5.77 -16.20 7.85
CA VAL D 83 -6.07 -17.54 8.31
C VAL D 83 -4.81 -18.14 8.95
N VAL D 84 -4.92 -18.44 10.24
CA VAL D 84 -3.85 -19.08 10.97
C VAL D 84 -4.18 -20.56 11.04
N ALA D 85 -3.29 -21.39 10.50
CA ALA D 85 -3.43 -22.83 10.62
C ALA D 85 -3.40 -23.17 12.11
N ASP D 86 -4.29 -24.06 12.54
CA ASP D 86 -4.45 -24.39 13.95
C ASP D 86 -3.17 -25.01 14.53
N ASP D 87 -2.50 -25.86 13.75
CA ASP D 87 -1.28 -26.54 14.20
C ASP D 87 -0.03 -25.64 14.13
N GLY D 88 -0.20 -24.38 13.76
CA GLY D 88 0.91 -23.42 13.69
C GLY D 88 2.03 -23.82 12.74
N SER D 89 1.72 -24.73 11.80
CA SER D 89 2.67 -25.16 10.77
C SER D 89 2.95 -24.01 9.80
N PHE D 90 1.90 -23.25 9.51
CA PHE D 90 1.99 -22.09 8.65
C PHE D 90 0.88 -21.09 8.95
N ILE D 91 1.03 -19.88 8.41
CA ILE D 91 -0.07 -18.93 8.37
C ILE D 91 -0.24 -18.50 6.93
N ALA D 92 -1.38 -17.88 6.64
CA ALA D 92 -1.67 -17.40 5.30
C ALA D 92 -2.76 -16.36 5.32
N HIS D 93 -2.85 -15.61 4.24
CA HIS D 93 -4.01 -14.78 3.96
C HIS D 93 -4.35 -14.78 2.49
N ALA D 94 -5.62 -14.48 2.20
CA ALA D 94 -6.05 -14.13 0.87
C ALA D 94 -6.03 -12.62 0.89
N SER D 95 -5.33 -12.03 -0.07
CA SER D 95 -5.10 -10.61 -0.06
C SER D 95 -5.32 -10.06 -1.45
N THR D 96 -5.45 -8.75 -1.53
CA THR D 96 -5.74 -8.06 -2.78
C THR D 96 -4.79 -6.87 -2.92
N VAL D 97 -3.90 -6.94 -3.89
CA VAL D 97 -3.11 -5.79 -4.28
C VAL D 97 -3.58 -5.31 -5.63
N PHE D 98 -3.35 -4.03 -5.88
CA PHE D 98 -3.64 -3.45 -7.16
C PHE D 98 -2.30 -3.01 -7.71
N SER D 99 -2.25 -2.79 -9.02
CA SER D 99 -1.00 -2.42 -9.67
C SER D 99 -0.55 -1.00 -9.29
N ARG D 100 -1.50 -0.14 -8.91
CA ARG D 100 -1.21 1.24 -8.54
C ARG D 100 -1.91 1.62 -7.24
N ILE D 101 -1.40 1.05 -6.15
CA ILE D 101 -1.92 1.21 -4.78
C ILE D 101 -3.35 0.65 -4.63
N ALA D 102 -4.35 1.42 -5.05
CA ALA D 102 -5.75 1.04 -4.84
C ALA D 102 -6.52 1.15 -6.15
N ARG D 103 -5.80 1.00 -7.25
CA ARG D 103 -6.35 1.26 -8.57
C ARG D 103 -5.55 0.43 -9.56
N GLY D 104 -6.11 0.26 -10.74
CA GLY D 104 -5.45 -0.48 -11.81
C GLY D 104 -5.85 -1.93 -11.73
N GLU D 105 -5.04 -2.80 -12.32
CA GLU D 105 -5.33 -4.22 -12.37
C GLU D 105 -5.29 -4.82 -10.97
N ARG D 106 -6.38 -5.48 -10.61
CA ARG D 106 -6.50 -6.14 -9.33
C ARG D 106 -5.88 -7.53 -9.41
N THR D 107 -5.07 -7.87 -8.41
CA THR D 107 -4.52 -9.21 -8.27
C THR D 107 -4.91 -9.76 -6.91
N ASP D 108 -5.87 -10.66 -6.92
CA ASP D 108 -6.21 -11.44 -5.74
C ASP D 108 -5.26 -12.61 -5.68
N TYR D 109 -4.61 -12.78 -4.54
CA TYR D 109 -3.61 -13.83 -4.36
C TYR D 109 -3.68 -14.42 -2.96
N VAL D 110 -3.27 -15.68 -2.84
CA VAL D 110 -3.10 -16.30 -1.55
C VAL D 110 -1.60 -16.41 -1.27
N GLU D 111 -1.21 -16.05 -0.06
CA GLU D 111 0.17 -16.15 0.38
C GLU D 111 0.27 -16.99 1.63
N VAL D 112 1.10 -18.02 1.59
CA VAL D 112 1.41 -18.83 2.76
C VAL D 112 2.74 -18.34 3.30
N PHE D 113 2.87 -18.31 4.62
CA PHE D 113 4.12 -17.89 5.24
C PHE D 113 4.64 -18.95 6.19
N ASP D 114 5.96 -18.99 6.30
CA ASP D 114 6.64 -19.74 7.33
C ASP D 114 6.43 -19.03 8.67
N PRO D 115 6.00 -19.78 9.71
CA PRO D 115 5.60 -19.16 10.96
C PRO D 115 6.75 -18.67 11.88
N VAL D 116 8.01 -18.96 11.53
CA VAL D 116 9.17 -18.44 12.31
C VAL D 116 10.02 -17.43 11.53
N THR D 117 10.21 -17.66 10.23
CA THR D 117 10.93 -16.70 9.39
C THR D 117 10.00 -15.65 8.80
N LEU D 118 8.70 -15.96 8.75
CA LEU D 118 7.67 -15.09 8.15
C LEU D 118 7.89 -14.87 6.65
N LEU D 119 8.65 -15.77 6.03
CA LEU D 119 8.92 -15.69 4.60
C LEU D 119 7.77 -16.34 3.85
N PRO D 120 7.38 -15.78 2.69
CA PRO D 120 6.33 -16.41 1.92
C PRO D 120 6.80 -17.73 1.32
N THR D 121 6.13 -18.82 1.67
CA THR D 121 6.45 -20.14 1.14
C THR D 121 5.60 -20.50 -0.09
N ALA D 122 4.55 -19.71 -0.34
CA ALA D 122 3.69 -19.92 -1.50
C ALA D 122 2.93 -18.64 -1.85
N ASP D 123 2.83 -18.36 -3.14
CA ASP D 123 2.15 -17.17 -3.64
C ASP D 123 1.26 -17.58 -4.81
N ILE D 124 -0.03 -17.76 -4.53
CA ILE D 124 -0.97 -18.35 -5.49
C ILE D 124 -1.93 -17.31 -6.01
N GLU D 125 -1.94 -17.08 -7.32
CA GLU D 125 -2.83 -16.10 -7.92
C GLU D 125 -4.25 -16.67 -8.04
N LEU D 126 -5.23 -15.88 -7.64
CA LEU D 126 -6.66 -16.22 -7.78
C LEU D 126 -7.20 -15.58 -9.06
N PRO D 127 -7.74 -16.39 -9.98
CA PRO D 127 -8.14 -15.84 -11.28
C PRO D 127 -9.40 -15.01 -11.22
N ASP D 128 -9.45 -13.98 -12.07
CA ASP D 128 -10.64 -13.13 -12.23
C ASP D 128 -11.08 -12.44 -10.93
N ALA D 129 -10.10 -11.98 -10.14
CA ALA D 129 -10.37 -11.14 -8.96
C ALA D 129 -11.63 -11.58 -8.21
N PRO D 130 -11.62 -12.81 -7.68
CA PRO D 130 -12.83 -13.45 -7.16
C PRO D 130 -13.11 -13.16 -5.68
N ARG D 131 -12.11 -12.77 -4.90
CA ARG D 131 -12.29 -12.47 -3.47
C ARG D 131 -13.46 -11.53 -3.20
N PHE D 132 -14.28 -11.89 -2.22
CA PHE D 132 -15.29 -10.99 -1.69
C PHE D 132 -14.60 -9.97 -0.81
N LEU D 133 -14.77 -8.69 -1.13
CA LEU D 133 -14.15 -7.59 -0.38
C LEU D 133 -15.13 -7.03 0.63
N VAL D 134 -14.73 -7.04 1.89
CA VAL D 134 -15.64 -6.69 2.96
C VAL D 134 -14.83 -6.33 4.20
N GLY D 135 -15.39 -5.49 5.05
CA GLY D 135 -14.87 -5.33 6.41
C GLY D 135 -14.58 -6.72 6.94
N THR D 136 -13.37 -6.93 7.42
CA THR D 136 -12.82 -8.28 7.59
C THR D 136 -13.70 -9.16 8.47
N TYR D 137 -14.14 -10.28 7.88
CA TYR D 137 -14.94 -11.30 8.55
C TYR D 137 -14.16 -12.62 8.55
N PRO D 138 -13.61 -13.04 9.72
CA PRO D 138 -12.73 -14.19 9.77
C PRO D 138 -13.14 -15.36 8.88
N TRP D 139 -14.42 -15.73 8.92
CA TRP D 139 -14.88 -16.92 8.21
C TRP D 139 -15.51 -16.60 6.85
N MET D 140 -14.99 -15.56 6.19
CA MET D 140 -15.28 -15.35 4.77
C MET D 140 -14.16 -15.94 3.92
N THR D 141 -13.11 -16.43 4.61
CA THR D 141 -12.01 -17.15 3.98
C THR D 141 -11.50 -18.12 5.02
N SER D 142 -11.32 -19.37 4.65
CA SER D 142 -11.20 -20.42 5.64
C SER D 142 -10.38 -21.63 5.20
N LEU D 143 -9.64 -22.18 6.17
CA LEU D 143 -8.78 -23.33 5.93
C LEU D 143 -9.54 -24.61 6.22
N THR D 144 -9.33 -25.64 5.40
CA THR D 144 -9.85 -26.97 5.69
C THR D 144 -8.99 -27.57 6.81
N PRO D 145 -9.53 -28.55 7.55
CA PRO D 145 -8.80 -29.08 8.71
C PRO D 145 -7.37 -29.53 8.40
N ASP D 146 -7.18 -30.17 7.25
CA ASP D 146 -5.84 -30.62 6.83
C ASP D 146 -4.93 -29.48 6.35
N GLY D 147 -5.50 -28.29 6.16
CA GLY D 147 -4.73 -27.12 5.74
C GLY D 147 -4.18 -27.22 4.33
N LYS D 148 -4.66 -28.20 3.57
CA LYS D 148 -4.24 -28.40 2.19
C LYS D 148 -5.02 -27.46 1.29
N THR D 149 -6.30 -27.28 1.61
CA THR D 149 -7.19 -26.41 0.84
C THR D 149 -7.57 -25.17 1.63
N LEU D 150 -7.73 -24.07 0.91
CA LEU D 150 -8.26 -22.85 1.47
C LEU D 150 -9.51 -22.50 0.68
N LEU D 151 -10.53 -22.02 1.38
CA LEU D 151 -11.76 -21.59 0.73
C LEU D 151 -11.99 -20.13 1.02
N PHE D 152 -12.52 -19.42 0.03
CA PHE D 152 -12.83 -18.00 0.18
C PHE D 152 -14.17 -17.69 -0.47
N TYR D 153 -14.86 -16.70 0.10
CA TYR D 153 -16.20 -16.36 -0.35
C TYR D 153 -16.17 -15.42 -1.54
N GLN D 154 -17.17 -15.57 -2.41
CA GLN D 154 -17.36 -14.67 -3.54
C GLN D 154 -18.82 -14.23 -3.53
N PHE D 155 -19.02 -12.93 -3.38
CA PHE D 155 -20.36 -12.33 -3.39
C PHE D 155 -20.79 -11.91 -4.79
N SER D 156 -19.81 -11.59 -5.64
CA SER D 156 -20.07 -11.06 -6.97
C SER D 156 -19.50 -12.02 -8.00
N PRO D 157 -20.25 -12.31 -9.08
CA PRO D 157 -21.59 -11.85 -9.43
C PRO D 157 -22.70 -12.49 -8.61
N ALA D 158 -22.41 -13.65 -8.03
CA ALA D 158 -23.36 -14.32 -7.14
C ALA D 158 -22.58 -14.98 -6.02
N PRO D 159 -23.24 -15.24 -4.89
CA PRO D 159 -22.65 -16.07 -3.84
C PRO D 159 -22.00 -17.34 -4.41
N ALA D 160 -20.73 -17.54 -4.07
CA ALA D 160 -19.95 -18.67 -4.57
C ALA D 160 -18.77 -18.89 -3.63
N VAL D 161 -18.03 -19.97 -3.83
CA VAL D 161 -16.87 -20.27 -2.99
C VAL D 161 -15.71 -20.76 -3.85
N GLY D 162 -14.57 -20.06 -3.73
CA GLY D 162 -13.38 -20.43 -4.47
C GLY D 162 -12.56 -21.48 -3.75
N VAL D 163 -12.12 -22.49 -4.49
CA VAL D 163 -11.26 -23.53 -3.95
C VAL D 163 -9.82 -23.27 -4.34
N VAL D 164 -8.92 -23.25 -3.34
CA VAL D 164 -7.49 -23.07 -3.58
C VAL D 164 -6.70 -24.23 -2.98
N ASP D 165 -5.88 -24.88 -3.81
CA ASP D 165 -4.98 -25.93 -3.35
C ASP D 165 -3.65 -25.31 -2.89
N LEU D 166 -3.39 -25.40 -1.59
CA LEU D 166 -2.16 -24.86 -1.00
C LEU D 166 -0.96 -25.81 -1.19
N GLU D 167 -1.21 -27.11 -1.14
CA GLU D 167 -0.16 -28.09 -1.37
C GLU D 167 0.33 -28.03 -2.82
N GLY D 168 -0.61 -28.23 -3.75
CA GLY D 168 -0.32 -28.03 -5.16
C GLY D 168 -0.04 -26.58 -5.54
N LYS D 169 -0.32 -25.66 -4.62
CA LYS D 169 -0.05 -24.22 -4.79
C LYS D 169 -0.75 -23.65 -6.02
N ALA D 170 -2.03 -24.00 -6.17
CA ALA D 170 -2.83 -23.54 -7.30
C ALA D 170 -4.30 -23.37 -6.91
N PHE D 171 -4.97 -22.47 -7.63
CA PHE D 171 -6.41 -22.32 -7.52
C PHE D 171 -7.06 -23.48 -8.26
N LYS D 172 -8.19 -23.97 -7.75
CA LYS D 172 -8.93 -25.06 -8.40
C LYS D 172 -10.05 -24.48 -9.27
N ARG D 173 -11.10 -23.99 -8.63
CA ARG D 173 -12.34 -23.61 -9.33
C ARG D 173 -13.34 -22.94 -8.39
N MET D 174 -14.34 -22.29 -8.99
CA MET D 174 -15.41 -21.64 -8.24
C MET D 174 -16.61 -22.56 -8.06
N LEU D 175 -17.04 -22.69 -6.82
CA LEU D 175 -18.26 -23.41 -6.50
C LEU D 175 -19.42 -22.42 -6.38
N ASP D 176 -20.24 -22.32 -7.41
CA ASP D 176 -21.49 -21.58 -7.32
C ASP D 176 -22.45 -22.28 -6.32
N VAL D 177 -23.22 -21.46 -5.59
CA VAL D 177 -24.08 -21.91 -4.50
C VAL D 177 -25.33 -21.03 -4.42
N PRO D 178 -26.28 -21.37 -3.52
CA PRO D 178 -27.46 -20.52 -3.35
C PRO D 178 -27.14 -19.18 -2.63
N ASP D 179 -28.19 -18.50 -2.17
CA ASP D 179 -28.05 -17.18 -1.54
C ASP D 179 -27.55 -17.34 -0.10
N CYS D 180 -26.30 -17.79 0.05
CA CYS D 180 -25.72 -18.08 1.36
C CYS D 180 -24.35 -17.41 1.55
N TYR D 181 -23.90 -17.38 2.81
CA TYR D 181 -22.80 -16.52 3.25
C TYR D 181 -21.95 -17.19 4.33
N HIS D 182 -20.71 -16.72 4.47
CA HIS D 182 -19.68 -17.32 5.35
C HIS D 182 -19.33 -18.76 4.94
N ILE D 183 -18.16 -19.21 5.39
CA ILE D 183 -17.64 -20.53 5.03
C ILE D 183 -17.04 -21.19 6.26
N PHE D 184 -17.57 -22.37 6.61
CA PHE D 184 -17.08 -23.11 7.76
C PHE D 184 -16.70 -24.51 7.33
N PRO D 185 -15.45 -24.70 6.87
CA PRO D 185 -15.01 -26.01 6.42
C PRO D 185 -15.13 -27.06 7.50
N THR D 186 -15.69 -28.20 7.15
CA THR D 186 -15.77 -29.33 8.05
C THR D 186 -14.82 -30.47 7.62
N ALA D 187 -14.36 -30.42 6.37
CA ALA D 187 -13.58 -31.51 5.80
C ALA D 187 -12.72 -31.03 4.63
N PRO D 188 -11.85 -31.91 4.10
CA PRO D 188 -11.08 -31.56 2.89
C PRO D 188 -11.90 -31.36 1.61
N ASP D 189 -13.22 -31.51 1.69
CA ASP D 189 -14.10 -31.33 0.53
C ASP D 189 -15.51 -30.85 0.90
N THR D 190 -15.67 -30.25 2.07
CA THR D 190 -17.00 -29.97 2.62
C THR D 190 -16.99 -28.82 3.61
N PHE D 191 -17.98 -27.95 3.49
CA PHE D 191 -18.06 -26.74 4.30
C PHE D 191 -19.49 -26.22 4.36
N PHE D 192 -19.79 -25.47 5.41
CA PHE D 192 -21.12 -24.92 5.63
C PHE D 192 -21.19 -23.42 5.37
N MET D 193 -22.41 -22.97 5.05
CA MET D 193 -22.68 -21.57 4.81
C MET D 193 -24.00 -21.20 5.46
N HIS D 194 -24.22 -19.90 5.60
CA HIS D 194 -25.43 -19.38 6.20
C HIS D 194 -26.25 -18.66 5.14
N CYS D 195 -27.52 -19.02 5.00
CA CYS D 195 -28.37 -18.53 3.92
C CYS D 195 -29.40 -17.52 4.37
N ARG D 196 -30.02 -16.87 3.39
CA ARG D 196 -31.00 -15.81 3.65
C ARG D 196 -32.32 -16.36 4.19
N ASP D 197 -32.75 -17.51 3.66
CA ASP D 197 -34.02 -18.12 4.09
C ASP D 197 -34.07 -18.45 5.59
N GLY D 198 -32.91 -18.51 6.23
CA GLY D 198 -32.81 -18.85 7.64
C GLY D 198 -32.25 -20.23 7.90
N SER D 199 -31.72 -20.86 6.86
CA SER D 199 -31.12 -22.19 6.96
C SER D 199 -29.62 -22.13 6.75
N LEU D 200 -28.95 -23.22 7.09
CA LEU D 200 -27.54 -23.39 6.72
C LEU D 200 -27.48 -24.23 5.45
N ALA D 201 -26.34 -24.22 4.78
CA ALA D 201 -26.14 -25.00 3.56
C ALA D 201 -24.92 -25.88 3.69
N LYS D 202 -25.11 -27.19 3.50
CA LYS D 202 -24.01 -28.14 3.49
C LYS D 202 -23.53 -28.24 2.05
N VAL D 203 -22.24 -27.99 1.83
CA VAL D 203 -21.69 -27.91 0.48
C VAL D 203 -20.51 -28.87 0.35
N ALA D 204 -20.76 -30.03 -0.25
CA ALA D 204 -19.71 -31.00 -0.52
C ALA D 204 -19.25 -30.82 -1.96
N PHE D 205 -17.95 -30.65 -2.17
CA PHE D 205 -17.41 -30.44 -3.52
C PHE D 205 -16.42 -31.52 -3.92
N GLY D 206 -16.78 -32.28 -4.95
CA GLY D 206 -15.94 -33.36 -5.46
C GLY D 206 -14.74 -32.85 -6.24
N THR D 207 -14.24 -33.69 -7.16
CA THR D 207 -13.13 -33.32 -8.03
C THR D 207 -13.57 -32.21 -9.00
N GLU D 208 -14.74 -32.42 -9.61
CA GLU D 208 -15.42 -31.37 -10.39
C GLU D 208 -16.94 -31.57 -10.34
N GLY D 209 -17.68 -30.67 -10.99
CA GLY D 209 -19.14 -30.74 -11.06
C GLY D 209 -19.82 -29.84 -10.04
N THR D 210 -21.16 -29.82 -10.11
CA THR D 210 -21.96 -29.10 -9.12
C THR D 210 -21.71 -29.71 -7.74
N PRO D 211 -21.56 -28.87 -6.70
CA PRO D 211 -21.40 -29.42 -5.35
C PRO D 211 -22.71 -29.97 -4.82
N GLU D 212 -22.64 -30.85 -3.82
CA GLU D 212 -23.81 -31.53 -3.29
C GLU D 212 -24.49 -30.66 -2.22
N ILE D 213 -25.22 -29.66 -2.69
CA ILE D 213 -25.80 -28.61 -1.85
C ILE D 213 -27.02 -29.10 -1.11
N THR D 214 -26.92 -29.16 0.22
CA THR D 214 -28.01 -29.63 1.07
C THR D 214 -28.31 -28.59 2.15
N HIS D 215 -29.50 -28.02 2.10
CA HIS D 215 -29.94 -27.02 3.07
C HIS D 215 -30.38 -27.72 4.35
N THR D 216 -30.22 -27.03 5.48
CA THR D 216 -30.78 -27.49 6.74
C THR D 216 -32.20 -26.93 6.85
N GLU D 217 -32.85 -27.14 7.99
CA GLU D 217 -34.13 -26.48 8.26
C GLU D 217 -33.88 -25.00 8.56
N VAL D 218 -34.89 -24.17 8.30
CA VAL D 218 -34.85 -22.77 8.67
C VAL D 218 -34.83 -22.68 10.20
N PHE D 219 -33.69 -22.29 10.74
CA PHE D 219 -33.45 -22.34 12.18
C PHE D 219 -33.49 -20.97 12.86
N HIS D 220 -33.85 -19.92 12.12
CA HIS D 220 -34.12 -18.62 12.75
C HIS D 220 -35.07 -17.77 11.90
N PRO D 221 -35.84 -16.87 12.55
CA PRO D 221 -36.82 -16.02 11.86
C PRO D 221 -36.23 -15.06 10.84
N GLU D 222 -37.10 -14.46 10.03
CA GLU D 222 -36.74 -13.35 9.13
C GLU D 222 -36.27 -12.13 9.91
N ASP D 223 -36.92 -11.85 11.05
CA ASP D 223 -36.66 -10.64 11.83
C ASP D 223 -35.64 -10.85 12.98
N GLU D 224 -34.96 -11.98 12.98
CA GLU D 224 -33.86 -12.24 13.92
C GLU D 224 -32.53 -12.03 13.19
N PHE D 225 -31.66 -11.21 13.77
CA PHE D 225 -30.45 -10.76 13.07
C PHE D 225 -29.18 -11.34 13.69
N LEU D 226 -28.47 -12.14 12.89
CA LEU D 226 -27.28 -12.89 13.34
C LEU D 226 -26.00 -12.17 12.91
N ILE D 227 -25.06 -11.99 13.84
CA ILE D 227 -23.89 -11.11 13.61
C ILE D 227 -22.92 -11.62 12.54
N ASN D 228 -22.14 -10.70 12.01
CA ASN D 228 -21.17 -11.02 10.95
C ASN D 228 -19.91 -11.73 11.45
N HIS D 229 -19.74 -11.82 12.77
CA HIS D 229 -18.54 -12.43 13.36
C HIS D 229 -18.84 -13.56 14.32
N PRO D 230 -19.39 -14.66 13.79
CA PRO D 230 -19.60 -15.84 14.62
C PRO D 230 -18.27 -16.52 14.94
N ALA D 231 -18.17 -17.13 16.12
CA ALA D 231 -17.01 -17.94 16.45
C ALA D 231 -17.17 -19.33 15.85
N TYR D 232 -16.08 -19.89 15.35
CA TYR D 232 -16.08 -21.24 14.79
C TYR D 232 -14.81 -21.98 15.15
N SER D 233 -14.92 -22.95 16.06
CA SER D 233 -13.83 -23.86 16.33
C SER D 233 -13.92 -25.00 15.33
N GLN D 234 -12.86 -25.19 14.56
CA GLN D 234 -12.86 -26.18 13.49
C GLN D 234 -12.64 -27.59 14.04
N LYS D 235 -11.80 -27.69 15.07
CA LYS D 235 -11.48 -28.98 15.68
C LYS D 235 -12.61 -29.46 16.59
N ALA D 236 -13.42 -28.52 17.08
CA ALA D 236 -14.64 -28.83 17.82
C ALA D 236 -15.84 -28.96 16.88
N GLY D 237 -15.77 -28.33 15.71
CA GLY D 237 -16.91 -28.29 14.80
C GLY D 237 -18.05 -27.52 15.42
N ARG D 238 -17.73 -26.47 16.18
CA ARG D 238 -18.69 -25.69 16.94
C ARG D 238 -18.84 -24.33 16.31
N LEU D 239 -20.04 -24.02 15.85
CA LEU D 239 -20.33 -22.70 15.28
C LEU D 239 -21.13 -21.88 16.28
N VAL D 240 -20.52 -20.82 16.81
CA VAL D 240 -21.17 -19.95 17.77
C VAL D 240 -21.67 -18.72 17.04
N TRP D 241 -22.98 -18.51 17.01
CA TRP D 241 -23.56 -17.41 16.25
C TRP D 241 -24.54 -16.57 17.09
N PRO D 242 -24.05 -15.43 17.63
CA PRO D 242 -24.92 -14.51 18.37
C PRO D 242 -25.88 -13.71 17.49
N THR D 243 -26.98 -13.25 18.08
CA THR D 243 -27.87 -12.31 17.43
C THR D 243 -27.66 -10.93 18.03
N TYR D 244 -28.28 -9.93 17.41
CA TYR D 244 -28.17 -8.53 17.86
C TYR D 244 -28.59 -8.39 19.33
N THR D 245 -29.60 -9.14 19.74
CA THR D 245 -30.21 -8.99 21.06
C THR D 245 -29.39 -9.65 22.17
N GLY D 246 -28.48 -10.54 21.80
CA GLY D 246 -27.70 -11.31 22.76
C GLY D 246 -27.95 -12.80 22.66
N LYS D 247 -29.09 -13.19 22.10
CA LYS D 247 -29.40 -14.60 21.84
C LYS D 247 -28.28 -15.23 21.02
N ILE D 248 -27.98 -16.49 21.30
CA ILE D 248 -26.87 -17.19 20.61
C ILE D 248 -27.31 -18.53 20.04
N HIS D 249 -27.05 -18.72 18.75
CA HIS D 249 -27.26 -20.01 18.09
C HIS D 249 -25.97 -20.81 18.14
N GLN D 250 -26.08 -22.08 18.51
CA GLN D 250 -24.92 -22.99 18.56
C GLN D 250 -25.17 -24.17 17.65
N ILE D 251 -24.23 -24.43 16.74
CA ILE D 251 -24.37 -25.49 15.75
C ILE D 251 -23.19 -26.44 15.82
N ASP D 252 -23.46 -27.73 16.06
CA ASP D 252 -22.43 -28.76 16.03
C ASP D 252 -22.32 -29.29 14.60
N LEU D 253 -21.16 -29.06 13.97
CA LEU D 253 -20.89 -29.53 12.61
C LEU D 253 -19.86 -30.67 12.55
N SER D 254 -19.51 -31.25 13.70
CA SER D 254 -18.50 -32.31 13.77
C SER D 254 -18.97 -33.63 13.15
N SER D 255 -20.28 -33.88 13.23
CA SER D 255 -20.88 -35.11 12.72
C SER D 255 -20.84 -35.23 11.19
N GLY D 256 -20.58 -34.11 10.51
CA GLY D 256 -20.66 -34.03 9.06
C GLY D 256 -21.90 -33.28 8.62
N ASP D 257 -22.89 -33.23 9.51
CA ASP D 257 -24.13 -32.48 9.31
C ASP D 257 -24.33 -31.53 10.48
N ALA D 258 -25.31 -30.64 10.35
CA ALA D 258 -25.59 -29.64 11.38
C ALA D 258 -26.63 -30.08 12.41
N LYS D 259 -26.16 -30.34 13.64
CA LYS D 259 -27.06 -30.44 14.79
C LYS D 259 -27.18 -29.04 15.38
N PHE D 260 -28.42 -28.56 15.56
CA PHE D 260 -28.66 -27.26 16.18
C PHE D 260 -28.78 -27.41 17.70
N LEU D 261 -27.83 -26.85 18.43
CA LEU D 261 -27.82 -26.93 19.91
C LEU D 261 -28.86 -26.00 20.52
N PRO D 262 -29.20 -26.22 21.81
CA PRO D 262 -30.18 -25.36 22.48
C PRO D 262 -29.84 -23.87 22.32
N ALA D 263 -30.85 -23.09 21.96
CA ALA D 263 -30.70 -21.66 21.75
C ALA D 263 -30.44 -20.96 23.08
N VAL D 264 -29.17 -20.61 23.32
CA VAL D 264 -28.75 -20.01 24.58
C VAL D 264 -28.84 -18.48 24.53
N GLU D 265 -29.19 -17.90 25.68
CA GLU D 265 -29.38 -16.45 25.81
C GLU D 265 -28.22 -15.86 26.61
N ALA D 266 -27.47 -14.95 25.99
CA ALA D 266 -26.29 -14.36 26.61
C ALA D 266 -26.60 -13.26 27.63
N LEU D 267 -27.81 -12.70 27.54
CA LEU D 267 -28.23 -11.60 28.40
C LEU D 267 -29.55 -11.94 29.09
N THR D 268 -29.72 -11.41 30.30
CA THR D 268 -30.93 -11.65 31.08
C THR D 268 -32.06 -10.76 30.59
N GLU D 269 -33.29 -11.08 30.99
CA GLU D 269 -34.47 -10.36 30.52
C GLU D 269 -34.46 -8.90 31.00
N ALA D 270 -34.03 -8.70 32.24
CA ALA D 270 -33.95 -7.36 32.83
C ALA D 270 -32.78 -6.55 32.27
N GLU D 271 -31.77 -7.25 31.76
CA GLU D 271 -30.62 -6.58 31.12
C GLU D 271 -31.00 -6.08 29.74
N ARG D 272 -31.58 -6.96 28.92
CA ARG D 272 -32.09 -6.56 27.60
C ARG D 272 -33.13 -5.45 27.69
N ALA D 273 -33.92 -5.46 28.78
CA ALA D 273 -34.89 -4.40 29.04
C ALA D 273 -34.21 -3.07 29.36
N ASP D 274 -33.10 -3.13 30.10
CA ASP D 274 -32.35 -1.94 30.50
C ASP D 274 -31.29 -1.53 29.48
N GLY D 275 -31.41 -2.06 28.26
CA GLY D 275 -30.59 -1.61 27.14
C GLY D 275 -29.27 -2.33 26.94
N TRP D 276 -29.04 -3.42 27.67
CA TRP D 276 -27.81 -4.20 27.49
C TRP D 276 -27.89 -5.03 26.23
N ARG D 277 -26.83 -4.97 25.42
CA ARG D 277 -26.78 -5.66 24.14
C ARG D 277 -25.33 -5.94 23.74
N PRO D 278 -25.11 -6.98 22.90
CA PRO D 278 -23.79 -7.19 22.32
C PRO D 278 -23.47 -6.16 21.24
N GLY D 279 -22.23 -5.68 21.23
CA GLY D 279 -21.78 -4.75 20.22
C GLY D 279 -20.27 -4.74 20.13
N GLY D 280 -19.77 -4.49 18.92
CA GLY D 280 -18.35 -4.59 18.63
C GLY D 280 -18.13 -5.23 17.28
N TRP D 281 -16.93 -5.74 17.07
CA TRP D 281 -16.56 -6.35 15.80
C TRP D 281 -16.56 -7.87 15.97
N GLN D 282 -15.43 -8.48 16.33
CA GLN D 282 -15.46 -9.86 16.79
C GLN D 282 -16.15 -9.88 18.14
N GLN D 283 -17.47 -9.84 18.11
CA GLN D 283 -18.26 -9.70 19.32
C GLN D 283 -18.15 -10.90 20.24
N VAL D 284 -17.87 -12.08 19.67
CA VAL D 284 -17.88 -13.32 20.43
C VAL D 284 -16.61 -14.15 20.24
N ALA D 285 -16.05 -14.62 21.35
CA ALA D 285 -14.97 -15.60 21.33
C ALA D 285 -15.49 -16.92 21.90
N TYR D 286 -14.78 -18.02 21.61
CA TYR D 286 -15.17 -19.34 22.09
C TYR D 286 -13.95 -20.22 22.38
N HIS D 287 -13.78 -20.58 23.65
CA HIS D 287 -12.70 -21.49 24.04
C HIS D 287 -13.12 -22.92 23.76
N ARG D 288 -12.26 -23.66 23.07
CA ARG D 288 -12.56 -25.03 22.69
C ARG D 288 -12.59 -25.94 23.91
N ALA D 289 -11.48 -26.01 24.61
CA ALA D 289 -11.32 -26.90 25.77
C ALA D 289 -12.31 -26.62 26.90
N LEU D 290 -12.38 -25.35 27.31
CA LEU D 290 -13.27 -24.92 28.38
C LEU D 290 -14.74 -24.86 27.96
N ASP D 291 -15.00 -24.80 26.65
CA ASP D 291 -16.35 -24.76 26.12
C ASP D 291 -17.11 -23.56 26.72
N ARG D 292 -16.43 -22.42 26.73
CA ARG D 292 -16.94 -21.17 27.29
C ARG D 292 -17.10 -20.16 26.18
N ILE D 293 -18.20 -19.41 26.22
CA ILE D 293 -18.43 -18.34 25.27
C ILE D 293 -18.17 -17.01 25.94
N TYR D 294 -17.37 -16.17 25.29
CA TYR D 294 -17.06 -14.83 25.77
C TYR D 294 -17.78 -13.87 24.83
N LEU D 295 -18.41 -12.84 25.38
CA LEU D 295 -19.20 -11.92 24.56
C LEU D 295 -19.07 -10.47 25.03
N LEU D 296 -18.72 -9.60 24.10
CA LEU D 296 -18.66 -8.15 24.34
C LEU D 296 -20.07 -7.61 24.49
N VAL D 297 -20.30 -6.90 25.60
CA VAL D 297 -21.61 -6.34 25.88
C VAL D 297 -21.47 -5.00 26.56
N ASP D 298 -22.53 -4.20 26.47
CA ASP D 298 -22.63 -2.92 27.17
C ASP D 298 -24.03 -2.37 27.00
N GLN D 299 -24.38 -1.34 27.77
CA GLN D 299 -25.66 -0.66 27.61
C GLN D 299 -25.63 0.17 26.32
N ARG D 300 -26.42 -0.25 25.33
CA ARG D 300 -26.47 0.41 24.02
C ARG D 300 -27.87 0.32 23.39
N ASP D 301 -28.17 1.25 22.47
CA ASP D 301 -29.41 1.19 21.70
C ASP D 301 -29.29 0.12 20.62
N GLU D 302 -30.42 -0.52 20.30
CA GLU D 302 -30.46 -1.67 19.38
C GLU D 302 -29.68 -1.50 18.07
N TRP D 303 -29.55 -0.26 17.60
CA TRP D 303 -28.87 0.02 16.32
C TRP D 303 -27.46 0.61 16.49
N ARG D 304 -26.83 0.35 17.63
CA ARG D 304 -25.43 0.72 17.85
C ARG D 304 -24.60 -0.56 18.01
N HIS D 305 -24.79 -1.49 17.08
CA HIS D 305 -24.33 -2.88 17.27
C HIS D 305 -22.91 -3.16 16.78
N LYS D 306 -22.18 -2.12 16.38
CA LYS D 306 -20.78 -2.27 15.99
C LYS D 306 -19.80 -1.47 16.85
N THR D 307 -20.33 -0.66 17.79
CA THR D 307 -19.49 0.16 18.65
C THR D 307 -18.77 -0.69 19.70
N ALA D 308 -17.74 -0.10 20.30
CA ALA D 308 -16.95 -0.78 21.31
C ALA D 308 -17.75 -1.05 22.57
N SER D 309 -17.30 -2.04 23.34
CA SER D 309 -17.93 -2.42 24.60
C SER D 309 -16.90 -2.38 25.74
N ARG D 310 -17.37 -2.05 26.94
CA ARG D 310 -16.51 -1.94 28.12
C ARG D 310 -16.59 -3.19 29.02
N PHE D 311 -17.50 -4.10 28.69
CA PHE D 311 -17.69 -5.31 29.48
C PHE D 311 -17.60 -6.56 28.60
N VAL D 312 -17.32 -7.69 29.24
CA VAL D 312 -17.29 -8.98 28.56
C VAL D 312 -17.92 -10.04 29.45
N VAL D 313 -19.06 -10.56 29.01
CA VAL D 313 -19.73 -11.64 29.76
C VAL D 313 -19.22 -12.99 29.28
N VAL D 314 -18.97 -13.89 30.24
CA VAL D 314 -18.52 -15.24 29.95
C VAL D 314 -19.62 -16.20 30.41
N LEU D 315 -20.00 -17.13 29.55
CA LEU D 315 -21.06 -18.08 29.85
C LEU D 315 -20.73 -19.48 29.36
N ASP D 316 -21.23 -20.48 30.06
CA ASP D 316 -21.01 -21.87 29.68
C ASP D 316 -21.80 -22.20 28.41
N ALA D 317 -21.07 -22.59 27.37
CA ALA D 317 -21.67 -22.87 26.06
C ALA D 317 -22.78 -23.92 26.13
N LYS D 318 -22.61 -24.92 27.01
CA LYS D 318 -23.62 -25.97 27.16
C LYS D 318 -24.86 -25.44 27.87
N THR D 319 -24.70 -25.04 29.12
CA THR D 319 -25.83 -24.70 29.99
C THR D 319 -26.34 -23.28 29.77
N GLY D 320 -25.42 -22.35 29.56
CA GLY D 320 -25.77 -20.93 29.37
C GLY D 320 -25.63 -20.10 30.63
N GLU D 321 -25.28 -20.75 31.74
CA GLU D 321 -24.99 -20.04 32.98
C GLU D 321 -23.86 -19.05 32.75
N ARG D 322 -24.05 -17.82 33.20
CA ARG D 322 -23.00 -16.80 33.14
C ARG D 322 -21.93 -17.15 34.17
N LEU D 323 -20.69 -17.32 33.70
CA LEU D 323 -19.57 -17.68 34.57
C LEU D 323 -18.90 -16.47 35.20
N ALA D 324 -18.91 -15.34 34.51
CA ALA D 324 -18.37 -14.08 35.04
C ALA D 324 -18.60 -12.94 34.06
N LYS D 325 -18.65 -11.72 34.59
CA LYS D 325 -18.71 -10.51 33.78
C LYS D 325 -17.54 -9.61 34.16
N PHE D 326 -16.71 -9.27 33.18
CA PHE D 326 -15.50 -8.49 33.42
C PHE D 326 -15.69 -7.04 32.98
N GLU D 327 -15.32 -6.11 33.85
CA GLU D 327 -15.15 -4.72 33.45
C GLU D 327 -13.77 -4.64 32.84
N MET D 328 -13.70 -4.35 31.54
CA MET D 328 -12.43 -4.40 30.82
C MET D 328 -11.56 -3.17 31.09
N GLY D 329 -12.20 -2.06 31.44
CA GLY D 329 -11.47 -0.81 31.71
C GLY D 329 -11.03 -0.07 30.46
N HIS D 330 -11.45 -0.58 29.30
CA HIS D 330 -11.15 0.05 28.01
C HIS D 330 -12.25 -0.24 26.99
N GLU D 331 -12.28 0.53 25.91
CA GLU D 331 -13.28 0.36 24.86
C GLU D 331 -12.84 -0.78 23.94
N ILE D 332 -13.43 -1.96 24.15
CA ILE D 332 -13.04 -3.16 23.41
C ILE D 332 -13.99 -3.45 22.24
N ASP D 333 -13.42 -3.61 21.05
CA ASP D 333 -14.22 -3.89 19.85
C ASP D 333 -14.25 -5.39 19.54
N SER D 334 -13.13 -6.06 19.78
CA SER D 334 -12.99 -7.47 19.45
C SER D 334 -12.34 -8.25 20.58
N ILE D 335 -12.78 -9.49 20.74
CA ILE D 335 -12.23 -10.40 21.73
C ILE D 335 -11.91 -11.75 21.10
N ASN D 336 -10.95 -12.45 21.70
CA ASN D 336 -10.58 -13.80 21.30
C ASN D 336 -9.84 -14.41 22.48
N VAL D 337 -9.48 -15.68 22.36
CA VAL D 337 -8.81 -16.39 23.44
C VAL D 337 -7.80 -17.38 22.89
N SER D 338 -6.74 -17.60 23.67
CA SER D 338 -5.80 -18.67 23.40
C SER D 338 -6.47 -19.98 23.77
N GLN D 339 -6.13 -21.04 23.06
CA GLN D 339 -6.77 -22.34 23.26
C GLN D 339 -5.98 -23.24 24.20
N ASP D 340 -5.02 -22.66 24.93
CA ASP D 340 -4.27 -23.37 25.97
C ASP D 340 -4.93 -23.17 27.34
N GLU D 341 -4.49 -23.93 28.33
CA GLU D 341 -5.04 -23.84 29.69
C GLU D 341 -4.64 -22.55 30.36
N LYS D 342 -5.49 -22.08 31.29
CA LYS D 342 -5.32 -20.77 31.92
C LYS D 342 -5.16 -19.72 30.81
N PRO D 343 -6.12 -19.67 29.87
CA PRO D 343 -5.97 -18.91 28.64
C PRO D 343 -6.01 -17.41 28.87
N LEU D 344 -5.50 -16.66 27.89
CA LEU D 344 -5.52 -15.21 27.94
C LEU D 344 -6.75 -14.70 27.20
N LEU D 345 -7.43 -13.73 27.80
CA LEU D 345 -8.51 -13.04 27.11
C LEU D 345 -7.90 -11.87 26.37
N TYR D 346 -7.83 -12.01 25.05
CA TYR D 346 -7.33 -10.96 24.20
C TYR D 346 -8.44 -9.95 23.96
N ALA D 347 -8.17 -8.69 24.29
CA ALA D 347 -9.14 -7.61 24.14
C ALA D 347 -8.57 -6.50 23.26
N LEU D 348 -9.13 -6.36 22.06
CA LEU D 348 -8.61 -5.43 21.07
C LEU D 348 -9.44 -4.17 20.95
N SER D 349 -8.87 -3.04 21.38
CA SER D 349 -9.48 -1.74 21.17
C SER D 349 -9.06 -1.21 19.80
N THR D 350 -10.04 -1.04 18.92
CA THR D 350 -9.82 -0.43 17.61
C THR D 350 -9.40 1.03 17.79
N GLY D 351 -9.98 1.70 18.78
CA GLY D 351 -9.68 3.09 19.09
C GLY D 351 -8.28 3.28 19.64
N ASP D 352 -7.93 2.51 20.67
CA ASP D 352 -6.62 2.61 21.30
C ASP D 352 -5.49 1.99 20.48
N LYS D 353 -5.84 1.27 19.41
CA LYS D 353 -4.86 0.49 18.65
C LYS D 353 -4.00 -0.38 19.57
N THR D 354 -4.64 -0.96 20.57
CA THR D 354 -3.92 -1.70 21.60
C THR D 354 -4.57 -3.05 21.80
N LEU D 355 -3.74 -4.09 21.90
CA LEU D 355 -4.21 -5.40 22.33
C LEU D 355 -4.02 -5.47 23.83
N TYR D 356 -5.09 -5.23 24.57
CA TYR D 356 -5.06 -5.43 26.01
C TYR D 356 -5.13 -6.93 26.27
N ILE D 357 -4.10 -7.45 26.92
CA ILE D 357 -4.00 -8.88 27.23
C ILE D 357 -4.45 -9.10 28.67
N HIS D 358 -5.60 -9.76 28.82
CA HIS D 358 -6.18 -10.03 30.13
C HIS D 358 -6.07 -11.50 30.51
N ASP D 359 -6.19 -11.78 31.80
CA ASP D 359 -6.34 -13.15 32.28
C ASP D 359 -7.82 -13.52 32.13
N ALA D 360 -8.10 -14.56 31.34
CA ALA D 360 -9.48 -14.95 31.04
C ALA D 360 -10.25 -15.55 32.24
N GLU D 361 -9.56 -15.85 33.34
CA GLU D 361 -10.21 -16.33 34.56
C GLU D 361 -10.83 -15.16 35.33
N SER D 362 -10.04 -14.13 35.58
CA SER D 362 -10.46 -13.00 36.42
C SER D 362 -10.82 -11.74 35.63
N GLY D 363 -10.34 -11.63 34.40
CA GLY D 363 -10.53 -10.43 33.58
C GLY D 363 -9.62 -9.29 33.96
N GLU D 364 -8.58 -9.58 34.74
CA GLU D 364 -7.60 -8.56 35.14
C GLU D 364 -6.63 -8.30 34.01
N GLU D 365 -6.33 -7.03 33.78
CA GLU D 365 -5.37 -6.63 32.76
C GLU D 365 -3.95 -6.93 33.22
N LEU D 366 -3.23 -7.74 32.45
CA LEU D 366 -1.84 -8.11 32.77
C LEU D 366 -0.84 -7.19 32.10
N ARG D 367 -1.02 -7.01 30.80
CA ARG D 367 -0.12 -6.19 30.01
C ARG D 367 -0.85 -5.75 28.75
N SER D 368 -0.21 -4.89 27.97
CA SER D 368 -0.80 -4.39 26.74
C SER D 368 0.25 -4.15 25.68
N VAL D 369 -0.09 -4.47 24.44
CA VAL D 369 0.77 -4.19 23.31
C VAL D 369 0.10 -3.07 22.53
N ASN D 370 0.68 -1.87 22.61
CA ASN D 370 0.10 -0.70 21.95
C ASN D 370 0.59 -0.56 20.52
N GLN D 371 0.16 0.50 19.84
CA GLN D 371 0.63 0.83 18.49
C GLN D 371 0.44 -0.32 17.49
N LEU D 372 -0.66 -1.04 17.61
CA LEU D 372 -0.98 -2.11 16.67
C LEU D 372 -1.76 -1.56 15.48
N GLY D 373 -1.11 -0.67 14.73
CA GLY D 373 -1.63 -0.17 13.47
C GLY D 373 -2.55 1.02 13.58
N HIS D 374 -3.56 1.05 12.72
CA HIS D 374 -4.45 2.19 12.53
C HIS D 374 -5.87 1.94 13.00
N GLY D 375 -6.35 0.71 12.83
CA GLY D 375 -7.68 0.33 13.28
C GLY D 375 -7.75 -1.18 13.37
N PRO D 376 -7.00 -1.77 14.31
CA PRO D 376 -6.96 -3.23 14.40
C PRO D 376 -8.30 -3.78 14.84
N GLN D 377 -8.81 -4.76 14.10
CA GLN D 377 -10.14 -5.28 14.32
C GLN D 377 -10.16 -6.78 14.61
N VAL D 378 -9.33 -7.56 13.92
CA VAL D 378 -9.38 -9.01 13.99
C VAL D 378 -8.22 -9.62 14.78
N ILE D 379 -8.57 -10.30 15.87
CA ILE D 379 -7.64 -11.14 16.61
C ILE D 379 -7.79 -12.56 16.09
N THR D 380 -6.67 -13.25 15.89
CA THR D 380 -6.69 -14.65 15.48
C THR D 380 -5.66 -15.42 16.28
N THR D 381 -6.12 -16.44 17.00
CA THR D 381 -5.22 -17.32 17.73
C THR D 381 -5.06 -18.63 16.96
N ALA D 382 -4.18 -19.49 17.46
CA ALA D 382 -4.02 -20.83 16.92
C ALA D 382 -4.52 -21.86 17.93
N ASP D 383 -5.11 -22.94 17.43
CA ASP D 383 -5.62 -24.02 18.28
C ASP D 383 -4.62 -25.17 18.22
N MET D 384 -3.48 -24.98 18.90
CA MET D 384 -2.33 -25.88 18.77
C MET D 384 -2.45 -27.08 19.68
N GLY D 385 -2.73 -26.83 20.94
CA GLY D 385 -2.97 -27.88 21.92
C GLY D 385 -4.15 -28.73 21.50
N THR E 13 10.36 14.71 26.75
CA THR E 13 9.04 15.42 26.64
C THR E 13 9.15 16.73 25.83
N ASP E 14 10.10 17.60 26.20
CA ASP E 14 10.37 18.81 25.42
C ASP E 14 11.12 18.39 24.16
N PRO E 15 10.49 18.55 22.98
CA PRO E 15 11.16 18.10 21.76
C PRO E 15 12.46 18.85 21.49
N ARG E 16 12.49 20.13 21.84
CA ARG E 16 13.61 21.01 21.52
C ARG E 16 14.73 21.02 22.55
N ALA E 17 14.48 20.49 23.73
CA ALA E 17 15.49 20.43 24.79
C ALA E 17 16.65 19.53 24.37
N LYS E 18 17.84 19.86 24.86
CA LYS E 18 19.02 19.06 24.60
C LYS E 18 18.73 17.59 24.87
N TRP E 19 19.18 16.74 23.97
CA TRP E 19 18.93 15.32 24.09
C TRP E 19 19.66 14.78 25.30
N VAL E 20 18.91 14.10 26.16
CA VAL E 20 19.45 13.53 27.39
C VAL E 20 19.54 12.01 27.24
N PRO E 21 20.76 11.49 26.97
CA PRO E 21 20.92 10.04 26.83
C PRO E 21 20.66 9.28 28.14
N GLN E 22 20.29 8.02 28.01
CA GLN E 22 20.12 7.13 29.15
C GLN E 22 20.44 5.72 28.71
N ASP E 23 20.99 4.92 29.63
CA ASP E 23 21.34 3.53 29.34
C ASP E 23 20.48 2.61 30.19
N ASN E 24 19.17 2.82 30.15
CA ASN E 24 18.24 2.00 30.93
C ASN E 24 16.94 1.55 30.22
N ASP E 25 16.73 1.98 28.98
CA ASP E 25 15.58 1.49 28.18
C ASP E 25 15.81 1.75 26.68
N ILE E 26 15.91 0.68 25.89
CA ILE E 26 16.19 0.80 24.44
C ILE E 26 14.97 1.16 23.60
N GLN E 27 13.77 0.78 24.06
CA GLN E 27 12.53 1.14 23.36
C GLN E 27 12.15 2.61 23.59
N ALA E 28 12.95 3.31 24.39
CA ALA E 28 12.77 4.72 24.63
C ALA E 28 13.58 5.53 23.64
N CYS E 29 12.98 6.61 23.18
CA CYS E 29 13.62 7.51 22.22
C CYS E 29 14.88 8.20 22.74
N ASP E 30 15.07 8.21 24.05
CA ASP E 30 16.26 8.81 24.64
C ASP E 30 17.33 7.80 25.02
N TYR E 31 17.20 6.56 24.54
CA TYR E 31 18.23 5.55 24.75
C TYR E 31 19.52 5.99 24.07
N TRP E 32 20.64 5.83 24.77
CA TRP E 32 21.89 6.50 24.39
C TRP E 32 22.38 6.14 22.98
N ARG E 33 22.14 4.89 22.56
CA ARG E 33 22.59 4.45 21.22
C ARG E 33 21.75 4.99 20.07
N HIS E 34 20.53 5.45 20.36
CA HIS E 34 19.65 5.98 19.32
C HIS E 34 19.91 7.45 19.05
N CYS E 35 21.11 7.94 19.36
CA CYS E 35 21.35 9.38 19.37
C CYS E 35 21.19 10.02 17.99
N SER E 36 21.32 9.22 16.92
CA SER E 36 20.99 9.69 15.58
C SER E 36 20.15 8.67 14.82
N ILE E 37 19.13 8.13 15.49
CA ILE E 37 18.21 7.18 14.85
C ILE E 37 17.06 7.92 14.17
N ASP E 38 16.69 7.45 12.97
CA ASP E 38 15.48 7.89 12.29
C ASP E 38 14.62 6.68 11.95
N GLY E 39 13.32 6.79 12.22
CA GLY E 39 12.34 5.77 11.85
C GLY E 39 11.78 5.05 13.06
N ASN E 40 12.09 3.76 13.18
CA ASN E 40 11.50 2.94 14.22
C ASN E 40 12.51 1.97 14.84
N ILE E 41 12.37 1.73 16.14
CA ILE E 41 13.30 0.89 16.89
C ILE E 41 12.95 -0.58 16.65
N CYS E 42 13.84 -1.31 15.99
CA CYS E 42 13.57 -2.70 15.61
C CYS E 42 13.14 -3.57 16.78
N ASP E 43 13.69 -3.30 17.96
CA ASP E 43 13.30 -4.03 19.15
C ASP E 43 11.79 -4.06 19.31
N CYS E 44 11.11 -3.03 18.82
CA CYS E 44 9.67 -2.91 18.96
C CYS E 44 8.83 -3.60 17.88
N SER E 45 9.45 -4.38 16.99
CA SER E 45 8.69 -5.06 15.96
C SER E 45 9.19 -6.48 15.66
N GLY E 46 9.82 -7.13 16.64
CA GLY E 46 10.32 -8.49 16.47
C GLY E 46 11.81 -8.60 16.27
N GLY E 47 12.51 -7.47 16.20
CA GLY E 47 13.96 -7.46 16.17
C GLY E 47 14.50 -7.32 17.59
N SER E 48 15.80 -7.02 17.69
CA SER E 48 16.44 -6.64 18.94
C SER E 48 17.22 -5.36 18.72
N LEU E 49 17.99 -4.96 19.74
CA LEU E 49 18.81 -3.76 19.67
C LEU E 49 19.71 -3.73 18.43
N THR E 50 20.30 -4.88 18.11
CA THR E 50 21.25 -4.98 17.00
C THR E 50 20.89 -6.09 15.98
N ASN E 51 19.63 -6.52 15.97
CA ASN E 51 19.15 -7.50 14.99
C ASN E 51 17.81 -7.11 14.37
N CYS E 52 17.50 -7.74 13.24
CA CYS E 52 16.31 -7.43 12.44
C CYS E 52 15.14 -8.34 12.78
N PRO E 53 13.90 -7.82 12.69
CA PRO E 53 12.73 -8.67 12.81
C PRO E 53 12.64 -9.69 11.68
N PRO E 54 11.97 -10.81 11.93
CA PRO E 54 11.91 -11.89 10.94
C PRO E 54 11.16 -11.46 9.69
N GLY E 55 11.58 -12.01 8.55
CA GLY E 55 10.98 -11.65 7.26
C GLY E 55 11.67 -10.49 6.58
N THR E 56 12.16 -9.53 7.36
CA THR E 56 12.88 -8.37 6.81
C THR E 56 14.28 -8.74 6.38
N LYS E 57 14.97 -7.81 5.74
CA LYS E 57 16.33 -8.00 5.25
C LYS E 57 17.27 -6.98 5.84
N LEU E 58 18.46 -7.42 6.24
CA LEU E 58 19.45 -6.56 6.89
C LEU E 58 20.26 -5.83 5.84
N ALA E 59 20.16 -4.51 5.82
CA ALA E 59 20.97 -3.70 4.94
C ALA E 59 22.44 -3.81 5.35
N THR E 60 23.33 -3.76 4.37
CA THR E 60 24.77 -3.75 4.65
C THR E 60 25.30 -2.33 4.82
N ALA E 61 24.60 -1.36 4.23
CA ALA E 61 24.96 0.04 4.42
C ALA E 61 24.73 0.48 5.86
N SER E 62 25.21 1.68 6.19
CA SER E 62 25.07 2.21 7.54
C SER E 62 25.43 3.68 7.58
N 0AF E 63 24.99 4.35 8.65
CA 0AF E 63 25.47 5.70 8.96
C 0AF E 63 25.92 5.67 10.39
O 0AF E 63 25.53 4.79 11.14
CB 0AF E 63 24.43 6.79 8.73
CG 0AF E 63 23.20 6.74 9.63
CD1 0AF E 63 22.90 7.64 10.65
CD2 0AF E 63 22.06 5.81 9.59
NE1 0AF E 63 21.71 7.33 11.24
CE2 0AF E 63 21.16 6.26 10.66
CE3 0AF E 63 21.75 4.70 8.82
CZ2 0AF E 63 19.90 5.48 10.87
O1 0AF E 63 19.01 5.84 11.84
CZ3 0AF E 63 20.56 4.00 9.06
CH2 0AF E 63 19.66 4.38 10.06
N VAL E 64 26.76 6.64 10.76
CA VAL E 64 27.36 6.66 12.09
C VAL E 64 27.00 7.92 12.87
N ALA E 65 27.08 7.78 14.19
CA ALA E 65 26.98 8.90 15.11
C ALA E 65 27.86 8.58 16.31
N SER E 66 28.38 9.61 16.95
CA SER E 66 29.08 9.43 18.21
C SER E 66 28.06 9.64 19.31
N CYS E 67 27.67 8.55 19.97
CA CYS E 67 26.71 8.63 21.06
C CYS E 67 27.42 8.49 22.39
N TYR E 68 27.12 9.40 23.31
CA TYR E 68 27.69 9.36 24.65
C TYR E 68 26.97 8.29 25.45
N ASN E 69 27.74 7.44 26.12
CA ASN E 69 27.18 6.46 27.04
C ASN E 69 27.38 6.90 28.47
N PRO E 70 26.30 7.29 29.17
CA PRO E 70 26.44 7.75 30.55
C PRO E 70 26.72 6.66 31.58
N THR E 71 26.76 5.41 31.16
CA THR E 71 27.13 4.30 32.04
C THR E 71 28.64 4.28 32.29
N ASP E 72 29.42 4.49 31.22
CA ASP E 72 30.88 4.44 31.32
C ASP E 72 31.57 5.74 30.89
N GLY E 73 30.81 6.82 30.74
CA GLY E 73 31.37 8.11 30.36
C GLY E 73 32.15 8.14 29.05
N GLN E 74 32.09 7.06 28.28
CA GLN E 74 32.79 6.98 26.99
C GLN E 74 31.78 7.13 25.86
N SER E 75 32.16 7.86 24.82
CA SER E 75 31.34 7.97 23.62
C SER E 75 31.73 6.86 22.65
N TYR E 76 30.72 6.22 22.06
CA TYR E 76 30.92 5.11 21.12
C TYR E 76 30.33 5.44 19.76
N LEU E 77 30.87 4.81 18.73
CA LEU E 77 30.39 5.02 17.36
C LEU E 77 29.30 4.00 17.03
N ILE E 78 28.10 4.50 16.76
CA ILE E 78 26.97 3.66 16.41
C ILE E 78 26.78 3.69 14.89
N ALA E 79 27.13 2.58 14.25
CA ALA E 79 26.90 2.39 12.82
C ALA E 79 25.52 1.75 12.62
N TYR E 80 24.50 2.60 12.53
CA TYR E 80 23.11 2.18 12.43
C TYR E 80 22.85 1.35 11.19
N ARG E 81 21.92 0.40 11.25
CA ARG E 81 21.57 -0.39 10.08
C ARG E 81 20.07 -0.63 9.99
N ASP E 82 19.53 -0.55 8.78
CA ASP E 82 18.10 -0.70 8.55
C ASP E 82 17.74 -2.14 8.27
N CYS E 83 16.54 -2.51 8.72
CA CYS E 83 15.91 -3.77 8.35
C CYS E 83 14.82 -3.43 7.34
N CYS E 84 14.84 -4.12 6.21
CA CYS E 84 14.09 -3.69 5.03
C CYS E 84 13.25 -4.81 4.41
N GLY E 85 12.36 -4.41 3.50
CA GLY E 85 11.48 -5.36 2.81
C GLY E 85 10.08 -5.41 3.39
N TYR E 86 9.82 -4.54 4.36
CA TYR E 86 8.55 -4.50 5.08
C TYR E 86 8.07 -3.06 5.17
N ASN E 87 6.75 -2.88 5.17
CA ASN E 87 6.14 -1.59 5.49
C ASN E 87 6.66 -1.12 6.86
N VAL E 88 6.62 0.19 7.11
CA VAL E 88 7.10 0.69 8.39
C VAL E 88 6.28 0.09 9.52
N SER E 89 6.96 -0.38 10.57
CA SER E 89 6.31 -1.09 11.68
C SER E 89 5.22 -0.26 12.35
N GLY E 90 5.50 1.01 12.57
CA GLY E 90 4.56 1.90 13.23
C GLY E 90 4.59 1.76 14.73
N ARG E 91 5.65 1.13 15.23
CA ARG E 91 5.86 0.96 16.66
C ARG E 91 7.17 1.60 17.08
N CYS E 92 7.12 2.38 18.16
CA CYS E 92 8.25 3.15 18.67
C CYS E 92 8.87 4.06 17.61
N PRO E 93 8.06 4.98 17.06
CA PRO E 93 8.58 5.93 16.10
C PRO E 93 9.52 6.87 16.80
N CYS E 94 10.74 6.99 16.29
CA CYS E 94 11.78 7.81 16.93
CA CYS E 94 11.75 7.82 16.91
C CYS E 94 12.55 8.62 15.89
N LEU E 95 12.96 9.82 16.29
CA LEU E 95 13.77 10.68 15.43
C LEU E 95 14.73 11.52 16.27
N ASN E 96 16.00 11.11 16.28
CA ASN E 96 17.06 11.82 16.98
C ASN E 96 18.13 12.23 15.99
N THR E 97 18.91 13.26 16.30
CA THR E 97 19.85 13.82 15.34
C THR E 97 21.15 14.36 15.97
N GLU E 98 21.71 13.59 16.90
CA GLU E 98 23.00 13.94 17.50
C GLU E 98 24.12 13.69 16.50
N GLY E 99 24.82 14.76 16.14
CA GLY E 99 25.86 14.69 15.12
C GLY E 99 25.33 14.40 13.73
N GLU E 100 24.03 14.63 13.51
CA GLU E 100 23.39 14.30 12.25
C GLU E 100 23.63 15.43 11.26
N LEU E 101 24.44 15.15 10.24
CA LEU E 101 24.72 16.15 9.21
C LEU E 101 23.79 15.92 8.01
N PRO E 102 23.68 16.92 7.13
CA PRO E 102 22.74 16.79 6.01
C PRO E 102 23.07 15.66 5.05
N VAL E 103 22.22 15.49 4.04
CA VAL E 103 22.34 14.38 3.10
C VAL E 103 23.69 14.36 2.39
N TYR E 104 24.27 15.54 2.14
CA TYR E 104 25.53 15.63 1.40
C TYR E 104 26.72 15.06 2.19
N ARG E 105 26.53 14.89 3.50
CA ARG E 105 27.42 14.07 4.32
C ARG E 105 26.66 12.78 4.67
N PRO E 106 26.48 11.88 3.69
CA PRO E 106 25.60 10.70 3.84
C PRO E 106 25.97 9.78 4.99
N GLU E 107 27.25 9.71 5.32
CA GLU E 107 27.72 8.84 6.40
C GLU E 107 27.30 9.31 7.80
N PHE E 108 26.78 10.53 7.88
CA PHE E 108 26.15 11.02 9.11
C PHE E 108 24.68 11.43 8.91
N ALA E 109 24.13 11.14 7.73
CA ALA E 109 22.75 11.52 7.39
C ALA E 109 21.80 10.39 7.69
N ASN E 110 20.58 10.71 8.12
CA ASN E 110 19.64 9.67 8.53
C ASN E 110 18.19 9.74 7.99
N ASP E 111 17.92 10.64 7.03
CA ASP E 111 16.65 10.58 6.29
C ASP E 111 16.72 9.53 5.20
N ILE E 112 17.94 9.19 4.76
CA ILE E 112 18.16 8.18 3.74
C ILE E 112 17.63 6.84 4.21
N ILE E 113 16.90 6.15 3.32
CA ILE E 113 16.56 4.76 3.56
C ILE E 113 17.83 3.96 3.25
N TRP E 114 18.62 3.72 4.30
CA TRP E 114 19.86 2.98 4.18
C TRP E 114 19.59 1.47 4.08
N CYS E 115 18.97 1.06 2.98
CA CYS E 115 18.57 -0.34 2.80
C CYS E 115 19.48 -1.03 1.79
N PHE E 116 20.57 -0.38 1.41
CA PHE E 116 21.42 -0.86 0.34
C PHE E 116 22.18 -2.09 0.79
N GLY E 117 22.36 -3.02 -0.14
CA GLY E 117 23.01 -4.29 0.13
C GLY E 117 22.10 -5.30 0.79
N ALA E 118 20.84 -4.93 1.01
CA ALA E 118 19.88 -5.82 1.63
C ALA E 118 19.49 -6.95 0.67
N GLU E 119 19.43 -8.17 1.21
CA GLU E 119 19.05 -9.37 0.46
C GLU E 119 17.70 -9.21 -0.25
N ASP E 120 17.59 -9.80 -1.43
CA ASP E 120 16.38 -9.71 -2.27
C ASP E 120 16.05 -8.26 -2.68
N ASP E 121 17.07 -7.42 -2.72
CA ASP E 121 16.93 -6.00 -3.10
C ASP E 121 15.77 -5.30 -2.40
N ALA E 122 15.60 -5.61 -1.12
CA ALA E 122 14.59 -4.96 -0.29
C ALA E 122 15.01 -3.52 -0.01
N MET E 123 14.09 -2.58 -0.24
CA MET E 123 14.38 -1.16 -0.07
C MET E 123 13.30 -0.37 0.67
N THR E 124 12.26 -1.06 1.15
CA THR E 124 11.27 -0.43 2.00
C THR E 124 11.84 -0.34 3.40
N TYR E 125 11.36 0.64 4.17
CA TYR E 125 11.87 0.82 5.52
C TYR E 125 10.94 0.24 6.55
N HIS E 126 11.47 -0.65 7.35
CA HIS E 126 10.74 -1.20 8.46
C HIS E 126 11.20 -0.61 9.78
N CYS E 127 12.50 -0.75 10.08
CA CYS E 127 13.04 -0.30 11.36
C CYS E 127 14.56 -0.25 11.31
N THR E 128 15.18 0.23 12.39
CA THR E 128 16.63 0.50 12.44
C THR E 128 17.29 -0.09 13.68
N ILE E 129 18.48 -0.66 13.50
CA ILE E 129 19.26 -1.18 14.63
C ILE E 129 20.44 -0.27 15.02
N SER E 130 20.93 -0.43 16.25
CA SER E 130 21.93 0.48 16.83
C SER E 130 23.14 -0.24 17.41
N PRO E 131 23.99 -0.85 16.55
CA PRO E 131 25.20 -1.53 17.02
C PRO E 131 26.43 -0.63 17.10
N ILE E 132 27.29 -0.90 18.09
CA ILE E 132 28.54 -0.17 18.29
C ILE E 132 29.58 -0.67 17.29
N VAL E 133 30.46 0.21 16.81
CA VAL E 133 31.59 -0.20 15.96
C VAL E 133 32.96 0.32 16.38
N GLY E 134 33.03 1.07 17.47
CA GLY E 134 34.29 1.63 17.94
C GLY E 134 34.10 2.74 18.95
N LYS E 135 35.11 3.57 19.12
CA LYS E 135 35.07 4.69 20.07
C LYS E 135 35.32 6.02 19.39
N ALA E 136 34.94 7.10 20.08
CA ALA E 136 35.05 8.45 19.55
C ALA E 136 36.50 8.91 19.48
N SER E 137 36.99 9.07 18.25
CA SER E 137 38.31 9.67 17.97
C SER E 137 38.53 9.80 16.45
N GLN F 10 -17.91 31.92 9.79
CA GLN F 10 -18.48 31.47 11.09
C GLN F 10 -19.23 30.14 10.92
N GLU F 11 -20.11 30.08 9.90
CA GLU F 11 -20.79 28.82 9.53
C GLU F 11 -19.84 27.90 8.77
N THR F 12 -19.65 26.68 9.27
CA THR F 12 -18.70 25.74 8.67
C THR F 12 -19.22 25.16 7.36
N GLN F 13 -18.28 24.76 6.51
CA GLN F 13 -18.61 24.13 5.21
C GLN F 13 -19.55 22.93 5.35
N GLY F 14 -19.43 22.19 6.45
CA GLY F 14 -20.33 21.08 6.73
C GLY F 14 -21.76 21.49 7.03
N GLN F 15 -21.91 22.64 7.71
CA GLN F 15 -23.22 23.16 8.07
C GLN F 15 -23.94 23.75 6.88
N ALA F 16 -23.20 24.39 5.98
CA ALA F 16 -23.77 24.96 4.77
C ALA F 16 -24.38 23.87 3.90
N ALA F 17 -23.58 22.84 3.64
CA ALA F 17 -24.01 21.71 2.80
C ALA F 17 -25.25 21.01 3.37
N ALA F 18 -25.32 20.92 4.70
CA ALA F 18 -26.50 20.37 5.37
C ALA F 18 -27.73 21.24 5.14
N ARG F 19 -27.54 22.56 5.19
CA ARG F 19 -28.62 23.50 4.96
C ARG F 19 -29.06 23.49 3.50
N ALA F 20 -28.09 23.42 2.59
CA ALA F 20 -28.35 23.39 1.16
C ALA F 20 -29.13 22.13 0.77
N ALA F 21 -28.64 20.99 1.24
CA ALA F 21 -29.26 19.70 0.96
C ALA F 21 -30.72 19.65 1.41
N ALA F 22 -30.99 20.25 2.58
CA ALA F 22 -32.35 20.28 3.14
C ALA F 22 -33.30 21.11 2.29
N ALA F 23 -32.78 22.16 1.66
CA ALA F 23 -33.57 23.01 0.77
C ALA F 23 -33.96 22.28 -0.51
N ASP F 24 -33.03 21.52 -1.08
CA ASP F 24 -33.28 20.73 -2.29
C ASP F 24 -34.34 19.69 -2.04
N LEU F 25 -34.17 18.92 -0.97
CA LEU F 25 -35.19 17.96 -0.53
C LEU F 25 -36.56 18.64 -0.44
N ALA F 26 -36.62 19.77 0.26
CA ALA F 26 -37.87 20.48 0.50
C ALA F 26 -38.47 21.06 -0.80
N ALA F 27 -37.62 21.69 -1.60
CA ALA F 27 -38.06 22.24 -2.89
C ALA F 27 -38.36 21.15 -3.91
N GLY F 28 -37.90 19.93 -3.64
CA GLY F 28 -38.11 18.80 -4.55
C GLY F 28 -37.13 18.83 -5.70
N GLN F 29 -35.90 19.24 -5.42
CA GLN F 29 -34.88 19.36 -6.45
C GLN F 29 -34.22 18.01 -6.69
N ASP F 30 -33.89 17.74 -7.95
CA ASP F 30 -33.17 16.52 -8.32
C ASP F 30 -31.74 16.87 -8.72
N ASP F 31 -30.87 15.88 -8.62
CA ASP F 31 -29.47 16.04 -8.96
C ASP F 31 -28.88 14.63 -9.13
N GLU F 32 -28.29 14.37 -10.28
CA GLU F 32 -27.70 13.05 -10.56
C GLU F 32 -26.40 12.83 -9.76
N PRO F 33 -26.34 11.75 -8.95
CA PRO F 33 -25.07 11.43 -8.30
C PRO F 33 -23.98 11.14 -9.32
N ARG F 34 -22.83 11.77 -9.15
CA ARG F 34 -21.76 11.66 -10.13
C ARG F 34 -20.39 11.90 -9.51
N ILE F 35 -19.36 11.62 -10.30
CA ILE F 35 -18.00 11.92 -9.92
C ILE F 35 -17.79 13.42 -10.10
N LEU F 36 -17.57 14.13 -9.00
CA LEU F 36 -17.28 15.58 -9.06
C LEU F 36 -15.95 15.83 -9.73
N GLU F 37 -15.87 16.95 -10.44
CA GLU F 37 -14.59 17.50 -10.85
C GLU F 37 -14.10 18.39 -9.71
N ALA F 38 -12.79 18.44 -9.50
CA ALA F 38 -12.20 19.40 -8.56
C ALA F 38 -12.33 20.79 -9.16
N PRO F 39 -12.43 21.84 -8.32
CA PRO F 39 -12.37 23.19 -8.85
C PRO F 39 -11.09 23.44 -9.63
N ALA F 40 -11.09 24.46 -10.48
CA ALA F 40 -9.91 24.78 -11.28
C ALA F 40 -8.71 25.07 -10.36
N PRO F 41 -7.52 24.57 -10.72
CA PRO F 41 -6.33 24.90 -9.94
C PRO F 41 -6.09 26.41 -9.90
N ASP F 42 -6.17 26.97 -8.70
CA ASP F 42 -5.94 28.39 -8.49
C ASP F 42 -4.77 28.56 -7.53
N ALA F 43 -4.39 29.80 -7.26
CA ALA F 43 -3.19 30.09 -6.48
C ALA F 43 -3.27 29.61 -5.03
N ARG F 44 -4.48 29.48 -4.49
CA ARG F 44 -4.66 29.09 -3.09
C ARG F 44 -4.92 27.60 -2.92
N ARG F 45 -4.74 26.84 -4.00
CA ARG F 45 -4.68 25.40 -3.88
C ARG F 45 -3.33 25.04 -3.27
N VAL F 46 -3.37 24.18 -2.27
CA VAL F 46 -2.16 23.67 -1.66
C VAL F 46 -2.26 22.15 -1.58
N TYR F 47 -1.12 21.49 -1.80
CA TYR F 47 -1.03 20.04 -1.73
C TYR F 47 -0.26 19.69 -0.49
N VAL F 48 -0.87 18.89 0.37
CA VAL F 48 -0.17 18.34 1.52
C VAL F 48 0.17 16.90 1.18
N ASN F 49 1.46 16.60 1.14
CA ASN F 49 1.91 15.24 0.90
C ASN F 49 2.26 14.59 2.22
N ASP F 50 1.98 13.30 2.30
CA ASP F 50 2.11 12.55 3.53
C ASP F 50 3.00 11.34 3.29
N PRO F 51 4.32 11.50 3.52
CA PRO F 51 5.26 10.37 3.45
C PRO F 51 4.93 9.31 4.49
N ALA F 52 4.13 9.68 5.48
CA ALA F 52 3.53 8.75 6.41
C ALA F 52 4.58 7.97 7.18
N HIS F 53 5.62 8.67 7.60
CA HIS F 53 6.71 8.07 8.38
C HIS F 53 7.23 6.78 7.73
N PHE F 54 7.44 6.81 6.42
CA PHE F 54 8.00 5.69 5.64
C PHE F 54 7.00 4.57 5.33
N ALA F 55 5.72 4.90 5.26
CA ALA F 55 4.71 3.90 4.89
C ALA F 55 4.91 3.48 3.44
N ALA F 56 4.54 2.24 3.12
CA ALA F 56 4.66 1.71 1.75
C ALA F 56 3.77 2.47 0.77
N VAL F 57 2.63 2.94 1.26
CA VAL F 57 1.69 3.71 0.44
C VAL F 57 1.48 5.04 1.15
N THR F 58 1.13 6.05 0.38
CA THR F 58 1.12 7.42 0.87
C THR F 58 0.00 8.22 0.21
N GLN F 59 -0.49 9.23 0.92
CA GLN F 59 -1.56 10.06 0.41
C GLN F 59 -1.06 11.47 0.14
N GLN F 60 -1.64 12.10 -0.87
CA GLN F 60 -1.42 13.49 -1.15
C GLN F 60 -2.78 14.16 -1.11
N PHE F 61 -2.93 15.16 -0.24
CA PHE F 61 -4.18 15.88 -0.15
C PHE F 61 -4.11 17.09 -1.05
N VAL F 62 -5.20 17.34 -1.78
CA VAL F 62 -5.34 18.51 -2.61
C VAL F 62 -6.34 19.41 -1.88
N ILE F 63 -5.84 20.53 -1.36
CA ILE F 63 -6.60 21.38 -0.47
C ILE F 63 -6.82 22.75 -1.08
N ASP F 64 -8.06 23.22 -0.98
CA ASP F 64 -8.39 24.62 -1.21
C ASP F 64 -8.09 25.37 0.08
N GLY F 65 -7.05 26.20 0.05
CA GLY F 65 -6.65 26.98 1.21
C GLY F 65 -7.65 28.04 1.61
N GLU F 66 -8.44 28.50 0.65
CA GLU F 66 -9.37 29.61 0.88
C GLU F 66 -10.53 29.16 1.75
N ALA F 67 -11.22 28.11 1.32
CA ALA F 67 -12.30 27.51 2.08
C ALA F 67 -11.75 26.68 3.23
N GLY F 68 -10.58 26.08 3.03
CA GLY F 68 -10.03 25.12 3.98
C GLY F 68 -10.75 23.80 3.77
N ARG F 69 -10.81 23.39 2.50
CA ARG F 69 -11.56 22.22 2.09
C ARG F 69 -10.64 21.30 1.30
N VAL F 70 -10.81 20.00 1.51
CA VAL F 70 -10.11 19.01 0.71
C VAL F 70 -10.94 18.87 -0.55
N ILE F 71 -10.36 19.19 -1.70
CA ILE F 71 -11.11 19.13 -2.96
C ILE F 71 -10.76 17.89 -3.80
N GLY F 72 -9.88 17.06 -3.28
CA GLY F 72 -9.40 15.89 -4.01
C GLY F 72 -8.20 15.26 -3.32
N MET F 73 -7.84 14.04 -3.77
CA MET F 73 -6.65 13.35 -3.25
C MET F 73 -5.97 12.53 -4.33
N ILE F 74 -4.73 12.14 -4.07
CA ILE F 74 -3.97 11.26 -4.95
C ILE F 74 -3.26 10.23 -4.09
N ASP F 75 -3.46 8.94 -4.39
CA ASP F 75 -2.72 7.87 -3.72
C ASP F 75 -1.32 7.74 -4.32
N GLY F 76 -0.32 7.58 -3.47
CA GLY F 76 1.06 7.40 -3.91
C GLY F 76 1.73 6.21 -3.22
N GLY F 77 2.93 5.85 -3.69
CA GLY F 77 3.64 4.69 -3.16
C GLY F 77 4.61 4.99 -2.04
N PHE F 78 5.74 4.29 -2.03
CA PHE F 78 6.76 4.46 -0.99
C PHE F 78 7.59 5.73 -1.21
N LEU F 79 7.51 6.64 -0.24
CA LEU F 79 8.24 7.90 -0.26
C LEU F 79 8.26 8.54 -1.64
N PRO F 80 7.06 8.83 -2.20
CA PRO F 80 7.04 9.43 -3.51
C PRO F 80 7.49 10.87 -3.44
N ASN F 81 7.99 11.37 -4.56
CA ASN F 81 8.38 12.75 -4.67
C ASN F 81 7.32 13.51 -5.46
N PRO F 82 6.52 14.35 -4.77
CA PRO F 82 5.48 15.08 -5.44
C PRO F 82 6.05 16.27 -6.18
N VAL F 83 5.50 16.55 -7.37
CA VAL F 83 5.82 17.75 -8.09
C VAL F 83 4.53 18.36 -8.64
N VAL F 84 4.47 19.69 -8.64
CA VAL F 84 3.32 20.42 -9.10
C VAL F 84 3.80 21.37 -10.17
N ALA F 85 3.30 21.20 -11.38
CA ALA F 85 3.56 22.15 -12.45
C ALA F 85 3.12 23.51 -11.95
N ASP F 86 4.05 24.46 -11.95
CA ASP F 86 3.77 25.83 -11.54
C ASP F 86 2.53 26.38 -12.24
N ASP F 87 2.41 26.12 -13.56
CA ASP F 87 1.29 26.62 -14.36
C ASP F 87 -0.07 26.01 -13.99
N GLY F 88 -0.08 25.01 -13.13
CA GLY F 88 -1.33 24.39 -12.68
C GLY F 88 -1.96 23.41 -13.66
N SER F 89 -1.25 23.10 -14.75
CA SER F 89 -1.81 22.29 -15.84
C SER F 89 -1.85 20.81 -15.52
N PHE F 90 -0.96 20.37 -14.63
CA PHE F 90 -0.87 18.98 -14.21
C PHE F 90 -0.09 18.88 -12.91
N ILE F 91 -0.34 17.79 -12.18
CA ILE F 91 0.57 17.38 -11.12
C ILE F 91 1.16 16.02 -11.47
N ALA F 92 2.17 15.62 -10.70
CA ALA F 92 2.81 14.34 -10.89
C ALA F 92 3.56 13.95 -9.64
N HIS F 93 4.07 12.72 -9.65
CA HIS F 93 4.98 12.29 -8.63
C HIS F 93 5.84 11.19 -9.17
N ALA F 94 6.93 10.92 -8.47
CA ALA F 94 7.77 9.77 -8.77
C ALA F 94 7.48 8.80 -7.65
N SER F 95 6.73 7.76 -7.97
CA SER F 95 6.30 6.84 -6.94
C SER F 95 7.03 5.53 -7.10
N THR F 96 6.97 4.72 -6.05
CA THR F 96 7.56 3.39 -6.03
C THR F 96 6.52 2.43 -5.48
N VAL F 97 6.26 1.35 -6.20
CA VAL F 97 5.39 0.29 -5.70
C VAL F 97 6.12 -1.04 -5.77
N PHE F 98 5.66 -2.00 -5.00
CA PHE F 98 6.21 -3.33 -5.00
C PHE F 98 5.09 -4.32 -5.29
N SER F 99 5.41 -5.45 -5.89
CA SER F 99 4.40 -6.42 -6.26
C SER F 99 3.64 -6.97 -5.04
N ARG F 100 4.30 -6.99 -3.87
CA ARG F 100 3.66 -7.49 -2.64
C ARG F 100 3.70 -6.50 -1.47
N ILE F 101 3.03 -5.36 -1.67
CA ILE F 101 2.99 -4.23 -0.73
C ILE F 101 4.36 -3.57 -0.55
N ALA F 102 5.21 -4.11 0.32
CA ALA F 102 6.53 -3.52 0.56
C ALA F 102 7.66 -4.46 0.13
N ARG F 103 7.29 -5.64 -0.39
CA ARG F 103 8.22 -6.69 -0.74
C ARG F 103 8.07 -7.03 -2.22
N GLY F 104 9.06 -7.70 -2.78
CA GLY F 104 9.00 -8.20 -4.16
C GLY F 104 9.35 -7.16 -5.21
N GLU F 105 9.10 -7.52 -6.47
CA GLU F 105 9.44 -6.72 -7.63
C GLU F 105 9.14 -5.23 -7.46
N ARG F 106 10.20 -4.42 -7.43
CA ARG F 106 10.08 -2.98 -7.26
C ARG F 106 9.78 -2.32 -8.59
N THR F 107 8.69 -1.56 -8.64
CA THR F 107 8.35 -0.82 -9.85
C THR F 107 8.38 0.67 -9.52
N ASP F 108 9.45 1.35 -9.92
CA ASP F 108 9.49 2.81 -9.87
C ASP F 108 8.86 3.34 -11.15
N TYR F 109 8.07 4.40 -11.00
CA TYR F 109 7.23 4.87 -12.09
C TYR F 109 6.81 6.28 -11.80
N VAL F 110 6.38 6.98 -12.85
CA VAL F 110 5.97 8.36 -12.74
C VAL F 110 4.57 8.51 -13.30
N GLU F 111 3.70 9.11 -12.51
CA GLU F 111 2.33 9.38 -12.91
C GLU F 111 2.09 10.85 -13.06
N VAL F 112 1.54 11.25 -14.20
CA VAL F 112 1.03 12.58 -14.41
C VAL F 112 -0.47 12.51 -14.26
N PHE F 113 -1.04 13.46 -13.52
CA PHE F 113 -2.49 13.50 -13.32
C PHE F 113 -3.06 14.80 -13.86
N ASP F 114 -4.29 14.69 -14.36
CA ASP F 114 -5.11 15.86 -14.66
C ASP F 114 -5.49 16.51 -13.32
N PRO F 115 -5.28 17.83 -13.19
CA PRO F 115 -5.45 18.49 -11.91
C PRO F 115 -6.91 18.77 -11.49
N VAL F 116 -7.88 18.51 -12.38
CA VAL F 116 -9.29 18.67 -11.99
C VAL F 116 -10.03 17.31 -11.88
N THR F 117 -9.79 16.39 -12.81
CA THR F 117 -10.35 15.04 -12.70
C THR F 117 -9.55 14.18 -11.73
N LEU F 118 -8.29 14.56 -11.55
CA LEU F 118 -7.32 13.78 -10.78
C LEU F 118 -7.01 12.44 -11.44
N LEU F 119 -7.34 12.31 -12.73
CA LEU F 119 -7.14 11.06 -13.44
C LEU F 119 -5.73 11.01 -13.97
N PRO F 120 -5.07 9.85 -13.86
CA PRO F 120 -3.71 9.74 -14.39
C PRO F 120 -3.72 9.81 -15.91
N THR F 121 -3.02 10.79 -16.47
CA THR F 121 -2.92 10.93 -17.93
C THR F 121 -1.66 10.27 -18.49
N ALA F 122 -0.75 9.91 -17.60
CA ALA F 122 0.47 9.17 -17.98
C ALA F 122 0.89 8.22 -16.87
N ASP F 123 1.38 7.04 -17.27
CA ASP F 123 2.05 6.13 -16.36
C ASP F 123 3.34 5.64 -17.01
N ILE F 124 4.46 6.09 -16.46
CA ILE F 124 5.78 5.90 -17.08
C ILE F 124 6.64 5.04 -16.16
N GLU F 125 7.14 3.92 -16.68
CA GLU F 125 8.01 3.06 -15.88
C GLU F 125 9.45 3.57 -15.88
N LEU F 126 10.03 3.67 -14.68
CA LEU F 126 11.44 3.96 -14.53
C LEU F 126 12.20 2.63 -14.39
N PRO F 127 12.95 2.23 -15.42
CA PRO F 127 13.59 0.91 -15.37
C PRO F 127 14.71 0.83 -14.34
N ASP F 128 14.97 -0.39 -13.86
CA ASP F 128 16.02 -0.66 -12.87
C ASP F 128 15.83 0.06 -11.55
N ALA F 129 14.56 0.23 -11.15
CA ALA F 129 14.21 0.77 -9.83
C ALA F 129 15.19 1.86 -9.36
N PRO F 130 15.23 2.99 -10.10
CA PRO F 130 16.32 3.95 -9.99
C PRO F 130 16.14 5.07 -8.97
N ARG F 131 14.94 5.22 -8.40
CA ARG F 131 14.64 6.36 -7.51
C ARG F 131 15.45 6.32 -6.21
N PHE F 132 15.86 7.51 -5.76
CA PHE F 132 16.47 7.69 -4.46
C PHE F 132 15.37 7.66 -3.40
N LEU F 133 15.43 6.64 -2.55
CA LEU F 133 14.47 6.49 -1.48
C LEU F 133 14.98 7.22 -0.24
N VAL F 134 14.25 8.24 0.16
CA VAL F 134 14.66 9.10 1.24
C VAL F 134 13.42 9.80 1.80
N GLY F 135 13.51 10.24 3.06
CA GLY F 135 12.51 11.14 3.64
C GLY F 135 12.35 12.30 2.68
N THR F 136 11.10 12.70 2.44
CA THR F 136 10.78 13.48 1.25
C THR F 136 11.46 14.84 1.23
N TYR F 137 12.46 14.95 0.37
CA TYR F 137 13.06 16.22 0.04
C TYR F 137 12.42 16.67 -1.27
N PRO F 138 11.66 17.77 -1.25
CA PRO F 138 11.01 18.26 -2.47
C PRO F 138 11.93 18.34 -3.69
N TRP F 139 13.20 18.67 -3.48
CA TRP F 139 14.11 18.90 -4.59
C TRP F 139 15.04 17.72 -4.90
N MET F 140 14.60 16.53 -4.52
CA MET F 140 15.22 15.28 -4.98
C MET F 140 14.48 14.74 -6.20
N THR F 141 13.36 15.38 -6.54
CA THR F 141 12.67 15.14 -7.80
C THR F 141 12.00 16.43 -8.22
N SER F 142 12.27 16.85 -9.45
CA SER F 142 11.92 18.19 -9.88
C SER F 142 11.47 18.23 -11.32
N LEU F 143 10.44 19.03 -11.59
CA LEU F 143 10.02 19.28 -12.96
C LEU F 143 10.93 20.35 -13.53
N THR F 144 11.26 20.21 -14.81
CA THR F 144 11.90 21.29 -15.54
C THR F 144 10.84 22.38 -15.77
N PRO F 145 11.27 23.64 -15.96
CA PRO F 145 10.33 24.76 -16.07
C PRO F 145 9.19 24.56 -17.07
N ASP F 146 9.45 23.84 -18.16
CA ASP F 146 8.42 23.62 -19.19
C ASP F 146 7.46 22.48 -18.84
N GLY F 147 7.69 21.80 -17.72
CA GLY F 147 6.84 20.69 -17.31
C GLY F 147 6.89 19.49 -18.25
N LYS F 148 7.91 19.44 -19.11
CA LYS F 148 8.04 18.39 -20.11
C LYS F 148 9.00 17.29 -19.65
N THR F 149 9.94 17.64 -18.78
CA THR F 149 10.88 16.67 -18.24
C THR F 149 10.80 16.67 -16.73
N LEU F 150 10.76 15.49 -16.15
CA LEU F 150 10.87 15.32 -14.72
C LEU F 150 12.25 14.75 -14.46
N LEU F 151 13.00 15.42 -13.60
CA LEU F 151 14.31 14.96 -13.16
C LEU F 151 14.18 14.41 -11.74
N PHE F 152 14.86 13.29 -11.48
CA PHE F 152 14.82 12.68 -10.16
C PHE F 152 16.21 12.21 -9.76
N TYR F 153 16.50 12.28 -8.48
CA TYR F 153 17.83 11.94 -7.95
C TYR F 153 17.97 10.43 -7.74
N GLN F 154 19.21 9.96 -7.83
CA GLN F 154 19.56 8.58 -7.54
C GLN F 154 20.87 8.55 -6.77
N PHE F 155 20.88 7.91 -5.61
CA PHE F 155 22.06 7.83 -4.75
C PHE F 155 22.85 6.54 -4.97
N SER F 156 22.17 5.47 -5.35
CA SER F 156 22.79 4.16 -5.49
C SER F 156 22.79 3.69 -6.95
N PRO F 157 23.89 3.06 -7.41
CA PRO F 157 25.15 2.85 -6.69
C PRO F 157 26.03 4.10 -6.53
N ALA F 158 25.64 5.20 -7.15
CA ALA F 158 26.32 6.48 -6.96
C ALA F 158 25.36 7.62 -7.29
N PRO F 159 25.65 8.82 -6.77
CA PRO F 159 24.85 9.95 -7.18
C PRO F 159 24.62 9.95 -8.69
N ALA F 160 23.36 10.00 -9.09
CA ALA F 160 23.01 10.11 -10.49
C ALA F 160 21.68 10.82 -10.60
N VAL F 161 21.34 11.28 -11.80
CA VAL F 161 20.11 12.01 -12.01
C VAL F 161 19.40 11.43 -13.22
N GLY F 162 18.21 10.89 -12.99
CA GLY F 162 17.43 10.27 -14.04
C GLY F 162 16.55 11.28 -14.76
N VAL F 163 16.47 11.15 -16.08
CA VAL F 163 15.70 12.04 -16.94
C VAL F 163 14.44 11.35 -17.44
N VAL F 164 13.28 11.94 -17.20
CA VAL F 164 12.00 11.36 -17.64
C VAL F 164 11.25 12.33 -18.55
N ASP F 165 10.89 11.85 -19.74
CA ASP F 165 10.18 12.64 -20.75
C ASP F 165 8.66 12.54 -20.55
N LEU F 166 8.07 13.55 -19.93
CA LEU F 166 6.63 13.58 -19.66
C LEU F 166 5.78 13.76 -20.91
N GLU F 167 6.36 14.39 -21.93
CA GLU F 167 5.67 14.67 -23.18
C GLU F 167 5.46 13.38 -23.98
N GLY F 168 6.55 12.69 -24.30
CA GLY F 168 6.49 11.40 -24.99
C GLY F 168 6.20 10.22 -24.08
N LYS F 169 6.03 10.49 -22.77
CA LYS F 169 5.69 9.48 -21.78
C LYS F 169 6.61 8.26 -21.80
N ALA F 170 7.87 8.50 -21.49
CA ALA F 170 8.89 7.44 -21.41
C ALA F 170 10.14 7.96 -20.69
N PHE F 171 10.82 7.05 -20.00
CA PHE F 171 12.09 7.36 -19.35
C PHE F 171 13.18 7.49 -20.41
N LYS F 172 14.03 8.51 -20.28
CA LYS F 172 15.12 8.73 -21.23
C LYS F 172 16.40 8.01 -20.78
N ARG F 173 17.08 8.57 -19.78
CA ARG F 173 18.44 8.15 -19.43
C ARG F 173 18.80 8.48 -17.97
N MET F 174 19.90 7.91 -17.49
CA MET F 174 20.49 8.26 -16.21
C MET F 174 21.74 9.11 -16.43
N LEU F 175 21.88 10.19 -15.68
CA LEU F 175 23.04 11.09 -15.80
C LEU F 175 24.03 10.86 -14.66
N ASP F 176 25.26 10.46 -14.99
N ASP F 176 25.25 10.47 -15.00
CA ASP F 176 26.29 10.29 -13.98
CA ASP F 176 26.33 10.31 -14.03
C ASP F 176 26.83 11.66 -13.56
C ASP F 176 26.82 11.68 -13.57
N VAL F 177 26.79 11.90 -12.25
CA VAL F 177 27.19 13.19 -11.67
C VAL F 177 28.24 12.97 -10.58
N PRO F 178 28.85 14.06 -10.08
CA PRO F 178 29.83 13.89 -9.00
C PRO F 178 29.14 13.71 -7.64
N ASP F 179 29.93 13.73 -6.57
CA ASP F 179 29.38 13.53 -5.23
C ASP F 179 28.53 14.74 -4.83
N CYS F 180 27.35 14.85 -5.45
CA CYS F 180 26.47 16.00 -5.23
C CYS F 180 25.02 15.56 -5.01
N TYR F 181 24.21 16.51 -4.52
CA TYR F 181 22.89 16.20 -4.04
C TYR F 181 21.88 17.30 -4.40
N HIS F 182 20.60 16.92 -4.39
CA HIS F 182 19.49 17.77 -4.79
C HIS F 182 19.52 18.10 -6.27
N ILE F 183 18.38 18.56 -6.76
CA ILE F 183 18.19 18.88 -8.17
C ILE F 183 17.28 20.10 -8.21
N PHE F 184 17.84 21.21 -8.70
CA PHE F 184 17.09 22.43 -8.87
C PHE F 184 17.15 22.79 -10.35
N PRO F 185 16.16 22.33 -11.13
CA PRO F 185 16.14 22.61 -12.56
C PRO F 185 16.03 24.10 -12.87
N THR F 186 16.75 24.50 -13.90
CA THR F 186 16.87 25.90 -14.27
C THR F 186 16.41 26.06 -15.71
N ALA F 187 17.03 25.29 -16.60
CA ALA F 187 16.60 25.17 -17.99
C ALA F 187 15.93 23.79 -18.23
N PRO F 188 15.31 23.60 -19.42
CA PRO F 188 14.79 22.27 -19.77
C PRO F 188 15.87 21.19 -19.90
N ASP F 189 17.13 21.60 -20.05
CA ASP F 189 18.25 20.67 -20.16
C ASP F 189 19.33 20.92 -19.10
N THR F 190 18.98 21.63 -18.02
CA THR F 190 19.97 22.02 -17.01
C THR F 190 19.39 22.01 -15.61
N PHE F 191 20.23 21.68 -14.64
CA PHE F 191 19.87 21.73 -13.23
C PHE F 191 21.12 21.82 -12.39
N PHE F 192 20.97 22.33 -11.18
CA PHE F 192 22.09 22.40 -10.24
C PHE F 192 21.92 21.38 -9.13
N MET F 193 23.05 20.93 -8.60
CA MET F 193 23.10 20.08 -7.43
C MET F 193 23.99 20.78 -6.39
N HIS F 194 24.00 20.23 -5.18
CA HIS F 194 24.90 20.72 -4.15
C HIS F 194 25.87 19.62 -3.80
N CYS F 195 27.16 19.95 -3.82
CA CYS F 195 28.20 18.95 -3.71
C CYS F 195 28.80 18.88 -2.32
N ARG F 196 29.33 17.70 -1.99
CA ARG F 196 30.01 17.47 -0.72
C ARG F 196 31.11 18.51 -0.44
N ASP F 197 31.94 18.80 -1.44
CA ASP F 197 33.09 19.69 -1.26
C ASP F 197 32.69 21.14 -0.91
N GLY F 198 31.39 21.41 -0.85
CA GLY F 198 30.88 22.71 -0.46
C GLY F 198 30.48 23.53 -1.67
N SER F 199 30.59 22.94 -2.86
CA SER F 199 30.26 23.61 -4.11
C SER F 199 28.87 23.20 -4.59
N LEU F 200 28.31 24.01 -5.49
CA LEU F 200 27.16 23.60 -6.28
C LEU F 200 27.72 23.11 -7.60
N ALA F 201 27.17 22.01 -8.10
CA ALA F 201 27.50 21.53 -9.43
C ALA F 201 26.40 21.99 -10.39
N LYS F 202 26.80 22.36 -11.60
CA LYS F 202 25.86 22.66 -12.68
C LYS F 202 25.91 21.47 -13.62
N VAL F 203 24.75 21.04 -14.10
CA VAL F 203 24.67 19.85 -14.96
C VAL F 203 23.83 20.13 -16.20
N ALA F 204 24.49 20.16 -17.36
CA ALA F 204 23.82 20.30 -18.64
C ALA F 204 23.77 18.94 -19.33
N PHE F 205 22.58 18.53 -19.75
CA PHE F 205 22.37 17.18 -20.27
C PHE F 205 21.56 17.18 -21.56
N GLY F 206 22.05 16.42 -22.54
CA GLY F 206 21.28 16.14 -23.76
C GLY F 206 20.68 14.74 -23.69
N THR F 207 20.27 14.22 -24.85
CA THR F 207 19.68 12.89 -24.96
C THR F 207 20.75 11.79 -24.92
N GLU F 208 22.01 12.19 -25.10
CA GLU F 208 23.15 11.28 -24.97
C GLU F 208 24.44 12.10 -24.90
N GLY F 209 25.43 11.57 -24.20
CA GLY F 209 26.71 12.24 -24.02
C GLY F 209 26.99 12.40 -22.54
N THR F 210 28.28 12.44 -22.19
CA THR F 210 28.67 12.79 -20.84
C THR F 210 28.16 14.22 -20.60
N PRO F 211 27.32 14.42 -19.57
CA PRO F 211 26.81 15.78 -19.33
C PRO F 211 27.93 16.77 -18.96
N GLU F 212 27.74 18.04 -19.33
CA GLU F 212 28.71 19.09 -19.04
C GLU F 212 28.59 19.51 -17.59
N ILE F 213 29.49 19.02 -16.74
CA ILE F 213 29.41 19.22 -15.30
C ILE F 213 30.45 20.21 -14.79
N THR F 214 29.97 21.34 -14.28
CA THR F 214 30.80 22.46 -13.83
C THR F 214 30.52 22.78 -12.36
N HIS F 215 31.58 23.01 -11.57
CA HIS F 215 31.46 23.33 -10.14
C HIS F 215 31.61 24.81 -9.88
N THR F 216 30.83 25.31 -8.93
CA THR F 216 30.99 26.68 -8.42
C THR F 216 32.16 26.68 -7.46
N GLU F 217 32.46 27.85 -6.88
CA GLU F 217 33.44 27.92 -5.82
C GLU F 217 32.79 27.39 -4.56
N VAL F 218 33.58 26.84 -3.65
CA VAL F 218 33.08 26.36 -2.36
C VAL F 218 32.53 27.55 -1.57
N PHE F 219 31.23 27.52 -1.26
CA PHE F 219 30.53 28.69 -0.74
C PHE F 219 30.16 28.60 0.74
N HIS F 220 30.78 27.67 1.46
CA HIS F 220 30.58 27.57 2.90
C HIS F 220 31.57 26.61 3.54
N PRO F 221 32.00 26.93 4.78
CA PRO F 221 32.89 26.06 5.56
C PRO F 221 32.34 24.64 5.64
N GLU F 222 33.24 23.66 5.72
CA GLU F 222 32.83 22.26 5.87
C GLU F 222 32.18 21.97 7.22
N ASP F 223 32.38 22.86 8.21
CA ASP F 223 31.70 22.76 9.51
C ASP F 223 30.46 23.67 9.61
N GLU F 224 29.96 24.12 8.46
CA GLU F 224 28.73 24.91 8.37
C GLU F 224 27.73 24.09 7.57
N PHE F 225 26.63 23.71 8.20
CA PHE F 225 25.77 22.64 7.67
C PHE F 225 24.48 23.14 7.03
N LEU F 226 24.41 23.01 5.71
CA LEU F 226 23.25 23.42 4.92
C LEU F 226 22.14 22.37 4.96
N ILE F 227 20.96 22.77 5.42
CA ILE F 227 19.86 21.84 5.69
C ILE F 227 19.38 21.11 4.43
N ASN F 228 18.61 20.05 4.64
CA ASN F 228 18.14 19.22 3.53
C ASN F 228 16.94 19.77 2.78
N HIS F 229 16.31 20.79 3.35
CA HIS F 229 15.10 21.36 2.75
C HIS F 229 15.24 22.83 2.38
N PRO F 230 16.07 23.12 1.36
CA PRO F 230 16.11 24.48 0.84
C PRO F 230 14.81 24.82 0.13
N ALA F 231 14.46 26.10 0.09
CA ALA F 231 13.34 26.56 -0.71
C ALA F 231 13.92 27.00 -2.05
N TYR F 232 13.38 26.43 -3.13
CA TYR F 232 13.80 26.81 -4.47
C TYR F 232 12.61 27.38 -5.23
N SER F 233 12.68 28.66 -5.56
CA SER F 233 11.68 29.27 -6.43
C SER F 233 12.22 29.21 -7.84
N GLN F 234 11.65 28.30 -8.63
CA GLN F 234 12.14 27.98 -9.96
C GLN F 234 11.91 29.13 -10.92
N LYS F 235 10.78 29.81 -10.75
CA LYS F 235 10.43 30.93 -11.61
C LYS F 235 11.25 32.18 -11.28
N ALA F 236 11.84 32.22 -10.08
CA ALA F 236 12.74 33.29 -9.68
C ALA F 236 14.21 32.86 -9.68
N GLY F 237 14.46 31.57 -9.91
CA GLY F 237 15.82 31.03 -9.87
C GLY F 237 16.51 31.27 -8.53
N ARG F 238 15.73 31.32 -7.45
CA ARG F 238 16.23 31.67 -6.13
C ARG F 238 16.34 30.43 -5.27
N LEU F 239 17.55 30.11 -4.84
CA LEU F 239 17.80 28.97 -3.98
C LEU F 239 18.07 29.44 -2.56
N VAL F 240 17.06 29.33 -1.70
CA VAL F 240 17.18 29.78 -0.32
C VAL F 240 17.60 28.61 0.57
N TRP F 241 18.87 28.57 0.96
CA TRP F 241 19.44 27.45 1.70
C TRP F 241 19.89 27.86 3.12
N PRO F 242 19.11 27.50 4.14
CA PRO F 242 19.51 27.79 5.53
C PRO F 242 20.59 26.87 6.06
N THR F 243 21.41 27.38 6.98
CA THR F 243 22.33 26.55 7.78
C THR F 243 21.65 26.23 9.11
N TYR F 244 22.21 25.27 9.83
CA TYR F 244 21.70 24.90 11.15
C TYR F 244 21.54 26.10 12.09
N THR F 245 22.38 27.12 11.90
CA THR F 245 22.36 28.29 12.79
C THR F 245 21.38 29.40 12.38
N GLY F 246 20.62 29.17 11.30
CA GLY F 246 19.68 30.17 10.81
C GLY F 246 20.34 31.18 9.87
N LYS F 247 21.66 31.10 9.75
CA LYS F 247 22.36 31.77 8.67
C LYS F 247 21.84 31.17 7.38
N ILE F 248 21.52 32.03 6.42
CA ILE F 248 20.88 31.59 5.19
C ILE F 248 21.70 31.94 3.96
N HIS F 249 22.09 30.90 3.22
CA HIS F 249 22.74 31.04 1.93
C HIS F 249 21.68 31.17 0.84
N GLN F 250 21.70 32.31 0.16
CA GLN F 250 20.85 32.52 -1.02
C GLN F 250 21.71 32.43 -2.26
N ILE F 251 21.34 31.54 -3.18
CA ILE F 251 22.04 31.44 -4.46
C ILE F 251 21.06 31.83 -5.57
N ASP F 252 21.47 32.78 -6.41
CA ASP F 252 20.67 33.17 -7.56
C ASP F 252 21.10 32.38 -8.79
N LEU F 253 20.14 31.69 -9.40
CA LEU F 253 20.39 30.85 -10.57
C LEU F 253 19.65 31.34 -11.82
N SER F 254 19.07 32.54 -11.76
CA SER F 254 18.22 33.07 -12.85
C SER F 254 18.98 33.33 -14.15
N SER F 255 20.27 33.63 -14.06
CA SER F 255 21.11 33.83 -15.23
C SER F 255 21.55 32.51 -15.88
N GLY F 256 21.13 31.38 -15.31
CA GLY F 256 21.62 30.08 -15.74
C GLY F 256 22.93 29.70 -15.07
N ASP F 257 23.47 30.62 -14.28
CA ASP F 257 24.69 30.36 -13.50
C ASP F 257 24.53 30.86 -12.08
N ALA F 258 25.23 30.19 -11.16
CA ALA F 258 25.13 30.49 -9.74
C ALA F 258 25.90 31.74 -9.38
N LYS F 259 25.18 32.77 -8.95
CA LYS F 259 25.81 33.91 -8.31
C LYS F 259 25.28 33.95 -6.88
N PHE F 260 26.20 34.07 -5.92
CA PHE F 260 25.89 33.97 -4.50
C PHE F 260 25.52 35.32 -3.92
N LEU F 261 24.52 35.33 -3.04
CA LEU F 261 24.00 36.56 -2.46
C LEU F 261 24.63 36.82 -1.10
N PRO F 262 24.44 38.04 -0.58
CA PRO F 262 24.92 38.29 0.77
C PRO F 262 24.15 37.43 1.77
N ALA F 263 24.89 36.70 2.59
CA ALA F 263 24.29 35.82 3.59
C ALA F 263 23.53 36.63 4.65
N VAL F 264 22.38 36.12 5.06
CA VAL F 264 21.56 36.77 6.08
C VAL F 264 21.36 35.86 7.27
N GLU F 265 21.29 36.46 8.46
CA GLU F 265 21.06 35.73 9.69
C GLU F 265 19.59 35.82 10.02
N ALA F 266 18.92 34.68 10.09
CA ALA F 266 17.50 34.62 10.43
C ALA F 266 17.26 35.04 11.89
N LEU F 267 18.28 34.88 12.72
CA LEU F 267 18.20 35.14 14.15
C LEU F 267 19.23 36.16 14.60
N THR F 268 18.89 36.94 15.62
CA THR F 268 19.80 37.91 16.20
C THR F 268 20.87 37.21 17.03
N GLU F 269 21.97 37.91 17.28
CA GLU F 269 23.10 37.37 18.05
C GLU F 269 22.70 37.03 19.48
N ALA F 270 21.85 37.87 20.06
CA ALA F 270 21.30 37.64 21.40
C ALA F 270 20.43 36.38 21.41
N GLU F 271 19.61 36.19 20.37
CA GLU F 271 18.78 34.98 20.23
C GLU F 271 19.62 33.73 20.07
N ARG F 272 20.77 33.87 19.41
CA ARG F 272 21.67 32.74 19.15
C ARG F 272 22.46 32.35 20.40
N ALA F 273 22.62 33.30 21.33
CA ALA F 273 23.22 33.00 22.64
C ALA F 273 22.17 32.40 23.59
N ASP F 274 20.91 32.80 23.42
CA ASP F 274 19.79 32.24 24.17
C ASP F 274 19.33 30.88 23.60
N GLY F 275 19.95 30.44 22.50
CA GLY F 275 19.76 29.09 21.97
C GLY F 275 18.69 28.97 20.90
N TRP F 276 18.33 30.08 20.25
CA TRP F 276 17.37 30.04 19.15
C TRP F 276 18.04 29.52 17.89
N ARG F 277 17.31 28.69 17.15
CA ARG F 277 17.84 28.00 15.98
C ARG F 277 16.69 27.57 15.10
N PRO F 278 16.92 27.48 13.78
CA PRO F 278 15.88 26.88 12.93
C PRO F 278 15.68 25.39 13.23
N GLY F 279 14.47 24.91 13.00
CA GLY F 279 14.17 23.51 13.20
C GLY F 279 12.85 23.07 12.60
N GLY F 280 12.82 21.81 12.18
CA GLY F 280 11.66 21.25 11.51
C GLY F 280 12.04 20.51 10.24
N TRP F 281 11.08 20.42 9.33
CA TRP F 281 11.25 19.66 8.10
C TRP F 281 11.53 20.66 6.99
N GLN F 282 10.49 21.07 6.24
CA GLN F 282 10.62 22.21 5.35
C GLN F 282 10.74 23.45 6.21
N GLN F 283 11.98 23.73 6.65
CA GLN F 283 12.20 24.78 7.64
C GLN F 283 11.99 26.15 7.03
N VAL F 284 12.28 26.30 5.75
CA VAL F 284 12.26 27.60 5.10
C VAL F 284 11.27 27.65 3.93
N ALA F 285 10.64 28.81 3.78
CA ALA F 285 9.75 29.08 2.66
C ALA F 285 10.12 30.42 2.03
N TYR F 286 9.87 30.53 0.73
CA TYR F 286 10.16 31.75 0.01
C TYR F 286 8.96 32.19 -0.80
N HIS F 287 8.52 33.43 -0.58
CA HIS F 287 7.50 34.05 -1.42
C HIS F 287 8.18 34.85 -2.51
N ARG F 288 7.84 34.54 -3.75
CA ARG F 288 8.51 35.13 -4.91
C ARG F 288 8.19 36.61 -5.07
N ALA F 289 6.90 36.94 -5.10
CA ALA F 289 6.46 38.32 -5.33
C ALA F 289 6.97 39.28 -4.27
N LEU F 290 7.03 38.82 -3.02
CA LEU F 290 7.34 39.67 -1.86
C LEU F 290 8.82 39.60 -1.46
N ASP F 291 9.53 38.61 -1.98
CA ASP F 291 10.96 38.41 -1.70
C ASP F 291 11.18 38.27 -0.20
N ARG F 292 10.31 37.51 0.45
CA ARG F 292 10.37 37.27 1.87
C ARG F 292 10.80 35.85 2.13
N ILE F 293 11.68 35.70 3.11
CA ILE F 293 12.07 34.38 3.59
C ILE F 293 11.32 34.12 4.88
N TYR F 294 10.71 32.94 4.95
CA TYR F 294 9.99 32.50 6.12
C TYR F 294 10.76 31.31 6.68
N LEU F 295 11.02 31.31 7.99
CA LEU F 295 11.82 30.26 8.63
C LEU F 295 11.22 29.78 9.94
N LEU F 296 11.10 28.47 10.08
CA LEU F 296 10.68 27.86 11.34
C LEU F 296 11.82 27.91 12.32
N VAL F 297 11.63 28.62 13.43
CA VAL F 297 12.66 28.74 14.46
C VAL F 297 12.06 28.57 15.85
N ASP F 298 12.90 28.19 16.79
CA ASP F 298 12.51 28.06 18.17
C ASP F 298 13.77 28.05 19.03
N GLN F 299 13.61 28.02 20.34
CA GLN F 299 14.72 27.79 21.25
C GLN F 299 14.96 26.28 21.30
N ARG F 300 16.17 25.86 20.95
CA ARG F 300 16.50 24.44 20.88
C ARG F 300 17.99 24.19 21.01
N ASP F 301 18.35 22.95 21.36
CA ASP F 301 19.73 22.51 21.36
C ASP F 301 20.20 22.37 19.91
N GLU F 302 21.51 22.47 19.70
CA GLU F 302 22.07 22.44 18.36
C GLU F 302 21.69 21.20 17.53
N TRP F 303 21.50 20.07 18.20
CA TRP F 303 21.23 18.80 17.51
C TRP F 303 19.76 18.36 17.56
N ARG F 304 18.86 19.31 17.83
CA ARG F 304 17.43 19.06 17.73
C ARG F 304 16.87 19.80 16.52
N HIS F 305 17.57 19.68 15.39
CA HIS F 305 17.30 20.50 14.21
C HIS F 305 16.16 20.00 13.32
N LYS F 306 15.64 18.80 13.59
CA LYS F 306 14.49 18.27 12.86
C LYS F 306 13.21 18.31 13.67
N THR F 307 13.28 18.82 14.90
CA THR F 307 12.09 18.92 15.74
C THR F 307 11.25 20.11 15.29
N ALA F 308 9.96 20.04 15.58
CA ALA F 308 9.03 21.10 15.19
C ALA F 308 9.40 22.42 15.84
N SER F 309 8.92 23.51 15.24
CA SER F 309 9.11 24.85 15.78
C SER F 309 7.77 25.54 15.95
N ARG F 310 7.72 26.54 16.84
CA ARG F 310 6.50 27.26 17.13
C ARG F 310 6.49 28.69 16.61
N PHE F 311 7.62 29.14 16.08
CA PHE F 311 7.75 30.51 15.61
C PHE F 311 8.18 30.54 14.16
N VAL F 312 7.64 31.49 13.43
CA VAL F 312 8.09 31.77 12.09
C VAL F 312 8.63 33.19 12.10
N VAL F 313 9.94 33.33 11.85
CA VAL F 313 10.51 34.64 11.58
C VAL F 313 10.38 34.91 10.08
N VAL F 314 9.80 36.07 9.76
CA VAL F 314 9.71 36.53 8.39
C VAL F 314 10.75 37.62 8.22
N LEU F 315 11.63 37.47 7.25
CA LEU F 315 12.66 38.47 7.00
C LEU F 315 12.76 38.81 5.52
N ASP F 316 13.03 40.08 5.24
CA ASP F 316 13.27 40.56 3.91
C ASP F 316 14.53 39.89 3.37
N ALA F 317 14.41 39.25 2.21
CA ALA F 317 15.54 38.53 1.60
C ALA F 317 16.65 39.44 1.08
N LYS F 318 16.32 40.69 0.73
CA LYS F 318 17.34 41.65 0.30
C LYS F 318 18.19 42.08 1.50
N THR F 319 17.51 42.61 2.51
CA THR F 319 18.17 43.30 3.62
C THR F 319 18.58 42.36 4.75
N GLY F 320 17.86 41.25 4.90
CA GLY F 320 18.01 40.38 6.08
C GLY F 320 17.20 40.89 7.26
N GLU F 321 16.46 41.98 7.05
CA GLU F 321 15.70 42.63 8.12
C GLU F 321 14.50 41.80 8.52
N ARG F 322 14.33 41.58 9.81
CA ARG F 322 13.16 40.88 10.31
C ARG F 322 11.91 41.73 10.12
N LEU F 323 10.87 41.14 9.55
CA LEU F 323 9.59 41.84 9.34
C LEU F 323 8.56 41.43 10.37
N ALA F 324 8.63 40.18 10.81
CA ALA F 324 7.73 39.67 11.83
C ALA F 324 8.31 38.43 12.48
N LYS F 325 7.91 38.17 13.71
CA LYS F 325 8.20 36.91 14.38
C LYS F 325 6.87 36.35 14.86
N PHE F 326 6.24 35.52 14.03
CA PHE F 326 4.92 34.99 14.36
C PHE F 326 5.00 33.90 15.40
N GLU F 327 4.11 33.99 16.39
CA GLU F 327 3.88 32.92 17.34
C GLU F 327 2.71 32.09 16.78
N MET F 328 3.07 30.94 16.19
CA MET F 328 2.11 30.15 15.43
C MET F 328 1.07 29.46 16.31
N GLY F 329 1.40 29.27 17.58
CA GLY F 329 0.49 28.63 18.52
C GLY F 329 0.36 27.14 18.29
N HIS F 330 1.25 26.57 17.47
CA HIS F 330 1.23 25.15 17.15
C HIS F 330 2.63 24.63 16.84
N GLU F 331 2.79 23.32 16.96
CA GLU F 331 4.05 22.66 16.65
C GLU F 331 4.15 22.50 15.15
N ILE F 332 4.85 23.42 14.50
CA ILE F 332 4.91 23.42 13.04
C ILE F 332 6.21 22.83 12.53
N ASP F 333 6.11 21.82 11.68
CA ASP F 333 7.27 21.11 11.15
C ASP F 333 7.66 21.65 9.78
N SER F 334 6.65 22.05 9.01
CA SER F 334 6.90 22.55 7.67
C SER F 334 6.09 23.79 7.43
N ILE F 335 6.70 24.75 6.75
CA ILE F 335 6.01 25.95 6.32
C ILE F 335 6.15 26.06 4.83
N ASN F 336 5.22 26.77 4.23
CA ASN F 336 5.24 27.07 2.81
C ASN F 336 4.24 28.19 2.62
N VAL F 337 4.26 28.80 1.44
CA VAL F 337 3.36 29.90 1.16
C VAL F 337 2.74 29.70 -0.22
N SER F 338 1.49 30.12 -0.36
CA SER F 338 0.91 30.29 -1.68
C SER F 338 1.51 31.57 -2.27
N GLN F 339 1.84 31.52 -3.55
CA GLN F 339 2.57 32.58 -4.23
C GLN F 339 1.69 33.71 -4.77
N ASP F 340 0.39 33.66 -4.47
CA ASP F 340 -0.50 34.80 -4.74
C ASP F 340 -0.16 35.96 -3.80
N GLU F 341 -0.60 37.15 -4.15
CA GLU F 341 -0.41 38.32 -3.26
C GLU F 341 -1.39 38.21 -2.09
N LYS F 342 -1.12 38.98 -1.03
CA LYS F 342 -1.77 38.75 0.26
C LYS F 342 -1.76 37.25 0.53
N PRO F 343 -0.56 36.65 0.59
CA PRO F 343 -0.42 35.21 0.57
C PRO F 343 -0.88 34.56 1.85
N LEU F 344 -1.28 33.29 1.75
CA LEU F 344 -1.51 32.47 2.91
C LEU F 344 -0.19 31.91 3.38
N LEU F 345 -0.03 31.79 4.70
CA LEU F 345 1.08 31.06 5.29
C LEU F 345 0.56 29.70 5.71
N TYR F 346 1.13 28.66 5.11
CA TYR F 346 0.75 27.30 5.41
C TYR F 346 1.68 26.78 6.48
N ALA F 347 1.12 26.13 7.49
CA ALA F 347 1.89 25.60 8.60
C ALA F 347 1.46 24.16 8.82
N LEU F 348 2.30 23.22 8.37
CA LEU F 348 1.98 21.82 8.47
C LEU F 348 2.54 21.20 9.74
N SER F 349 1.65 20.85 10.66
CA SER F 349 2.03 20.08 11.84
C SER F 349 1.95 18.59 11.50
N THR F 350 3.12 17.96 11.42
CA THR F 350 3.22 16.52 11.25
C THR F 350 2.61 15.82 12.46
N GLY F 351 2.84 16.40 13.63
CA GLY F 351 2.29 15.89 14.88
C GLY F 351 0.79 15.96 14.87
N ASP F 352 0.24 17.15 14.62
CA ASP F 352 -1.22 17.35 14.61
C ASP F 352 -1.88 16.82 13.33
N LYS F 353 -1.09 16.42 12.34
CA LYS F 353 -1.62 15.97 11.06
C LYS F 353 -2.56 17.01 10.44
N THR F 354 -2.22 18.27 10.68
CA THR F 354 -3.11 19.39 10.38
C THR F 354 -2.39 20.47 9.61
N LEU F 355 -3.01 20.93 8.53
CA LEU F 355 -2.53 22.12 7.84
C LEU F 355 -3.19 23.31 8.51
N TYR F 356 -2.38 24.14 9.14
CA TYR F 356 -2.85 25.38 9.71
C TYR F 356 -2.65 26.46 8.68
N ILE F 357 -3.74 27.08 8.26
CA ILE F 357 -3.73 28.09 7.22
C ILE F 357 -3.72 29.46 7.88
N HIS F 358 -2.62 30.18 7.70
CA HIS F 358 -2.41 31.46 8.37
C HIS F 358 -2.44 32.62 7.39
N ASP F 359 -2.87 33.77 7.89
CA ASP F 359 -2.63 35.03 7.19
C ASP F 359 -1.14 35.29 7.36
N ALA F 360 -0.42 35.31 6.25
CA ALA F 360 1.03 35.50 6.28
C ALA F 360 1.45 36.92 6.66
N GLU F 361 0.48 37.84 6.72
CA GLU F 361 0.76 39.19 7.18
C GLU F 361 0.71 39.27 8.71
N SER F 362 -0.45 38.98 9.29
CA SER F 362 -0.63 39.09 10.75
C SER F 362 -0.16 37.84 11.47
N GLY F 363 -0.08 36.71 10.75
CA GLY F 363 0.23 35.43 11.35
C GLY F 363 -0.98 34.82 12.04
N GLU F 364 -2.15 35.45 11.96
CA GLU F 364 -3.37 34.89 12.53
C GLU F 364 -3.69 33.57 11.83
N GLU F 365 -4.03 32.56 12.63
CA GLU F 365 -4.55 31.31 12.09
C GLU F 365 -5.94 31.62 11.53
N LEU F 366 -6.08 31.52 10.21
CA LEU F 366 -7.34 31.85 9.55
C LEU F 366 -8.31 30.67 9.62
N ARG F 367 -7.79 29.49 9.33
CA ARG F 367 -8.55 28.25 9.34
C ARG F 367 -7.58 27.09 9.32
N SER F 368 -8.10 25.86 9.35
CA SER F 368 -7.24 24.68 9.34
C SER F 368 -7.93 23.48 8.72
N VAL F 369 -7.13 22.66 8.05
CA VAL F 369 -7.57 21.43 7.44
C VAL F 369 -6.87 20.31 8.18
N ASN F 370 -7.61 19.59 9.02
CA ASN F 370 -7.03 18.54 9.85
C ASN F 370 -7.09 17.19 9.12
N GLN F 371 -6.73 16.12 9.84
CA GLN F 371 -6.83 14.75 9.34
C GLN F 371 -6.15 14.56 7.99
N LEU F 372 -4.97 15.14 7.84
CA LEU F 372 -4.21 15.05 6.59
C LEU F 372 -3.20 13.94 6.66
N GLY F 373 -3.70 12.73 6.91
CA GLY F 373 -2.89 11.53 6.87
C GLY F 373 -2.29 11.14 8.21
N HIS F 374 -1.05 10.68 8.17
CA HIS F 374 -0.40 10.02 9.30
C HIS F 374 0.80 10.78 9.81
N GLY F 375 1.59 11.30 8.88
CA GLY F 375 2.73 12.14 9.19
C GLY F 375 3.00 13.08 8.04
N PRO F 376 2.08 14.01 7.78
CA PRO F 376 2.23 14.90 6.64
C PRO F 376 3.42 15.82 6.85
N GLN F 377 4.30 15.85 5.85
CA GLN F 377 5.57 16.56 5.95
C GLN F 377 5.76 17.63 4.89
N VAL F 378 5.35 17.35 3.66
CA VAL F 378 5.66 18.23 2.53
C VAL F 378 4.44 19.03 2.06
N ILE F 379 4.58 20.35 2.04
CA ILE F 379 3.58 21.24 1.49
C ILE F 379 4.06 21.63 0.09
N THR F 380 3.18 21.63 -0.88
CA THR F 380 3.53 22.05 -2.23
C THR F 380 2.42 22.95 -2.77
N THR F 381 2.84 24.04 -3.41
CA THR F 381 1.92 25.01 -4.00
C THR F 381 2.34 25.32 -5.43
N ALA F 382 1.36 25.70 -6.24
CA ALA F 382 1.67 26.13 -7.59
C ALA F 382 2.10 27.59 -7.52
N ASP F 383 3.02 27.95 -8.40
CA ASP F 383 3.34 29.33 -8.62
C ASP F 383 2.68 29.71 -9.95
N MET F 384 1.44 30.17 -9.86
CA MET F 384 0.61 30.36 -11.04
C MET F 384 0.70 31.76 -11.61
N GLY F 385 0.99 32.75 -10.75
CA GLY F 385 0.94 34.15 -11.13
C GLY F 385 2.12 34.64 -11.94
CA CA G . -46.82 -5.10 -23.42
FE HEC H . -52.08 3.11 -30.36
CHA HEC H . -48.74 3.19 -29.53
CHB HEC H . -52.71 5.90 -28.42
CHC HEC H . -55.14 3.50 -31.91
CHD HEC H . -51.75 -0.06 -31.74
NA HEC H . -50.90 4.35 -29.16
C1A HEC H . -49.58 4.24 -28.92
C2A HEC H . -49.05 5.27 -27.99
C3A HEC H . -50.25 6.06 -27.66
C4A HEC H . -51.31 5.39 -28.42
CMA HEC H . -50.35 7.27 -26.75
CAA HEC H . -47.64 5.48 -27.47
CBA HEC H . -47.62 5.03 -25.99
CGA HEC H . -46.23 4.72 -25.44
O1A HEC H . -45.25 4.67 -26.22
O2A HEC H . -46.12 4.53 -24.21
NB HEC H . -53.65 4.48 -30.20
C1B HEC H . -53.78 5.52 -29.37
C2B HEC H . -55.04 6.30 -29.53
C3B HEC H . -55.76 5.57 -30.58
C4B HEC H . -54.78 4.50 -30.91
CMB HEC H . -55.47 7.54 -28.78
CAB HEC H . -57.08 5.79 -31.30
CBB HEC H . -56.99 7.14 -31.98
NC HEC H . -53.24 1.91 -31.62
C1C HEC H . -54.44 2.24 -32.13
C2C HEC H . -55.07 1.19 -32.94
C3C HEC H . -54.07 0.11 -32.94
C4C HEC H . -53.01 0.66 -32.04
CMC HEC H . -56.38 1.25 -33.65
CAC HEC H . -54.30 -1.24 -33.60
CBC HEC H . -53.50 -1.84 -34.76
ND HEC H . -50.49 1.79 -30.61
C1D HEC H . -50.52 0.56 -31.16
C2D HEC H . -49.20 -0.12 -31.19
C3D HEC H . -48.34 0.85 -30.52
C4D HEC H . -49.23 1.98 -30.24
CMD HEC H . -48.78 -1.47 -31.73
CAD HEC H . -46.85 0.77 -30.31
CBD HEC H . -46.35 1.43 -31.60
CGD HEC H . -44.95 1.97 -31.56
O1D HEC H . -44.47 2.36 -30.48
O2D HEC H . -44.33 2.01 -32.64
FE HEC I . -36.13 -2.67 -17.65
CHA HEC I . -38.29 -2.99 -20.31
CHB HEC I . -38.21 -4.53 -15.62
CHC HEC I . -33.59 -2.88 -15.33
CHD HEC I . -34.42 -0.17 -19.32
NA HEC I . -37.98 -3.60 -17.92
C1A HEC I . -38.68 -3.66 -19.05
C2A HEC I . -39.95 -4.42 -18.94
C3A HEC I . -39.94 -4.87 -17.53
C4A HEC I . -38.67 -4.31 -17.01
CMA HEC I . -40.98 -5.71 -16.83
CAA HEC I . -41.00 -4.68 -20.00
CBA HEC I . -42.36 -4.10 -19.57
CGA HEC I . -43.19 -3.65 -20.74
O1A HEC I . -44.03 -2.73 -20.52
O2A HEC I . -43.05 -4.19 -21.86
NB HEC I . -35.94 -3.54 -15.77
C1B HEC I . -36.85 -4.24 -15.10
C2B HEC I . -36.37 -4.77 -13.79
C3B HEC I . -34.99 -4.27 -13.72
C4B HEC I . -34.84 -3.57 -15.00
CMB HEC I . -37.12 -5.58 -12.78
CAB HEC I . -33.94 -4.46 -12.66
CBB HEC I . -33.59 -5.93 -12.64
NC HEC I . -34.31 -1.67 -17.35
C1C HEC I . -33.39 -1.90 -16.40
C2C HEC I . -32.19 -1.06 -16.45
C3C HEC I . -32.45 -0.26 -17.65
C4C HEC I . -33.78 -0.70 -18.10
CMC HEC I . -30.99 -1.03 -15.54
CAC HEC I . -31.60 0.84 -18.21
CBC HEC I . -30.17 0.38 -18.39
ND HEC I . -36.33 -1.72 -19.50
C1D HEC I . -35.56 -0.75 -20.02
C2D HEC I . -35.93 -0.33 -21.39
C3D HEC I . -37.08 -1.17 -21.69
C4D HEC I . -37.21 -2.00 -20.46
CMD HEC I . -35.30 0.73 -22.26
CAD HEC I . -37.90 -1.23 -22.95
CBD HEC I . -37.58 -2.58 -23.58
CGD HEC I . -37.20 -2.48 -25.03
O1D HEC I . -36.09 -2.01 -25.33
O2D HEC I . -38.02 -2.89 -25.87
C1 EDO J . -49.78 -10.82 -43.66
O1 EDO J . -49.12 -11.21 -42.44
C2 EDO J . -49.79 -9.30 -43.77
O2 EDO J . -50.86 -8.86 -44.61
C1 EDO K . -20.29 -11.85 -17.13
O1 EDO K . -20.10 -10.53 -17.63
C2 EDO K . -21.00 -12.71 -18.16
O2 EDO K . -22.25 -12.10 -18.53
CA CA L . 51.95 -7.80 0.03
FE HEC M . 57.37 -16.97 5.54
CHA HEC M . 53.96 -17.03 5.04
CHB HEC M . 56.93 -16.66 8.95
CHC HEC M . 60.65 -17.91 6.01
CHD HEC M . 57.92 -16.51 2.17
NA HEC M . 55.70 -16.86 6.79
C1A HEC M . 54.41 -16.89 6.43
C2A HEC M . 53.47 -16.74 7.57
C3A HEC M . 54.35 -16.62 8.73
C4A HEC M . 55.71 -16.69 8.12
CMA HEC M . 53.96 -16.45 10.18
CAA HEC M . 51.96 -16.69 7.55
CBA HEC M . 51.60 -15.20 7.71
CGA HEC M . 50.16 -14.90 7.33
O1A HEC M . 49.48 -15.75 6.71
O2A HEC M . 49.68 -13.80 7.67
NB HEC M . 58.59 -17.25 7.20
C1B HEC M . 58.28 -17.07 8.50
C2B HEC M . 59.39 -17.38 9.44
C3B HEC M . 60.50 -17.75 8.55
C4B HEC M . 59.86 -17.66 7.22
CMB HEC M . 59.37 -17.30 10.95
CAB HEC M . 61.91 -18.24 8.84
CBB HEC M . 61.77 -19.60 9.47
NC HEC M . 59.01 -17.18 4.28
C1C HEC M . 60.26 -17.55 4.63
C2C HEC M . 61.24 -17.55 3.53
C3C HEC M . 60.42 -17.14 2.37
C4C HEC M . 59.09 -16.90 2.98
CMC HEC M . 62.68 -17.91 3.56
CAC HEC M . 60.90 -16.90 0.96
CBC HEC M . 61.66 -18.08 0.40
ND HEC M . 56.13 -16.80 3.86
C1D HEC M . 56.50 -16.61 2.59
C2D HEC M . 55.36 -16.57 1.64
C3D HEC M . 54.18 -16.73 2.52
C4D HEC M . 54.80 -16.89 3.84
CMD HEC M . 55.36 -16.39 0.15
CAD HEC M . 52.72 -16.80 2.17
CBD HEC M . 52.51 -18.30 1.86
CGD HEC M . 51.09 -18.82 1.83
O1D HEC M . 50.12 -18.15 2.25
O2D HEC M . 50.93 -19.98 1.39
FE HEC N . 39.50 -6.28 1.60
CHA HEC N . 42.44 -7.88 0.74
CHB HEC N . 41.10 -3.23 1.72
CHC HEC N . 36.43 -4.75 1.68
CHD HEC N . 38.03 -9.31 2.30
NA HEC N . 41.46 -5.65 1.31
C1A HEC N . 42.51 -6.41 0.92
C2A HEC N . 43.79 -5.66 0.79
C3A HEC N . 43.39 -4.28 1.09
C4A HEC N . 41.94 -4.40 1.39
CMA HEC N . 44.26 -3.04 1.08
CAA HEC N . 45.16 -6.17 0.40
CBA HEC N . 45.98 -6.49 1.65
CGA HEC N . 47.21 -7.31 1.31
O1A HEC N . 48.04 -7.54 2.22
O2A HEC N . 47.37 -7.74 0.15
NB HEC N . 38.87 -4.31 1.72
C1B HEC N . 39.63 -3.20 1.75
C2B HEC N . 38.85 -1.93 1.78
C3B HEC N . 37.45 -2.42 1.77
C4B HEC N . 37.60 -3.87 1.69
CMB HEC N . 39.39 -0.53 1.84
CAB HEC N . 36.15 -1.65 1.75
CBB HEC N . 36.12 -0.84 0.47
NC HEC N . 37.56 -6.91 1.97
C1C HEC N . 36.43 -6.20 1.93
C2C HEC N . 35.18 -6.94 2.21
C3C HEC N . 35.68 -8.31 2.39
C4C HEC N . 37.14 -8.15 2.23
CMC HEC N . 33.76 -6.47 2.28
CAC HEC N . 34.90 -9.53 2.75
CBC HEC N . 33.68 -9.66 1.88
ND HEC N . 40.15 -8.27 1.56
C1D HEC N . 39.42 -9.35 1.85
C2D HEC N . 40.11 -10.64 1.68
C3D HEC N . 41.43 -10.22 1.21
C4D HEC N . 41.32 -8.74 1.13
CMD HEC N . 39.61 -12.04 1.92
CAD HEC N . 42.54 -11.13 0.80
CBD HEC N . 42.07 -11.53 -0.59
CGD HEC N . 43.04 -12.39 -1.33
O1D HEC N . 42.66 -13.51 -1.73
O2D HEC N . 44.19 -11.95 -1.53
C1 EDO O . 51.32 -9.33 20.49
O1 EDO O . 52.17 -8.41 21.18
C2 EDO O . 51.44 -10.72 21.12
O2 EDO O . 50.12 -11.20 21.44
P PO4 P . 42.57 11.12 27.94
O1 PO4 P . 41.70 9.90 27.70
O2 PO4 P . 41.76 12.17 28.66
O3 PO4 P . 43.06 11.67 26.63
O4 PO4 P . 43.76 10.73 28.80
C1 PGE Q . -37.68 -3.79 9.93
O1 PGE Q . -36.28 -4.06 9.89
C2 PGE Q . -37.98 -2.86 11.11
O2 PGE Q . -37.37 -1.58 10.87
C3 PGE Q . -38.24 -0.63 10.25
C4 PGE Q . -37.42 0.38 9.45
O4 PGE Q . -33.68 1.83 11.42
C6 PGE Q . -34.30 2.18 10.18
C5 PGE Q . -35.09 1.00 9.65
O3 PGE Q . -36.39 0.94 10.27
O1 MES R . 19.49 -20.64 19.48
C2 MES R . 20.45 -19.83 18.82
C3 MES R . 20.38 -20.06 17.31
N4 MES R . 19.00 -20.00 16.73
C5 MES R . 17.89 -20.35 17.67
C6 MES R . 18.18 -20.22 19.17
C7 MES R . 18.76 -18.69 16.08
C8 MES R . 18.82 -17.48 17.01
S MES R . 18.20 -16.13 16.24
O1S MES R . 19.02 -15.49 15.16
O2S MES R . 17.11 -15.33 16.88
O3S MES R . 19.05 -15.33 17.15
O1 MES S . -19.63 22.43 -15.87
C2 MES S . -20.12 21.09 -15.74
C3 MES S . -20.38 20.77 -14.27
N4 MES S . -19.78 21.82 -13.43
C5 MES S . -20.44 23.12 -13.69
C6 MES S . -20.46 23.37 -15.19
C7 MES S . -19.93 21.49 -12.00
C8 MES S . -18.81 20.55 -11.56
S MES S . -19.44 19.51 -10.40
O1S MES S . -19.18 19.81 -8.97
O2S MES S . -19.85 18.14 -10.83
O3S MES S . -18.09 18.91 -10.40
NA NA T . 22.46 34.02 -11.46
#